data_2FSX
# 
_entry.id   2FSX 
# 
_audit_conform.dict_name       mmcif_pdbx.dic 
_audit_conform.dict_version    5.387 
_audit_conform.dict_location   http://mmcif.pdb.org/dictionaries/ascii/mmcif_pdbx.dic 
# 
loop_
_database_2.database_id 
_database_2.database_code 
_database_2.pdbx_database_accession 
_database_2.pdbx_DOI 
PDB   2FSX         pdb_00002fsx 10.2210/pdb2fsx/pdb 
RCSB  RCSB036272   ?            ?                   
WWPDB D_1000036272 ?            ?                   
# 
loop_
_pdbx_audit_revision_history.ordinal 
_pdbx_audit_revision_history.data_content_type 
_pdbx_audit_revision_history.major_revision 
_pdbx_audit_revision_history.minor_revision 
_pdbx_audit_revision_history.revision_date 
1 'Structure model' 1 0 2006-02-07 
2 'Structure model' 1 1 2008-05-01 
3 'Structure model' 1 2 2011-07-13 
4 'Structure model' 1 3 2024-02-14 
# 
_pdbx_audit_revision_details.ordinal             1 
_pdbx_audit_revision_details.revision_ordinal    1 
_pdbx_audit_revision_details.data_content_type   'Structure model' 
_pdbx_audit_revision_details.provider            repository 
_pdbx_audit_revision_details.type                'Initial release' 
_pdbx_audit_revision_details.description         ? 
_pdbx_audit_revision_details.details             ? 
# 
loop_
_pdbx_audit_revision_group.ordinal 
_pdbx_audit_revision_group.revision_ordinal 
_pdbx_audit_revision_group.data_content_type 
_pdbx_audit_revision_group.group 
1 2 'Structure model' 'Version format compliance' 
2 3 'Structure model' Advisory                    
3 3 'Structure model' 'Source and taxonomy'       
4 3 'Structure model' 'Version format compliance' 
5 4 'Structure model' 'Data collection'           
6 4 'Structure model' 'Database references'       
7 4 'Structure model' 'Derived calculations'      
# 
loop_
_pdbx_audit_revision_category.ordinal 
_pdbx_audit_revision_category.revision_ordinal 
_pdbx_audit_revision_category.data_content_type 
_pdbx_audit_revision_category.category 
1 4 'Structure model' chem_comp_atom     
2 4 'Structure model' chem_comp_bond     
3 4 'Structure model' database_2         
4 4 'Structure model' struct_ref_seq_dif 
5 4 'Structure model' struct_site        
# 
loop_
_pdbx_audit_revision_item.ordinal 
_pdbx_audit_revision_item.revision_ordinal 
_pdbx_audit_revision_item.data_content_type 
_pdbx_audit_revision_item.item 
1 4 'Structure model' '_database_2.pdbx_DOI'                
2 4 'Structure model' '_database_2.pdbx_database_accession' 
3 4 'Structure model' '_struct_ref_seq_dif.details'         
4 4 'Structure model' '_struct_site.pdbx_auth_asym_id'      
5 4 'Structure model' '_struct_site.pdbx_auth_comp_id'      
6 4 'Structure model' '_struct_site.pdbx_auth_seq_id'       
# 
_pdbx_database_status.status_code                     REL 
_pdbx_database_status.entry_id                        2FSX 
_pdbx_database_status.recvd_initial_deposition_date   2006-01-23 
_pdbx_database_status.deposit_site                    RCSB 
_pdbx_database_status.process_site                    RCSB 
_pdbx_database_status.status_code_sf                  REL 
_pdbx_database_status.status_code_mr                  ? 
_pdbx_database_status.SG_entry                        Y 
_pdbx_database_status.pdb_format_compatible           Y 
_pdbx_database_status.status_code_cs                  ? 
_pdbx_database_status.status_code_nmr_data            ? 
_pdbx_database_status.methods_development_category    ? 
# 
_pdbx_database_related.db_name        TargetDB 
_pdbx_database_related.db_id          Rv0390 
_pdbx_database_related.details        . 
_pdbx_database_related.content_type   unspecified 
# 
loop_
_audit_author.name 
_audit_author.pdbx_ordinal 
'Bursey, E.H.'                              1  
'Radhakannan, T.'                           2  
'Yu, M.'                                    3  
'Segelke, B.W.'                             4  
'Lekin, T.'                                 5  
'Toppani, D.'                               6  
'Chang, Y.-B.'                              7  
'Kaviratne, T.'                             8  
'Woodruff, T.'                              9  
'Terwilliger, T.C.'                         10 
'Hung, L.-W.'                               11 
'TB Structural Genomics Consortium (TBSGC)' 12 
# 
_citation.id                        primary 
_citation.title                     'Crystal Structure of Rv0390 from Mycobacterium tuberculosis' 
_citation.journal_abbrev            'To be Published' 
_citation.journal_volume            ? 
_citation.page_first                ? 
_citation.page_last                 ? 
_citation.year                      ? 
_citation.journal_id_ASTM           ? 
_citation.country                   ? 
_citation.journal_id_ISSN           ? 
_citation.journal_id_CSD            0353 
_citation.book_publisher            ? 
_citation.pdbx_database_id_PubMed   ? 
_citation.pdbx_database_id_DOI      ? 
# 
loop_
_citation_author.citation_id 
_citation_author.name 
_citation_author.ordinal 
_citation_author.identifier_ORCID 
primary 'Bursey, E.H.'      1  ? 
primary 'Radhakannan, T.'   2  ? 
primary 'Yu, M.'            3  ? 
primary 'Segelke, B.W.'     4  ? 
primary 'Lekin, T.'         5  ? 
primary 'Toppani, D.'       6  ? 
primary 'Chang, Y.-B.'      7  ? 
primary 'Kaviratne, T.'     8  ? 
primary 'Woodruff, T.'      9  ? 
primary 'Terwilliger, T.C.' 10 ? 
primary 'Hung, L.-W.'       11 ? 
# 
loop_
_entity.id 
_entity.type 
_entity.src_method 
_entity.pdbx_description 
_entity.formula_weight 
_entity.pdbx_number_of_molecules 
_entity.pdbx_ec 
_entity.pdbx_mutation 
_entity.pdbx_fragment 
_entity.details 
1 polymer     man 'COG0607: Rhodanese-related sulfurtransferase' 16449.113 1   ? ? ? ? 
2 non-polymer syn 'BROMIDE ION'                                  79.904    10  ? ? ? ? 
3 non-polymer syn 'SULFATE ION'                                  96.063    1   ? ? ? ? 
4 water       nat water                                          18.015    123 ? ? ? ? 
# 
_entity_name_com.entity_id   1 
_entity_name_com.name        Rv0390 
# 
_entity_poly.entity_id                      1 
_entity_poly.type                           'polypeptide(L)' 
_entity_poly.nstd_linkage                   no 
_entity_poly.nstd_monomer                   no 
_entity_poly.pdbx_seq_one_letter_code       
;VSYAGDITPLQAWEMLSDNPRAVLVDVRCEAEWRFVGVPDLSSLGREVVYVEWATSDGTHNDNFLAELRDRIPADADQHE
RPVIFLCRSGNRSIGAAEVATEAGITPAYNVLDGFEGHLDAEGHRGATGWRAVGLPWRQGRSHHHHHH
;
_entity_poly.pdbx_seq_one_letter_code_can   
;VSYAGDITPLQAWEMLSDNPRAVLVDVRCEAEWRFVGVPDLSSLGREVVYVEWATSDGTHNDNFLAELRDRIPADADQHE
RPVIFLCRSGNRSIGAAEVATEAGITPAYNVLDGFEGHLDAEGHRGATGWRAVGLPWRQGRSHHHHHH
;
_entity_poly.pdbx_strand_id                 A 
_entity_poly.pdbx_target_identifier         Rv0390 
# 
loop_
_pdbx_entity_nonpoly.entity_id 
_pdbx_entity_nonpoly.name 
_pdbx_entity_nonpoly.comp_id 
2 'BROMIDE ION' BR  
3 'SULFATE ION' SO4 
4 water         HOH 
# 
loop_
_entity_poly_seq.entity_id 
_entity_poly_seq.num 
_entity_poly_seq.mon_id 
_entity_poly_seq.hetero 
1 1   VAL n 
1 2   SER n 
1 3   TYR n 
1 4   ALA n 
1 5   GLY n 
1 6   ASP n 
1 7   ILE n 
1 8   THR n 
1 9   PRO n 
1 10  LEU n 
1 11  GLN n 
1 12  ALA n 
1 13  TRP n 
1 14  GLU n 
1 15  MET n 
1 16  LEU n 
1 17  SER n 
1 18  ASP n 
1 19  ASN n 
1 20  PRO n 
1 21  ARG n 
1 22  ALA n 
1 23  VAL n 
1 24  LEU n 
1 25  VAL n 
1 26  ASP n 
1 27  VAL n 
1 28  ARG n 
1 29  CYS n 
1 30  GLU n 
1 31  ALA n 
1 32  GLU n 
1 33  TRP n 
1 34  ARG n 
1 35  PHE n 
1 36  VAL n 
1 37  GLY n 
1 38  VAL n 
1 39  PRO n 
1 40  ASP n 
1 41  LEU n 
1 42  SER n 
1 43  SER n 
1 44  LEU n 
1 45  GLY n 
1 46  ARG n 
1 47  GLU n 
1 48  VAL n 
1 49  VAL n 
1 50  TYR n 
1 51  VAL n 
1 52  GLU n 
1 53  TRP n 
1 54  ALA n 
1 55  THR n 
1 56  SER n 
1 57  ASP n 
1 58  GLY n 
1 59  THR n 
1 60  HIS n 
1 61  ASN n 
1 62  ASP n 
1 63  ASN n 
1 64  PHE n 
1 65  LEU n 
1 66  ALA n 
1 67  GLU n 
1 68  LEU n 
1 69  ARG n 
1 70  ASP n 
1 71  ARG n 
1 72  ILE n 
1 73  PRO n 
1 74  ALA n 
1 75  ASP n 
1 76  ALA n 
1 77  ASP n 
1 78  GLN n 
1 79  HIS n 
1 80  GLU n 
1 81  ARG n 
1 82  PRO n 
1 83  VAL n 
1 84  ILE n 
1 85  PHE n 
1 86  LEU n 
1 87  CYS n 
1 88  ARG n 
1 89  SER n 
1 90  GLY n 
1 91  ASN n 
1 92  ARG n 
1 93  SER n 
1 94  ILE n 
1 95  GLY n 
1 96  ALA n 
1 97  ALA n 
1 98  GLU n 
1 99  VAL n 
1 100 ALA n 
1 101 THR n 
1 102 GLU n 
1 103 ALA n 
1 104 GLY n 
1 105 ILE n 
1 106 THR n 
1 107 PRO n 
1 108 ALA n 
1 109 TYR n 
1 110 ASN n 
1 111 VAL n 
1 112 LEU n 
1 113 ASP n 
1 114 GLY n 
1 115 PHE n 
1 116 GLU n 
1 117 GLY n 
1 118 HIS n 
1 119 LEU n 
1 120 ASP n 
1 121 ALA n 
1 122 GLU n 
1 123 GLY n 
1 124 HIS n 
1 125 ARG n 
1 126 GLY n 
1 127 ALA n 
1 128 THR n 
1 129 GLY n 
1 130 TRP n 
1 131 ARG n 
1 132 ALA n 
1 133 VAL n 
1 134 GLY n 
1 135 LEU n 
1 136 PRO n 
1 137 TRP n 
1 138 ARG n 
1 139 GLN n 
1 140 GLY n 
1 141 ARG n 
1 142 SER n 
1 143 HIS n 
1 144 HIS n 
1 145 HIS n 
1 146 HIS n 
1 147 HIS n 
1 148 HIS n 
# 
_entity_src_gen.entity_id                          1 
_entity_src_gen.pdbx_src_id                        1 
_entity_src_gen.pdbx_alt_source_flag               sample 
_entity_src_gen.pdbx_seq_type                      ? 
_entity_src_gen.pdbx_beg_seq_num                   ? 
_entity_src_gen.pdbx_end_seq_num                   ? 
_entity_src_gen.gene_src_common_name               ? 
_entity_src_gen.gene_src_genus                     Mycobacterium 
_entity_src_gen.pdbx_gene_src_gene                 Rv0390 
_entity_src_gen.gene_src_species                   'Mycobacterium tuberculosis' 
_entity_src_gen.gene_src_strain                    F11 
_entity_src_gen.gene_src_tissue                    ? 
_entity_src_gen.gene_src_tissue_fraction           ? 
_entity_src_gen.gene_src_details                   ? 
_entity_src_gen.pdbx_gene_src_fragment             ? 
_entity_src_gen.pdbx_gene_src_scientific_name      'Mycobacterium tuberculosis' 
_entity_src_gen.pdbx_gene_src_ncbi_taxonomy_id     336982 
_entity_src_gen.pdbx_gene_src_variant              ? 
_entity_src_gen.pdbx_gene_src_cell_line            ? 
_entity_src_gen.pdbx_gene_src_atcc                 ? 
_entity_src_gen.pdbx_gene_src_organ                ? 
_entity_src_gen.pdbx_gene_src_organelle            ? 
_entity_src_gen.pdbx_gene_src_cell                 ? 
_entity_src_gen.pdbx_gene_src_cellular_location    ? 
_entity_src_gen.host_org_common_name               ? 
_entity_src_gen.pdbx_host_org_scientific_name      'Escherichia coli BL21(DE3)' 
_entity_src_gen.pdbx_host_org_ncbi_taxonomy_id     469008 
_entity_src_gen.host_org_genus                     Escherichia 
_entity_src_gen.pdbx_host_org_gene                 ? 
_entity_src_gen.pdbx_host_org_organ                ? 
_entity_src_gen.host_org_species                   'Escherichia coli' 
_entity_src_gen.pdbx_host_org_tissue               ? 
_entity_src_gen.pdbx_host_org_tissue_fraction      ? 
_entity_src_gen.pdbx_host_org_strain               'BL21(DE3)' 
_entity_src_gen.pdbx_host_org_variant              ? 
_entity_src_gen.pdbx_host_org_cell_line            ? 
_entity_src_gen.pdbx_host_org_atcc                 ? 
_entity_src_gen.pdbx_host_org_culture_collection   ? 
_entity_src_gen.pdbx_host_org_cell                 ? 
_entity_src_gen.pdbx_host_org_organelle            ? 
_entity_src_gen.pdbx_host_org_cellular_location    ? 
_entity_src_gen.pdbx_host_org_vector_type          custom 
_entity_src_gen.pdbx_host_org_vector               ? 
_entity_src_gen.host_org_details                   ? 
_entity_src_gen.expression_system_id               ? 
_entity_src_gen.plasmid_name                       ? 
_entity_src_gen.plasmid_details                    ? 
_entity_src_gen.pdbx_description                   ? 
# 
loop_
_chem_comp.id 
_chem_comp.type 
_chem_comp.mon_nstd_flag 
_chem_comp.name 
_chem_comp.pdbx_synonyms 
_chem_comp.formula 
_chem_comp.formula_weight 
ALA 'L-peptide linking' y ALANINE         ? 'C3 H7 N O2'     89.093  
ARG 'L-peptide linking' y ARGININE        ? 'C6 H15 N4 O2 1' 175.209 
ASN 'L-peptide linking' y ASPARAGINE      ? 'C4 H8 N2 O3'    132.118 
ASP 'L-peptide linking' y 'ASPARTIC ACID' ? 'C4 H7 N O4'     133.103 
BR  non-polymer         . 'BROMIDE ION'   ? 'Br -1'          79.904  
CYS 'L-peptide linking' y CYSTEINE        ? 'C3 H7 N O2 S'   121.158 
GLN 'L-peptide linking' y GLUTAMINE       ? 'C5 H10 N2 O3'   146.144 
GLU 'L-peptide linking' y 'GLUTAMIC ACID' ? 'C5 H9 N O4'     147.129 
GLY 'peptide linking'   y GLYCINE         ? 'C2 H5 N O2'     75.067  
HIS 'L-peptide linking' y HISTIDINE       ? 'C6 H10 N3 O2 1' 156.162 
HOH non-polymer         . WATER           ? 'H2 O'           18.015  
ILE 'L-peptide linking' y ISOLEUCINE      ? 'C6 H13 N O2'    131.173 
LEU 'L-peptide linking' y LEUCINE         ? 'C6 H13 N O2'    131.173 
MET 'L-peptide linking' y METHIONINE      ? 'C5 H11 N O2 S'  149.211 
PHE 'L-peptide linking' y PHENYLALANINE   ? 'C9 H11 N O2'    165.189 
PRO 'L-peptide linking' y PROLINE         ? 'C5 H9 N O2'     115.130 
SER 'L-peptide linking' y SERINE          ? 'C3 H7 N O3'     105.093 
SO4 non-polymer         . 'SULFATE ION'   ? 'O4 S -2'        96.063  
THR 'L-peptide linking' y THREONINE       ? 'C4 H9 N O3'     119.119 
TRP 'L-peptide linking' y TRYPTOPHAN      ? 'C11 H12 N2 O2'  204.225 
TYR 'L-peptide linking' y TYROSINE        ? 'C9 H11 N O3'    181.189 
VAL 'L-peptide linking' y VALINE          ? 'C5 H11 N O2'    117.146 
# 
loop_
_pdbx_poly_seq_scheme.asym_id 
_pdbx_poly_seq_scheme.entity_id 
_pdbx_poly_seq_scheme.seq_id 
_pdbx_poly_seq_scheme.mon_id 
_pdbx_poly_seq_scheme.ndb_seq_num 
_pdbx_poly_seq_scheme.pdb_seq_num 
_pdbx_poly_seq_scheme.auth_seq_num 
_pdbx_poly_seq_scheme.pdb_mon_id 
_pdbx_poly_seq_scheme.auth_mon_id 
_pdbx_poly_seq_scheme.pdb_strand_id 
_pdbx_poly_seq_scheme.pdb_ins_code 
_pdbx_poly_seq_scheme.hetero 
A 1 1   VAL 1   1   ?   ?   ?   A . n 
A 1 2   SER 2   2   2   SER SER A . n 
A 1 3   TYR 3   3   3   TYR TYR A . n 
A 1 4   ALA 4   4   4   ALA ALA A . n 
A 1 5   GLY 5   5   5   GLY GLY A . n 
A 1 6   ASP 6   6   6   ASP ASP A . n 
A 1 7   ILE 7   7   7   ILE ILE A . n 
A 1 8   THR 8   8   8   THR THR A . n 
A 1 9   PRO 9   9   9   PRO PRO A . n 
A 1 10  LEU 10  10  10  LEU LEU A . n 
A 1 11  GLN 11  11  11  GLN GLN A . n 
A 1 12  ALA 12  12  12  ALA ALA A . n 
A 1 13  TRP 13  13  13  TRP TRP A . n 
A 1 14  GLU 14  14  14  GLU GLU A . n 
A 1 15  MET 15  15  15  MET MET A . n 
A 1 16  LEU 16  16  16  LEU LEU A . n 
A 1 17  SER 17  17  17  SER SER A . n 
A 1 18  ASP 18  18  18  ASP ASP A . n 
A 1 19  ASN 19  19  19  ASN ASN A . n 
A 1 20  PRO 20  20  20  PRO PRO A . n 
A 1 21  ARG 21  21  21  ARG ARG A . n 
A 1 22  ALA 22  22  22  ALA ALA A . n 
A 1 23  VAL 23  23  23  VAL VAL A . n 
A 1 24  LEU 24  24  24  LEU LEU A . n 
A 1 25  VAL 25  25  25  VAL VAL A . n 
A 1 26  ASP 26  26  26  ASP ASP A . n 
A 1 27  VAL 27  27  27  VAL VAL A . n 
A 1 28  ARG 28  28  28  ARG ARG A . n 
A 1 29  CYS 29  29  29  CYS CYS A . n 
A 1 30  GLU 30  30  30  GLU GLU A . n 
A 1 31  ALA 31  31  31  ALA ALA A . n 
A 1 32  GLU 32  32  32  GLU GLU A . n 
A 1 33  TRP 33  33  33  TRP TRP A . n 
A 1 34  ARG 34  34  34  ARG ARG A . n 
A 1 35  PHE 35  35  35  PHE PHE A . n 
A 1 36  VAL 36  36  36  VAL VAL A . n 
A 1 37  GLY 37  37  37  GLY GLY A . n 
A 1 38  VAL 38  38  38  VAL VAL A . n 
A 1 39  PRO 39  39  39  PRO PRO A . n 
A 1 40  ASP 40  40  40  ASP ASP A . n 
A 1 41  LEU 41  41  41  LEU LEU A . n 
A 1 42  SER 42  42  42  SER SER A . n 
A 1 43  SER 43  43  43  SER SER A . n 
A 1 44  LEU 44  44  44  LEU LEU A . n 
A 1 45  GLY 45  45  45  GLY GLY A . n 
A 1 46  ARG 46  46  46  ARG ARG A . n 
A 1 47  GLU 47  47  47  GLU GLU A . n 
A 1 48  VAL 48  48  48  VAL VAL A . n 
A 1 49  VAL 49  49  49  VAL VAL A . n 
A 1 50  TYR 50  50  50  TYR TYR A . n 
A 1 51  VAL 51  51  51  VAL VAL A . n 
A 1 52  GLU 52  52  52  GLU GLU A . n 
A 1 53  TRP 53  53  53  TRP TRP A . n 
A 1 54  ALA 54  54  54  ALA ALA A . n 
A 1 55  THR 55  55  55  THR THR A . n 
A 1 56  SER 56  56  56  SER SER A . n 
A 1 57  ASP 57  57  57  ASP ASP A . n 
A 1 58  GLY 58  58  58  GLY GLY A . n 
A 1 59  THR 59  59  59  THR THR A . n 
A 1 60  HIS 60  60  60  HIS HIS A . n 
A 1 61  ASN 61  61  61  ASN ASN A . n 
A 1 62  ASP 62  62  62  ASP ASP A . n 
A 1 63  ASN 63  63  63  ASN ASN A . n 
A 1 64  PHE 64  64  64  PHE PHE A . n 
A 1 65  LEU 65  65  65  LEU LEU A . n 
A 1 66  ALA 66  66  66  ALA ALA A . n 
A 1 67  GLU 67  67  67  GLU GLU A . n 
A 1 68  LEU 68  68  68  LEU LEU A . n 
A 1 69  ARG 69  69  69  ARG ARG A . n 
A 1 70  ASP 70  70  70  ASP ASP A . n 
A 1 71  ARG 71  71  71  ARG ARG A . n 
A 1 72  ILE 72  72  72  ILE ILE A . n 
A 1 73  PRO 73  73  73  PRO PRO A . n 
A 1 74  ALA 74  74  ?   ?   ?   A . n 
A 1 75  ASP 75  75  ?   ?   ?   A . n 
A 1 76  ALA 76  76  ?   ?   ?   A . n 
A 1 77  ASP 77  77  ?   ?   ?   A . n 
A 1 78  GLN 78  78  ?   ?   ?   A . n 
A 1 79  HIS 79  79  ?   ?   ?   A . n 
A 1 80  GLU 80  80  ?   ?   ?   A . n 
A 1 81  ARG 81  81  81  ARG ARG A . n 
A 1 82  PRO 82  82  82  PRO PRO A . n 
A 1 83  VAL 83  83  83  VAL VAL A . n 
A 1 84  ILE 84  84  84  ILE ILE A . n 
A 1 85  PHE 85  85  85  PHE PHE A . n 
A 1 86  LEU 86  86  86  LEU LEU A . n 
A 1 87  CYS 87  87  87  CYS CYS A . n 
A 1 88  ARG 88  88  88  ARG ARG A . n 
A 1 89  SER 89  89  89  SER SER A . n 
A 1 90  GLY 90  90  90  GLY GLY A . n 
A 1 91  ASN 91  91  91  ASN ASN A . n 
A 1 92  ARG 92  92  92  ARG ARG A . n 
A 1 93  SER 93  93  93  SER SER A . n 
A 1 94  ILE 94  94  94  ILE ILE A . n 
A 1 95  GLY 95  95  95  GLY GLY A . n 
A 1 96  ALA 96  96  96  ALA ALA A . n 
A 1 97  ALA 97  97  97  ALA ALA A . n 
A 1 98  GLU 98  98  98  GLU GLU A . n 
A 1 99  VAL 99  99  99  VAL VAL A . n 
A 1 100 ALA 100 100 100 ALA ALA A . n 
A 1 101 THR 101 101 101 THR THR A . n 
A 1 102 GLU 102 102 102 GLU GLU A . n 
A 1 103 ALA 103 103 103 ALA ALA A . n 
A 1 104 GLY 104 104 104 GLY GLY A . n 
A 1 105 ILE 105 105 105 ILE ILE A . n 
A 1 106 THR 106 106 106 THR THR A . n 
A 1 107 PRO 107 107 107 PRO PRO A . n 
A 1 108 ALA 108 108 108 ALA ALA A . n 
A 1 109 TYR 109 109 109 TYR TYR A . n 
A 1 110 ASN 110 110 110 ASN ASN A . n 
A 1 111 VAL 111 111 111 VAL VAL A . n 
A 1 112 LEU 112 112 112 LEU LEU A . n 
A 1 113 ASP 113 113 113 ASP ASP A . n 
A 1 114 GLY 114 114 114 GLY GLY A . n 
A 1 115 PHE 115 115 115 PHE PHE A . n 
A 1 116 GLU 116 116 116 GLU GLU A . n 
A 1 117 GLY 117 117 117 GLY GLY A . n 
A 1 118 HIS 118 118 118 HIS HIS A . n 
A 1 119 LEU 119 119 119 LEU LEU A . n 
A 1 120 ASP 120 120 120 ASP ASP A . n 
A 1 121 ALA 121 121 121 ALA ALA A . n 
A 1 122 GLU 122 122 122 GLU GLU A . n 
A 1 123 GLY 123 123 123 GLY GLY A . n 
A 1 124 HIS 124 124 124 HIS HIS A . n 
A 1 125 ARG 125 125 125 ARG ARG A . n 
A 1 126 GLY 126 126 126 GLY GLY A . n 
A 1 127 ALA 127 127 127 ALA ALA A . n 
A 1 128 THR 128 128 128 THR THR A . n 
A 1 129 GLY 129 129 129 GLY GLY A . n 
A 1 130 TRP 130 130 130 TRP TRP A . n 
A 1 131 ARG 131 131 131 ARG ARG A . n 
A 1 132 ALA 132 132 132 ALA ALA A . n 
A 1 133 VAL 133 133 133 VAL VAL A . n 
A 1 134 GLY 134 134 134 GLY GLY A . n 
A 1 135 LEU 135 135 135 LEU LEU A . n 
A 1 136 PRO 136 136 136 PRO PRO A . n 
A 1 137 TRP 137 137 137 TRP TRP A . n 
A 1 138 ARG 138 138 138 ARG ARG A . n 
A 1 139 GLN 139 139 139 GLN GLN A . n 
A 1 140 GLY 140 140 140 GLY GLY A . n 
A 1 141 ARG 141 141 ?   ?   ?   A . n 
A 1 142 SER 142 142 ?   ?   ?   A . n 
A 1 143 HIS 143 143 ?   ?   ?   A . n 
A 1 144 HIS 144 144 ?   ?   ?   A . n 
A 1 145 HIS 145 145 ?   ?   ?   A . n 
A 1 146 HIS 146 146 ?   ?   ?   A . n 
A 1 147 HIS 147 147 ?   ?   ?   A . n 
A 1 148 HIS 148 148 ?   ?   ?   A . n 
# 
loop_
_pdbx_nonpoly_scheme.asym_id 
_pdbx_nonpoly_scheme.entity_id 
_pdbx_nonpoly_scheme.mon_id 
_pdbx_nonpoly_scheme.ndb_seq_num 
_pdbx_nonpoly_scheme.pdb_seq_num 
_pdbx_nonpoly_scheme.auth_seq_num 
_pdbx_nonpoly_scheme.pdb_mon_id 
_pdbx_nonpoly_scheme.auth_mon_id 
_pdbx_nonpoly_scheme.pdb_strand_id 
_pdbx_nonpoly_scheme.pdb_ins_code 
B 2 BR  1   201 201 BR  BR  A . 
C 2 BR  1   202 202 BR  BR  A . 
D 2 BR  1   203 203 BR  BR  A . 
E 2 BR  1   204 204 BR  BR  A . 
F 2 BR  1   205 205 BR  BR  A . 
G 2 BR  1   206 206 BR  BR  A . 
H 2 BR  1   207 207 BR  BR  A . 
I 2 BR  1   208 208 BR  BR  A . 
J 2 BR  1   209 209 BR  BR  A . 
K 2 BR  1   210 210 BR  BR  A . 
L 3 SO4 1   301 301 SO4 SO4 A . 
M 4 HOH 1   302 1   HOH HOH A . 
M 4 HOH 2   303 2   HOH HOH A . 
M 4 HOH 3   304 3   HOH HOH A . 
M 4 HOH 4   305 4   HOH HOH A . 
M 4 HOH 5   306 5   HOH HOH A . 
M 4 HOH 6   307 6   HOH HOH A . 
M 4 HOH 7   308 7   HOH HOH A . 
M 4 HOH 8   309 8   HOH HOH A . 
M 4 HOH 9   310 9   HOH HOH A . 
M 4 HOH 10  311 10  HOH HOH A . 
M 4 HOH 11  312 11  HOH HOH A . 
M 4 HOH 12  313 12  HOH HOH A . 
M 4 HOH 13  314 13  HOH HOH A . 
M 4 HOH 14  315 14  HOH HOH A . 
M 4 HOH 15  316 15  HOH HOH A . 
M 4 HOH 16  317 16  HOH HOH A . 
M 4 HOH 17  318 17  HOH HOH A . 
M 4 HOH 18  319 18  HOH HOH A . 
M 4 HOH 19  320 19  HOH HOH A . 
M 4 HOH 20  321 20  HOH HOH A . 
M 4 HOH 21  322 21  HOH HOH A . 
M 4 HOH 22  323 22  HOH HOH A . 
M 4 HOH 23  324 23  HOH HOH A . 
M 4 HOH 24  325 24  HOH HOH A . 
M 4 HOH 25  326 25  HOH HOH A . 
M 4 HOH 26  327 26  HOH HOH A . 
M 4 HOH 27  328 27  HOH HOH A . 
M 4 HOH 28  329 28  HOH HOH A . 
M 4 HOH 29  330 29  HOH HOH A . 
M 4 HOH 30  331 30  HOH HOH A . 
M 4 HOH 31  332 31  HOH HOH A . 
M 4 HOH 32  333 32  HOH HOH A . 
M 4 HOH 33  334 33  HOH HOH A . 
M 4 HOH 34  335 34  HOH HOH A . 
M 4 HOH 35  336 35  HOH HOH A . 
M 4 HOH 36  337 36  HOH HOH A . 
M 4 HOH 37  338 37  HOH HOH A . 
M 4 HOH 38  339 38  HOH HOH A . 
M 4 HOH 39  340 39  HOH HOH A . 
M 4 HOH 40  341 40  HOH HOH A . 
M 4 HOH 41  342 41  HOH HOH A . 
M 4 HOH 42  343 42  HOH HOH A . 
M 4 HOH 43  344 43  HOH HOH A . 
M 4 HOH 44  345 44  HOH HOH A . 
M 4 HOH 45  346 45  HOH HOH A . 
M 4 HOH 46  347 46  HOH HOH A . 
M 4 HOH 47  348 47  HOH HOH A . 
M 4 HOH 48  349 48  HOH HOH A . 
M 4 HOH 49  350 49  HOH HOH A . 
M 4 HOH 50  351 50  HOH HOH A . 
M 4 HOH 51  352 51  HOH HOH A . 
M 4 HOH 52  353 52  HOH HOH A . 
M 4 HOH 53  354 53  HOH HOH A . 
M 4 HOH 54  355 54  HOH HOH A . 
M 4 HOH 55  356 55  HOH HOH A . 
M 4 HOH 56  357 56  HOH HOH A . 
M 4 HOH 57  358 57  HOH HOH A . 
M 4 HOH 58  359 58  HOH HOH A . 
M 4 HOH 59  360 59  HOH HOH A . 
M 4 HOH 60  361 60  HOH HOH A . 
M 4 HOH 61  362 61  HOH HOH A . 
M 4 HOH 62  363 62  HOH HOH A . 
M 4 HOH 63  364 63  HOH HOH A . 
M 4 HOH 64  365 64  HOH HOH A . 
M 4 HOH 65  366 65  HOH HOH A . 
M 4 HOH 66  367 66  HOH HOH A . 
M 4 HOH 67  368 67  HOH HOH A . 
M 4 HOH 68  369 68  HOH HOH A . 
M 4 HOH 69  370 69  HOH HOH A . 
M 4 HOH 70  371 70  HOH HOH A . 
M 4 HOH 71  372 71  HOH HOH A . 
M 4 HOH 72  373 72  HOH HOH A . 
M 4 HOH 73  374 73  HOH HOH A . 
M 4 HOH 74  375 74  HOH HOH A . 
M 4 HOH 75  376 75  HOH HOH A . 
M 4 HOH 76  377 76  HOH HOH A . 
M 4 HOH 77  378 77  HOH HOH A . 
M 4 HOH 78  379 78  HOH HOH A . 
M 4 HOH 79  380 79  HOH HOH A . 
M 4 HOH 80  381 80  HOH HOH A . 
M 4 HOH 81  382 81  HOH HOH A . 
M 4 HOH 82  383 82  HOH HOH A . 
M 4 HOH 83  384 83  HOH HOH A . 
M 4 HOH 84  385 84  HOH HOH A . 
M 4 HOH 85  386 85  HOH HOH A . 
M 4 HOH 86  387 86  HOH HOH A . 
M 4 HOH 87  388 87  HOH HOH A . 
M 4 HOH 88  389 88  HOH HOH A . 
M 4 HOH 89  390 89  HOH HOH A . 
M 4 HOH 90  391 90  HOH HOH A . 
M 4 HOH 91  392 91  HOH HOH A . 
M 4 HOH 92  393 92  HOH HOH A . 
M 4 HOH 93  394 93  HOH HOH A . 
M 4 HOH 94  395 94  HOH HOH A . 
M 4 HOH 95  396 95  HOH HOH A . 
M 4 HOH 96  397 96  HOH HOH A . 
M 4 HOH 97  398 97  HOH HOH A . 
M 4 HOH 98  399 98  HOH HOH A . 
M 4 HOH 99  400 99  HOH HOH A . 
M 4 HOH 100 401 100 HOH HOH A . 
M 4 HOH 101 402 101 HOH HOH A . 
M 4 HOH 102 403 102 HOH HOH A . 
M 4 HOH 103 404 103 HOH HOH A . 
M 4 HOH 104 405 104 HOH HOH A . 
M 4 HOH 105 406 105 HOH HOH A . 
M 4 HOH 106 407 106 HOH HOH A . 
M 4 HOH 107 408 107 HOH HOH A . 
M 4 HOH 108 409 108 HOH HOH A . 
M 4 HOH 109 410 109 HOH HOH A . 
M 4 HOH 110 411 110 HOH HOH A . 
M 4 HOH 111 412 111 HOH HOH A . 
M 4 HOH 112 413 112 HOH HOH A . 
M 4 HOH 113 414 113 HOH HOH A . 
M 4 HOH 114 415 114 HOH HOH A . 
M 4 HOH 115 416 115 HOH HOH A . 
M 4 HOH 116 417 116 HOH HOH A . 
M 4 HOH 117 418 117 HOH HOH A . 
M 4 HOH 118 419 118 HOH HOH A . 
M 4 HOH 119 420 119 HOH HOH A . 
M 4 HOH 120 421 120 HOH HOH A . 
M 4 HOH 121 422 121 HOH HOH A . 
M 4 HOH 122 423 122 HOH HOH A . 
M 4 HOH 123 424 123 HOH HOH A . 
# 
loop_
_pdbx_unobs_or_zero_occ_atoms.id 
_pdbx_unobs_or_zero_occ_atoms.PDB_model_num 
_pdbx_unobs_or_zero_occ_atoms.polymer_flag 
_pdbx_unobs_or_zero_occ_atoms.occupancy_flag 
_pdbx_unobs_or_zero_occ_atoms.auth_asym_id 
_pdbx_unobs_or_zero_occ_atoms.auth_comp_id 
_pdbx_unobs_or_zero_occ_atoms.auth_seq_id 
_pdbx_unobs_or_zero_occ_atoms.PDB_ins_code 
_pdbx_unobs_or_zero_occ_atoms.auth_atom_id 
_pdbx_unobs_or_zero_occ_atoms.label_alt_id 
_pdbx_unobs_or_zero_occ_atoms.label_asym_id 
_pdbx_unobs_or_zero_occ_atoms.label_comp_id 
_pdbx_unobs_or_zero_occ_atoms.label_seq_id 
_pdbx_unobs_or_zero_occ_atoms.label_atom_id 
1 1 Y 0 A GLU 47 ? CD  ? A GLU 47 CD  
2 1 Y 0 A GLU 47 ? OE1 ? A GLU 47 OE1 
3 1 Y 0 A GLU 47 ? OE2 ? A GLU 47 OE2 
# 
loop_
_software.name 
_software.classification 
_software.version 
_software.citation_id 
_software.pdbx_ordinal 
REFMAC    refinement       5.2.0005 ? 1 
HKL-2000  'data reduction' .        ? 2 
SCALEPACK 'data scaling'   .        ? 3 
SOLVE     phasing          .        ? 4 
# 
_cell.entry_id           2FSX 
_cell.length_a           50.814 
_cell.length_b           50.814 
_cell.length_c           119.184 
_cell.angle_alpha        90.00 
_cell.angle_beta         90.00 
_cell.angle_gamma        90.00 
_cell.Z_PDB              8 
_cell.pdbx_unique_axis   ? 
_cell.length_a_esd       ? 
_cell.length_b_esd       ? 
_cell.length_c_esd       ? 
_cell.angle_alpha_esd    ? 
_cell.angle_beta_esd     ? 
_cell.angle_gamma_esd    ? 
# 
_symmetry.entry_id                         2FSX 
_symmetry.space_group_name_H-M             'P 43 21 2' 
_symmetry.pdbx_full_space_group_name_H-M   ? 
_symmetry.cell_setting                     ? 
_symmetry.Int_Tables_number                96 
_symmetry.space_group_name_Hall            ? 
# 
_exptl.entry_id          2FSX 
_exptl.method            'X-RAY DIFFRACTION' 
_exptl.crystals_number   1 
# 
_exptl_crystal.id                    1 
_exptl_crystal.density_meas          ? 
_exptl_crystal.density_Matthews      2.50 
_exptl_crystal.density_percent_sol   50.81 
_exptl_crystal.description           ? 
_exptl_crystal.F_000                 ? 
_exptl_crystal.preparation           ? 
# 
_exptl_crystal_grow.crystal_id      1 
_exptl_crystal_grow.method          'VAPOR DIFFUSION, SITTING DROP' 
_exptl_crystal_grow.temp            294 
_exptl_crystal_grow.temp_details    ? 
_exptl_crystal_grow.pH              6.5 
_exptl_crystal_grow.pdbx_details    
'Sodium Citrate 1.0176M, MES 0.1M, Ammonium Sulfate 0.31752M , pH 6.5, VAPOR DIFFUSION, SITTING DROP, temperature 294K' 
_exptl_crystal_grow.pdbx_pH_range   . 
# 
_diffrn.id                     1 
_diffrn.ambient_temp           100 
_diffrn.ambient_temp_details   ? 
_diffrn.crystal_id             1 
# 
_diffrn_detector.diffrn_id              1 
_diffrn_detector.detector               CCD 
_diffrn_detector.type                   'ADSC QUANTUM 315' 
_diffrn_detector.pdbx_collection_date   2005-06-30 
_diffrn_detector.details                ? 
# 
_diffrn_radiation.diffrn_id                        1 
_diffrn_radiation.wavelength_id                    1 
_diffrn_radiation.pdbx_monochromatic_or_laue_m_l   M 
_diffrn_radiation.monochromator                    'Si 111' 
_diffrn_radiation.pdbx_diffrn_protocol             'SINGLE WAVELENGTH' 
_diffrn_radiation.pdbx_scattering_type             x-ray 
# 
_diffrn_radiation_wavelength.id           1 
_diffrn_radiation_wavelength.wavelength   0.92 
_diffrn_radiation_wavelength.wt           1.0 
# 
_diffrn_source.diffrn_id                   1 
_diffrn_source.source                      SYNCHROTRON 
_diffrn_source.type                        'ALS BEAMLINE 5.0.2' 
_diffrn_source.pdbx_synchrotron_site       ALS 
_diffrn_source.pdbx_synchrotron_beamline   5.0.2 
_diffrn_source.pdbx_wavelength             ? 
_diffrn_source.pdbx_wavelength_list        0.92 
# 
_reflns.entry_id                     2FSX 
_reflns.observed_criterion_sigma_I   0 
_reflns.observed_criterion_sigma_F   0 
_reflns.d_resolution_low             50 
_reflns.d_resolution_high            1.8 
_reflns.number_obs                   15238 
_reflns.number_all                   15254 
_reflns.percent_possible_obs         99.9 
_reflns.pdbx_Rmerge_I_obs            0.115 
_reflns.pdbx_Rsym_value              ? 
_reflns.pdbx_netI_over_sigmaI        5 
_reflns.B_iso_Wilson_estimate        ? 
_reflns.pdbx_redundancy              8 
_reflns.R_free_details               ? 
_reflns.limit_h_max                  ? 
_reflns.limit_h_min                  ? 
_reflns.limit_k_max                  ? 
_reflns.limit_k_min                  ? 
_reflns.limit_l_max                  ? 
_reflns.limit_l_min                  ? 
_reflns.observed_criterion_F_max     ? 
_reflns.observed_criterion_F_min     ? 
_reflns.pdbx_chi_squared             ? 
_reflns.pdbx_scaling_rejects         ? 
_reflns.pdbx_ordinal                 1 
_reflns.pdbx_diffrn_id               1 
# 
_reflns_shell.d_res_high             1.80 
_reflns_shell.d_res_low              1.86 
_reflns_shell.percent_possible_all   98.9 
_reflns_shell.Rmerge_I_obs           0.45 
_reflns_shell.pdbx_Rsym_value        ? 
_reflns_shell.meanI_over_sigI_obs    3.5 
_reflns_shell.pdbx_redundancy        8 
_reflns_shell.percent_possible_obs   ? 
_reflns_shell.number_unique_all      ? 
_reflns_shell.number_measured_all    ? 
_reflns_shell.number_measured_obs    ? 
_reflns_shell.number_unique_obs      ? 
_reflns_shell.pdbx_chi_squared       ? 
_reflns_shell.pdbx_ordinal           1 
_reflns_shell.pdbx_diffrn_id         1 
# 
_refine.entry_id                                 2FSX 
_refine.ls_number_reflns_obs                     14404 
_refine.ls_number_reflns_all                     14420 
_refine.pdbx_ls_sigma_I                          ? 
_refine.pdbx_ls_sigma_F                          ? 
_refine.pdbx_data_cutoff_high_absF               ? 
_refine.pdbx_data_cutoff_low_absF                ? 
_refine.pdbx_data_cutoff_high_rms_absF           ? 
_refine.ls_d_res_low                             30.40 
_refine.ls_d_res_high                            1.80 
_refine.ls_percent_reflns_obs                    99.89 
_refine.ls_R_factor_obs                          0.1763 
_refine.ls_R_factor_all                          ? 
_refine.ls_R_factor_R_work                       0.17415 
_refine.ls_R_factor_R_free                       0.21767 
_refine.ls_R_factor_R_free_error                 ? 
_refine.ls_R_factor_R_free_error_details         ? 
_refine.ls_percent_reflns_R_free                 5.1 
_refine.ls_number_reflns_R_free                  767 
_refine.ls_number_parameters                     ? 
_refine.ls_number_restraints                     ? 
_refine.occupancy_min                            ? 
_refine.occupancy_max                            ? 
_refine.correlation_coeff_Fo_to_Fc               0.951 
_refine.correlation_coeff_Fo_to_Fc_free          0.935 
_refine.B_iso_mean                               12.596 
_refine.aniso_B[1][1]                            -0.01 
_refine.aniso_B[2][2]                            -0.01 
_refine.aniso_B[3][3]                            0.03 
_refine.aniso_B[1][2]                            0.00 
_refine.aniso_B[1][3]                            0.00 
_refine.aniso_B[2][3]                            0.00 
_refine.solvent_model_details                    MASK 
_refine.solvent_model_param_ksol                 ? 
_refine.solvent_model_param_bsol                 ? 
_refine.pdbx_solvent_vdw_probe_radii             1.20 
_refine.pdbx_solvent_ion_probe_radii             0.80 
_refine.pdbx_solvent_shrinkage_radii             0.80 
_refine.pdbx_ls_cross_valid_method               THROUGHOUT 
_refine.details                                  'HYDROGENS HAVE BEEN ADDED IN THE RIDING POSITIONS' 
_refine.pdbx_starting_model                      ? 
_refine.pdbx_method_to_determine_struct          SAD 
_refine.pdbx_isotropic_thermal_model             ? 
_refine.pdbx_stereochemistry_target_values       'MAXIMUM LIKELIHOOD' 
_refine.pdbx_stereochem_target_val_spec_case     ? 
_refine.pdbx_R_Free_selection_details            RANDOM 
_refine.pdbx_overall_ESU_R                       0.110 
_refine.pdbx_overall_ESU_R_Free                  0.113 
_refine.overall_SU_ML                            0.070 
_refine.overall_SU_B                             4.248 
_refine.ls_redundancy_reflns_obs                 ? 
_refine.B_iso_min                                ? 
_refine.B_iso_max                                ? 
_refine.overall_SU_R_Cruickshank_DPI             ? 
_refine.overall_SU_R_free                        ? 
_refine.ls_wR_factor_R_free                      ? 
_refine.ls_wR_factor_R_work                      ? 
_refine.overall_FOM_free_R_set                   ? 
_refine.overall_FOM_work_R_set                   ? 
_refine.pdbx_refine_id                           'X-RAY DIFFRACTION' 
_refine.pdbx_TLS_residual_ADP_flag               'LIKELY RESIDUAL' 
_refine.pdbx_diffrn_id                           1 
_refine.pdbx_overall_phase_error                 ? 
_refine.pdbx_overall_SU_R_free_Cruickshank_DPI   ? 
_refine.pdbx_overall_SU_R_Blow_DPI               ? 
_refine.pdbx_overall_SU_R_free_Blow_DPI          ? 
# 
_refine_hist.pdbx_refine_id                   'X-RAY DIFFRACTION' 
_refine_hist.cycle_id                         LAST 
_refine_hist.pdbx_number_atoms_protein        1023 
_refine_hist.pdbx_number_atoms_nucleic_acid   0 
_refine_hist.pdbx_number_atoms_ligand         15 
_refine_hist.number_atoms_solvent             123 
_refine_hist.number_atoms_total               1161 
_refine_hist.d_res_high                       1.80 
_refine_hist.d_res_low                        30.40 
# 
loop_
_refine_ls_restr.type 
_refine_ls_restr.dev_ideal 
_refine_ls_restr.dev_ideal_target 
_refine_ls_restr.weight 
_refine_ls_restr.number 
_refine_ls_restr.pdbx_refine_id 
_refine_ls_restr.pdbx_restraint_function 
r_bond_refined_d             0.015  0.021  ? 1058 'X-RAY DIFFRACTION' ? 
r_bond_other_d               ?      ?      ? ?    'X-RAY DIFFRACTION' ? 
r_angle_refined_deg          1.613  1.938  ? 1446 'X-RAY DIFFRACTION' ? 
r_angle_other_deg            ?      ?      ? ?    'X-RAY DIFFRACTION' ? 
r_dihedral_angle_1_deg       8.526  5.000  ? 134  'X-RAY DIFFRACTION' ? 
r_dihedral_angle_2_deg       33.086 22.500 ? 52   'X-RAY DIFFRACTION' ? 
r_dihedral_angle_3_deg       10.971 15.000 ? 152  'X-RAY DIFFRACTION' ? 
r_dihedral_angle_4_deg       18.531 15.000 ? 12   'X-RAY DIFFRACTION' ? 
r_chiral_restr               0.116  0.200  ? 154  'X-RAY DIFFRACTION' ? 
r_gen_planes_refined         0.008  0.020  ? 840  'X-RAY DIFFRACTION' ? 
r_gen_planes_other           ?      ?      ? ?    'X-RAY DIFFRACTION' ? 
r_nbd_refined                0.220  0.200  ? 508  'X-RAY DIFFRACTION' ? 
r_nbd_other                  ?      ?      ? ?    'X-RAY DIFFRACTION' ? 
r_nbtor_refined              0.307  0.200  ? 709  'X-RAY DIFFRACTION' ? 
r_nbtor_other                ?      ?      ? ?    'X-RAY DIFFRACTION' ? 
r_xyhbond_nbd_refined        0.162  0.200  ? 100  'X-RAY DIFFRACTION' ? 
r_xyhbond_nbd_other          ?      ?      ? ?    'X-RAY DIFFRACTION' ? 
r_metal_ion_refined          ?      ?      ? ?    'X-RAY DIFFRACTION' ? 
r_metal_ion_other            ?      ?      ? ?    'X-RAY DIFFRACTION' ? 
r_symmetry_vdw_refined       0.295  0.200  ? 49   'X-RAY DIFFRACTION' ? 
r_symmetry_vdw_other         ?      ?      ? ?    'X-RAY DIFFRACTION' ? 
r_symmetry_hbond_refined     0.402  0.200  ? 17   'X-RAY DIFFRACTION' ? 
r_symmetry_hbond_other       ?      ?      ? ?    'X-RAY DIFFRACTION' ? 
r_symmetry_metal_ion_refined ?      ?      ? ?    'X-RAY DIFFRACTION' ? 
r_symmetry_metal_ion_other   ?      ?      ? ?    'X-RAY DIFFRACTION' ? 
r_mcbond_it                  0.908  1.500  ? 679  'X-RAY DIFFRACTION' ? 
r_mcbond_other               ?      ?      ? ?    'X-RAY DIFFRACTION' ? 
r_mcangle_it                 1.392  2.000  ? 1052 'X-RAY DIFFRACTION' ? 
r_scbond_it                  2.314  3.000  ? 448  'X-RAY DIFFRACTION' ? 
r_scangle_it                 3.633  4.500  ? 392  'X-RAY DIFFRACTION' ? 
r_rigid_bond_restr           ?      ?      ? ?    'X-RAY DIFFRACTION' ? 
r_sphericity_free            ?      ?      ? ?    'X-RAY DIFFRACTION' ? 
r_sphericity_bonded          ?      ?      ? ?    'X-RAY DIFFRACTION' ? 
# 
_refine_ls_shell.pdbx_total_number_of_bins_used   20 
_refine_ls_shell.d_res_high                       1.800 
_refine_ls_shell.d_res_low                        1.847 
_refine_ls_shell.number_reflns_R_work             1016 
_refine_ls_shell.R_factor_R_work                  0.213 
_refine_ls_shell.percent_reflns_obs               98.61 
_refine_ls_shell.R_factor_R_free                  0.282 
_refine_ls_shell.R_factor_R_free_error            ? 
_refine_ls_shell.percent_reflns_R_free            ? 
_refine_ls_shell.number_reflns_R_free             46 
_refine_ls_shell.number_reflns_all                ? 
_refine_ls_shell.R_factor_all                     ? 
_refine_ls_shell.redundancy_reflns_obs            ? 
_refine_ls_shell.number_reflns_obs                ? 
_refine_ls_shell.pdbx_refine_id                   'X-RAY DIFFRACTION' 
# 
_struct.entry_id                  2FSX 
_struct.title                     'Crystal structure of Rv0390 from M. tuberculosis' 
_struct.pdbx_model_details        ? 
_struct.pdbx_CASP_flag            ? 
_struct.pdbx_model_type_details   ? 
# 
_struct_keywords.entry_id        2FSX 
_struct_keywords.pdbx_keywords   'STRUCTURAL GENOMICS, UNKNOWN FUNCTION' 
_struct_keywords.text            
;Rv0390 Br SAD data with Fbar, Structural Genomics, PSI, Protein Structure Initiative, TB Structural Genomics Consortium, TBSGC, UNKNOWN FUNCTION
;
# 
loop_
_struct_asym.id 
_struct_asym.pdbx_blank_PDB_chainid_flag 
_struct_asym.pdbx_modified 
_struct_asym.entity_id 
_struct_asym.details 
A N N 1 ? 
B N N 2 ? 
C N N 2 ? 
D N N 2 ? 
E N N 2 ? 
F N N 2 ? 
G N N 2 ? 
H N N 2 ? 
I N N 2 ? 
J N N 2 ? 
K N N 2 ? 
L N N 3 ? 
M N N 4 ? 
# 
_struct_ref.id                         1 
_struct_ref.db_name                    GB 
_struct_ref.db_code                    ZP_00772837 
_struct_ref.pdbx_db_accession          76785673 
_struct_ref.entity_id                  1 
_struct_ref.pdbx_seq_one_letter_code   
;MSYAGDITPLQAWEMLSDNPRAVLVDVRCEAEWRFVGVPDLSSLGREVVYVEWATSDGTHNDNFLAELRDRIPADADQHE
RPVIFLCRSGNRSIGAAEVATEAGITPAYNVLDGFEGHLDAEGHRGATGWRAVGLPWRQG
;
_struct_ref.pdbx_align_begin           1 
_struct_ref.pdbx_db_isoform            ? 
# 
_struct_ref_seq.align_id                      1 
_struct_ref_seq.ref_id                        1 
_struct_ref_seq.pdbx_PDB_id_code              2FSX 
_struct_ref_seq.pdbx_strand_id                A 
_struct_ref_seq.seq_align_beg                 1 
_struct_ref_seq.pdbx_seq_align_beg_ins_code   ? 
_struct_ref_seq.seq_align_end                 140 
_struct_ref_seq.pdbx_seq_align_end_ins_code   ? 
_struct_ref_seq.pdbx_db_accession             76785673 
_struct_ref_seq.db_align_beg                  1 
_struct_ref_seq.pdbx_db_align_beg_ins_code    ? 
_struct_ref_seq.db_align_end                  140 
_struct_ref_seq.pdbx_db_align_end_ins_code    ? 
_struct_ref_seq.pdbx_auth_seq_align_beg       1 
_struct_ref_seq.pdbx_auth_seq_align_end       140 
# 
_struct_ref_seq_dif.align_id                     1 
_struct_ref_seq_dif.pdbx_pdb_id_code             2FSX 
_struct_ref_seq_dif.mon_id                       VAL 
_struct_ref_seq_dif.pdbx_pdb_strand_id           A 
_struct_ref_seq_dif.seq_num                      1 
_struct_ref_seq_dif.pdbx_pdb_ins_code            ? 
_struct_ref_seq_dif.pdbx_seq_db_name             GB 
_struct_ref_seq_dif.pdbx_seq_db_accession_code   76785673 
_struct_ref_seq_dif.db_mon_id                    MET 
_struct_ref_seq_dif.pdbx_seq_db_seq_num          1 
_struct_ref_seq_dif.details                      variant 
_struct_ref_seq_dif.pdbx_auth_seq_num            1 
_struct_ref_seq_dif.pdbx_ordinal                 1 
# 
_pdbx_struct_assembly.id                   1 
_pdbx_struct_assembly.details              author_defined_assembly 
_pdbx_struct_assembly.method_details       ? 
_pdbx_struct_assembly.oligomeric_details   monomeric 
_pdbx_struct_assembly.oligomeric_count     1 
# 
_pdbx_struct_assembly_gen.assembly_id       1 
_pdbx_struct_assembly_gen.oper_expression   1 
_pdbx_struct_assembly_gen.asym_id_list      A,B,C,D,E,F,G,H,I,J,K,L,M 
# 
_pdbx_struct_oper_list.id                   1 
_pdbx_struct_oper_list.type                 'identity operation' 
_pdbx_struct_oper_list.name                 1_555 
_pdbx_struct_oper_list.symmetry_operation   x,y,z 
_pdbx_struct_oper_list.matrix[1][1]         1.0000000000 
_pdbx_struct_oper_list.matrix[1][2]         0.0000000000 
_pdbx_struct_oper_list.matrix[1][3]         0.0000000000 
_pdbx_struct_oper_list.vector[1]            0.0000000000 
_pdbx_struct_oper_list.matrix[2][1]         0.0000000000 
_pdbx_struct_oper_list.matrix[2][2]         1.0000000000 
_pdbx_struct_oper_list.matrix[2][3]         0.0000000000 
_pdbx_struct_oper_list.vector[2]            0.0000000000 
_pdbx_struct_oper_list.matrix[3][1]         0.0000000000 
_pdbx_struct_oper_list.matrix[3][2]         0.0000000000 
_pdbx_struct_oper_list.matrix[3][3]         1.0000000000 
_pdbx_struct_oper_list.vector[3]            0.0000000000 
# 
_struct_biol.id                    1 
_struct_biol.details               'It appeared to be a monomer judged by the crystal structure' 
_struct_biol.pdbx_parent_biol_id   ? 
# 
loop_
_struct_conf.conf_type_id 
_struct_conf.id 
_struct_conf.pdbx_PDB_helix_id 
_struct_conf.beg_label_comp_id 
_struct_conf.beg_label_asym_id 
_struct_conf.beg_label_seq_id 
_struct_conf.pdbx_beg_PDB_ins_code 
_struct_conf.end_label_comp_id 
_struct_conf.end_label_asym_id 
_struct_conf.end_label_seq_id 
_struct_conf.pdbx_end_PDB_ins_code 
_struct_conf.beg_auth_comp_id 
_struct_conf.beg_auth_asym_id 
_struct_conf.beg_auth_seq_id 
_struct_conf.end_auth_comp_id 
_struct_conf.end_auth_asym_id 
_struct_conf.end_auth_seq_id 
_struct_conf.pdbx_PDB_helix_class 
_struct_conf.details 
_struct_conf.pdbx_PDB_helix_length 
HELX_P HELX_P1 1 THR A 8  ? ASN A 19  ? THR A 8  ASN A 19  1 ? 12 
HELX_P HELX_P2 2 CYS A 29 ? VAL A 36  ? CYS A 29 VAL A 36  1 ? 8  
HELX_P HELX_P3 3 LEU A 41 ? GLY A 45  ? LEU A 41 GLY A 45  5 ? 5  
HELX_P HELX_P4 4 ASN A 63 ? ILE A 72  ? ASN A 63 ILE A 72  1 ? 10 
HELX_P HELX_P5 5 ARG A 92 ? ALA A 103 ? ARG A 92 ALA A 103 1 ? 12 
# 
_struct_conf_type.id          HELX_P 
_struct_conf_type.criteria    ? 
_struct_conf_type.reference   ? 
# 
_struct_mon_prot_cis.pdbx_id                1 
_struct_mon_prot_cis.label_comp_id          THR 
_struct_mon_prot_cis.label_seq_id           106 
_struct_mon_prot_cis.label_asym_id          A 
_struct_mon_prot_cis.label_alt_id           . 
_struct_mon_prot_cis.pdbx_PDB_ins_code      ? 
_struct_mon_prot_cis.auth_comp_id           THR 
_struct_mon_prot_cis.auth_seq_id            106 
_struct_mon_prot_cis.auth_asym_id           A 
_struct_mon_prot_cis.pdbx_label_comp_id_2   PRO 
_struct_mon_prot_cis.pdbx_label_seq_id_2    107 
_struct_mon_prot_cis.pdbx_label_asym_id_2   A 
_struct_mon_prot_cis.pdbx_PDB_ins_code_2    ? 
_struct_mon_prot_cis.pdbx_auth_comp_id_2    PRO 
_struct_mon_prot_cis.pdbx_auth_seq_id_2     107 
_struct_mon_prot_cis.pdbx_auth_asym_id_2    A 
_struct_mon_prot_cis.pdbx_PDB_model_num     1 
_struct_mon_prot_cis.pdbx_omega_angle       -4.54 
# 
loop_
_struct_sheet.id 
_struct_sheet.type 
_struct_sheet.number_strands 
_struct_sheet.details 
A ? 5 ? 
B ? 2 ? 
# 
loop_
_struct_sheet_order.sheet_id 
_struct_sheet_order.range_id_1 
_struct_sheet_order.range_id_2 
_struct_sheet_order.offset 
_struct_sheet_order.sense 
A 1 2 ? parallel      
A 2 3 ? parallel      
A 3 4 ? parallel      
A 4 5 ? parallel      
B 1 2 ? anti-parallel 
# 
loop_
_struct_sheet_range.sheet_id 
_struct_sheet_range.id 
_struct_sheet_range.beg_label_comp_id 
_struct_sheet_range.beg_label_asym_id 
_struct_sheet_range.beg_label_seq_id 
_struct_sheet_range.pdbx_beg_PDB_ins_code 
_struct_sheet_range.end_label_comp_id 
_struct_sheet_range.end_label_asym_id 
_struct_sheet_range.end_label_seq_id 
_struct_sheet_range.pdbx_end_PDB_ins_code 
_struct_sheet_range.beg_auth_comp_id 
_struct_sheet_range.beg_auth_asym_id 
_struct_sheet_range.beg_auth_seq_id 
_struct_sheet_range.end_auth_comp_id 
_struct_sheet_range.end_auth_asym_id 
_struct_sheet_range.end_auth_seq_id 
A 1 GLY A 5   ? ILE A 7   ? GLY A 5   ILE A 7   
A 2 ALA A 108 ? VAL A 111 ? ALA A 108 VAL A 111 
A 3 VAL A 83  ? LEU A 86  ? VAL A 83  LEU A 86  
A 4 VAL A 23  ? ASP A 26  ? VAL A 23  ASP A 26  
A 5 VAL A 49  ? TYR A 50  ? VAL A 49  TYR A 50  
B 1 VAL A 38  ? PRO A 39  ? VAL A 38  PRO A 39  
B 2 TRP A 137 ? ARG A 138 ? TRP A 137 ARG A 138 
# 
loop_
_pdbx_struct_sheet_hbond.sheet_id 
_pdbx_struct_sheet_hbond.range_id_1 
_pdbx_struct_sheet_hbond.range_id_2 
_pdbx_struct_sheet_hbond.range_1_label_atom_id 
_pdbx_struct_sheet_hbond.range_1_label_comp_id 
_pdbx_struct_sheet_hbond.range_1_label_asym_id 
_pdbx_struct_sheet_hbond.range_1_label_seq_id 
_pdbx_struct_sheet_hbond.range_1_PDB_ins_code 
_pdbx_struct_sheet_hbond.range_1_auth_atom_id 
_pdbx_struct_sheet_hbond.range_1_auth_comp_id 
_pdbx_struct_sheet_hbond.range_1_auth_asym_id 
_pdbx_struct_sheet_hbond.range_1_auth_seq_id 
_pdbx_struct_sheet_hbond.range_2_label_atom_id 
_pdbx_struct_sheet_hbond.range_2_label_comp_id 
_pdbx_struct_sheet_hbond.range_2_label_asym_id 
_pdbx_struct_sheet_hbond.range_2_label_seq_id 
_pdbx_struct_sheet_hbond.range_2_PDB_ins_code 
_pdbx_struct_sheet_hbond.range_2_auth_atom_id 
_pdbx_struct_sheet_hbond.range_2_auth_comp_id 
_pdbx_struct_sheet_hbond.range_2_auth_asym_id 
_pdbx_struct_sheet_hbond.range_2_auth_seq_id 
A 1 2 N ILE A 7   ? N ILE A 7   O ASN A 110 ? O ASN A 110 
A 2 3 O TYR A 109 ? O TYR A 109 N PHE A 85  ? N PHE A 85  
A 3 4 O ILE A 84  ? O ILE A 84  N VAL A 25  ? N VAL A 25  
A 4 5 N LEU A 24  ? N LEU A 24  O VAL A 49  ? O VAL A 49  
B 1 2 N VAL A 38  ? N VAL A 38  O ARG A 138 ? O ARG A 138 
# 
loop_
_struct_site.id 
_struct_site.pdbx_evidence_code 
_struct_site.pdbx_auth_asym_id 
_struct_site.pdbx_auth_comp_id 
_struct_site.pdbx_auth_seq_id 
_struct_site.pdbx_auth_ins_code 
_struct_site.pdbx_num_residues 
_struct_site.details 
AC1 Software A BR  201 ? 2 'BINDING SITE FOR RESIDUE BR A 201'  
AC2 Software A BR  202 ? 1 'BINDING SITE FOR RESIDUE BR A 202'  
AC3 Software A BR  203 ? 3 'BINDING SITE FOR RESIDUE BR A 203'  
AC4 Software A BR  204 ? 2 'BINDING SITE FOR RESIDUE BR A 204'  
AC5 Software A BR  205 ? 4 'BINDING SITE FOR RESIDUE BR A 205'  
AC6 Software A BR  206 ? 1 'BINDING SITE FOR RESIDUE BR A 206'  
AC7 Software A BR  207 ? 4 'BINDING SITE FOR RESIDUE BR A 207'  
AC8 Software A BR  208 ? 1 'BINDING SITE FOR RESIDUE BR A 208'  
AC9 Software A BR  209 ? 3 'BINDING SITE FOR RESIDUE BR A 209'  
BC1 Software A BR  210 ? 3 'BINDING SITE FOR RESIDUE BR A 210'  
BC2 Software A SO4 301 ? 8 'BINDING SITE FOR RESIDUE SO4 A 301' 
# 
loop_
_struct_site_gen.id 
_struct_site_gen.site_id 
_struct_site_gen.pdbx_num_res 
_struct_site_gen.label_comp_id 
_struct_site_gen.label_asym_id 
_struct_site_gen.label_seq_id 
_struct_site_gen.pdbx_auth_ins_code 
_struct_site_gen.auth_comp_id 
_struct_site_gen.auth_asym_id 
_struct_site_gen.auth_seq_id 
_struct_site_gen.label_atom_id 
_struct_site_gen.label_alt_id 
_struct_site_gen.symmetry 
_struct_site_gen.details 
1  AC1 2 THR A 8   ? THR A 8   . ? 1_555 ? 
2  AC1 2 HIS A 60  ? HIS A 60  . ? 5_555 ? 
3  AC2 1 TYR A 50  ? TYR A 50  . ? 1_555 ? 
4  AC3 3 SER A 17  ? SER A 17  . ? 5_545 ? 
5  AC3 3 ARG A 125 ? ARG A 125 . ? 1_555 ? 
6  AC3 3 HOH M .   ? HOH A 323 . ? 1_555 ? 
7  AC4 2 HIS A 60  ? HIS A 60  . ? 8_565 ? 
8  AC4 2 HOH M .   ? HOH A 406 . ? 8_565 ? 
9  AC5 4 THR A 55  ? THR A 55  . ? 8_565 ? 
10 AC5 4 SER A 56  ? SER A 56  . ? 8_565 ? 
11 AC5 4 ASP A 57  ? ASP A 57  . ? 8_565 ? 
12 AC5 4 HOH M .   ? HOH A 362 . ? 8_565 ? 
13 AC6 1 ARG A 34  ? ARG A 34  . ? 1_555 ? 
14 AC7 4 ASN A 19  ? ASN A 19  . ? 1_555 ? 
15 AC7 4 PRO A 20  ? PRO A 20  . ? 1_555 ? 
16 AC7 4 ARG A 21  ? ARG A 21  . ? 1_555 ? 
17 AC7 4 ARG A 81  ? ARG A 81  . ? 1_555 ? 
18 AC8 1 HOH M .   ? HOH A 310 . ? 1_555 ? 
19 AC9 3 VAL A 27  ? VAL A 27  . ? 1_555 ? 
20 AC9 3 CYS A 87  ? CYS A 87  . ? 1_555 ? 
21 AC9 3 HOH M .   ? HOH A 377 . ? 1_555 ? 
22 BC1 3 CYS A 29  ? CYS A 29  . ? 1_555 ? 
23 BC1 3 GLU A 32  ? GLU A 32  . ? 1_555 ? 
24 BC1 3 HOH M .   ? HOH A 336 . ? 7_556 ? 
25 BC2 8 TRP A 13  ? TRP A 13  . ? 5_545 ? 
26 BC2 8 SER A 17  ? SER A 17  . ? 5_545 ? 
27 BC2 8 CYS A 87  ? CYS A 87  . ? 1_555 ? 
28 BC2 8 ARG A 88  ? ARG A 88  . ? 1_555 ? 
29 BC2 8 SER A 89  ? SER A 89  . ? 1_555 ? 
30 BC2 8 GLY A 90  ? GLY A 90  . ? 1_555 ? 
31 BC2 8 ASN A 91  ? ASN A 91  . ? 1_555 ? 
32 BC2 8 ARG A 92  ? ARG A 92  . ? 1_555 ? 
# 
_pdbx_validate_close_contact.id               1 
_pdbx_validate_close_contact.PDB_model_num    1 
_pdbx_validate_close_contact.auth_atom_id_1   SG 
_pdbx_validate_close_contact.auth_asym_id_1   A 
_pdbx_validate_close_contact.auth_comp_id_1   CYS 
_pdbx_validate_close_contact.auth_seq_id_1    29 
_pdbx_validate_close_contact.PDB_ins_code_1   ? 
_pdbx_validate_close_contact.label_alt_id_1   ? 
_pdbx_validate_close_contact.auth_atom_id_2   BR 
_pdbx_validate_close_contact.auth_asym_id_2   A 
_pdbx_validate_close_contact.auth_comp_id_2   BR 
_pdbx_validate_close_contact.auth_seq_id_2    210 
_pdbx_validate_close_contact.PDB_ins_code_2   ? 
_pdbx_validate_close_contact.label_alt_id_2   ? 
_pdbx_validate_close_contact.dist             2.09 
# 
loop_
_pdbx_validate_symm_contact.id 
_pdbx_validate_symm_contact.PDB_model_num 
_pdbx_validate_symm_contact.auth_atom_id_1 
_pdbx_validate_symm_contact.auth_asym_id_1 
_pdbx_validate_symm_contact.auth_comp_id_1 
_pdbx_validate_symm_contact.auth_seq_id_1 
_pdbx_validate_symm_contact.PDB_ins_code_1 
_pdbx_validate_symm_contact.label_alt_id_1 
_pdbx_validate_symm_contact.site_symmetry_1 
_pdbx_validate_symm_contact.auth_atom_id_2 
_pdbx_validate_symm_contact.auth_asym_id_2 
_pdbx_validate_symm_contact.auth_comp_id_2 
_pdbx_validate_symm_contact.auth_seq_id_2 
_pdbx_validate_symm_contact.PDB_ins_code_2 
_pdbx_validate_symm_contact.label_alt_id_2 
_pdbx_validate_symm_contact.site_symmetry_2 
_pdbx_validate_symm_contact.dist 
1 1 O  A HOH 322 ? ? 1_555 O A HOH 322 ? ? 7_556 1.35 
2 1 BR A BR  204 ? ? 1_555 O A HOH 406 ? ? 8_565 1.87 
# 
_pdbx_validate_rmsd_bond.id                        1 
_pdbx_validate_rmsd_bond.PDB_model_num             1 
_pdbx_validate_rmsd_bond.auth_atom_id_1            CG 
_pdbx_validate_rmsd_bond.auth_asym_id_1            A 
_pdbx_validate_rmsd_bond.auth_comp_id_1            GLU 
_pdbx_validate_rmsd_bond.auth_seq_id_1             47 
_pdbx_validate_rmsd_bond.PDB_ins_code_1            ? 
_pdbx_validate_rmsd_bond.label_alt_id_1            ? 
_pdbx_validate_rmsd_bond.auth_atom_id_2            CD 
_pdbx_validate_rmsd_bond.auth_asym_id_2            A 
_pdbx_validate_rmsd_bond.auth_comp_id_2            GLU 
_pdbx_validate_rmsd_bond.auth_seq_id_2             47 
_pdbx_validate_rmsd_bond.PDB_ins_code_2            ? 
_pdbx_validate_rmsd_bond.label_alt_id_2            ? 
_pdbx_validate_rmsd_bond.bond_value                1.400 
_pdbx_validate_rmsd_bond.bond_target_value         1.515 
_pdbx_validate_rmsd_bond.bond_deviation            -0.115 
_pdbx_validate_rmsd_bond.bond_standard_deviation   0.015 
_pdbx_validate_rmsd_bond.linker_flag               N 
# 
loop_
_pdbx_validate_torsion.id 
_pdbx_validate_torsion.PDB_model_num 
_pdbx_validate_torsion.auth_comp_id 
_pdbx_validate_torsion.auth_asym_id 
_pdbx_validate_torsion.auth_seq_id 
_pdbx_validate_torsion.PDB_ins_code 
_pdbx_validate_torsion.label_alt_id 
_pdbx_validate_torsion.phi 
_pdbx_validate_torsion.psi 
1 1 CYS A 87  ? ? -125.67 -167.87 
2 1 ASP A 113 ? ? 71.95   -19.18  
# 
_pdbx_validate_peptide_omega.id               1 
_pdbx_validate_peptide_omega.PDB_model_num    1 
_pdbx_validate_peptide_omega.auth_comp_id_1   ILE 
_pdbx_validate_peptide_omega.auth_asym_id_1   A 
_pdbx_validate_peptide_omega.auth_seq_id_1    72 
_pdbx_validate_peptide_omega.PDB_ins_code_1   ? 
_pdbx_validate_peptide_omega.label_alt_id_1   ? 
_pdbx_validate_peptide_omega.auth_comp_id_2   PRO 
_pdbx_validate_peptide_omega.auth_asym_id_2   A 
_pdbx_validate_peptide_omega.auth_seq_id_2    73 
_pdbx_validate_peptide_omega.PDB_ins_code_2   ? 
_pdbx_validate_peptide_omega.label_alt_id_2   ? 
_pdbx_validate_peptide_omega.omega            70.44 
# 
_pdbx_SG_project.id                    1 
_pdbx_SG_project.project_name          'PSI, Protein Structure Initiative' 
_pdbx_SG_project.full_name_of_center   'TB Structural Genomics Consortium' 
_pdbx_SG_project.initial_of_center     TBSGC 
# 
_pdbx_refine_tls.id               1 
_pdbx_refine_tls.details          ? 
_pdbx_refine_tls.method           refined 
_pdbx_refine_tls.origin_x         0.0835 
_pdbx_refine_tls.origin_y         0.1487 
_pdbx_refine_tls.origin_z         -0.3576 
_pdbx_refine_tls.T[1][1]          -0.0491 
_pdbx_refine_tls.T[2][2]          -0.0415 
_pdbx_refine_tls.T[3][3]          -0.0269 
_pdbx_refine_tls.T[1][2]          0.0106 
_pdbx_refine_tls.T[1][3]          -0.0038 
_pdbx_refine_tls.T[2][3]          -0.0117 
_pdbx_refine_tls.L[1][1]          1.4652 
_pdbx_refine_tls.L[2][2]          0.9490 
_pdbx_refine_tls.L[3][3]          1.1313 
_pdbx_refine_tls.L[1][2]          0.1425 
_pdbx_refine_tls.L[1][3]          0.0952 
_pdbx_refine_tls.L[2][3]          0.2516 
_pdbx_refine_tls.S[1][1]          0.0090 
_pdbx_refine_tls.S[1][2]          -0.0029 
_pdbx_refine_tls.S[1][3]          0.1514 
_pdbx_refine_tls.S[2][1]          -0.0007 
_pdbx_refine_tls.S[2][2]          -0.0238 
_pdbx_refine_tls.S[2][3]          0.0213 
_pdbx_refine_tls.S[3][1]          -0.0021 
_pdbx_refine_tls.S[3][2]          -0.0124 
_pdbx_refine_tls.S[3][3]          0.0147 
_pdbx_refine_tls.pdbx_refine_id   'X-RAY DIFFRACTION' 
# 
loop_
_pdbx_refine_tls_group.id 
_pdbx_refine_tls_group.refine_tls_id 
_pdbx_refine_tls_group.beg_auth_asym_id 
_pdbx_refine_tls_group.beg_auth_seq_id 
_pdbx_refine_tls_group.beg_label_asym_id 
_pdbx_refine_tls_group.beg_label_seq_id 
_pdbx_refine_tls_group.end_auth_asym_id 
_pdbx_refine_tls_group.end_auth_seq_id 
_pdbx_refine_tls_group.end_label_asym_id 
_pdbx_refine_tls_group.end_label_seq_id 
_pdbx_refine_tls_group.selection 
_pdbx_refine_tls_group.pdbx_refine_id 
_pdbx_refine_tls_group.selection_details 
1 1 A 2  A 2  A 73  A 73  ? 'X-RAY DIFFRACTION' ? 
2 1 A 81 A 81 A 140 A 140 ? 'X-RAY DIFFRACTION' ? 
# 
_pdbx_database_remark.id     999 
_pdbx_database_remark.text   
;SEQUENCE
THE PROTEIN USED TO SOLVE THIS STRUCTURE WAS 
OBTAINED FROM A DIFFERENT STRAIN H37Rv OF THE 
SAME ORGANISM
;
# 
loop_
_pdbx_unobs_or_zero_occ_residues.id 
_pdbx_unobs_or_zero_occ_residues.PDB_model_num 
_pdbx_unobs_or_zero_occ_residues.polymer_flag 
_pdbx_unobs_or_zero_occ_residues.occupancy_flag 
_pdbx_unobs_or_zero_occ_residues.auth_asym_id 
_pdbx_unobs_or_zero_occ_residues.auth_comp_id 
_pdbx_unobs_or_zero_occ_residues.auth_seq_id 
_pdbx_unobs_or_zero_occ_residues.PDB_ins_code 
_pdbx_unobs_or_zero_occ_residues.label_asym_id 
_pdbx_unobs_or_zero_occ_residues.label_comp_id 
_pdbx_unobs_or_zero_occ_residues.label_seq_id 
1  1 Y 1 A VAL 1   ? A VAL 1   
2  1 Y 1 A ALA 74  ? A ALA 74  
3  1 Y 1 A ASP 75  ? A ASP 75  
4  1 Y 1 A ALA 76  ? A ALA 76  
5  1 Y 1 A ASP 77  ? A ASP 77  
6  1 Y 1 A GLN 78  ? A GLN 78  
7  1 Y 1 A HIS 79  ? A HIS 79  
8  1 Y 1 A GLU 80  ? A GLU 80  
9  1 Y 1 A ARG 141 ? A ARG 141 
10 1 Y 1 A SER 142 ? A SER 142 
11 1 Y 1 A HIS 143 ? A HIS 143 
12 1 Y 1 A HIS 144 ? A HIS 144 
13 1 Y 1 A HIS 145 ? A HIS 145 
14 1 Y 1 A HIS 146 ? A HIS 146 
15 1 Y 1 A HIS 147 ? A HIS 147 
16 1 Y 1 A HIS 148 ? A HIS 148 
# 
loop_
_chem_comp_atom.comp_id 
_chem_comp_atom.atom_id 
_chem_comp_atom.type_symbol 
_chem_comp_atom.pdbx_aromatic_flag 
_chem_comp_atom.pdbx_stereo_config 
_chem_comp_atom.pdbx_ordinal 
ALA N    N  N N 1   
ALA CA   C  N S 2   
ALA C    C  N N 3   
ALA O    O  N N 4   
ALA CB   C  N N 5   
ALA OXT  O  N N 6   
ALA H    H  N N 7   
ALA H2   H  N N 8   
ALA HA   H  N N 9   
ALA HB1  H  N N 10  
ALA HB2  H  N N 11  
ALA HB3  H  N N 12  
ALA HXT  H  N N 13  
ARG N    N  N N 14  
ARG CA   C  N S 15  
ARG C    C  N N 16  
ARG O    O  N N 17  
ARG CB   C  N N 18  
ARG CG   C  N N 19  
ARG CD   C  N N 20  
ARG NE   N  N N 21  
ARG CZ   C  N N 22  
ARG NH1  N  N N 23  
ARG NH2  N  N N 24  
ARG OXT  O  N N 25  
ARG H    H  N N 26  
ARG H2   H  N N 27  
ARG HA   H  N N 28  
ARG HB2  H  N N 29  
ARG HB3  H  N N 30  
ARG HG2  H  N N 31  
ARG HG3  H  N N 32  
ARG HD2  H  N N 33  
ARG HD3  H  N N 34  
ARG HE   H  N N 35  
ARG HH11 H  N N 36  
ARG HH12 H  N N 37  
ARG HH21 H  N N 38  
ARG HH22 H  N N 39  
ARG HXT  H  N N 40  
ASN N    N  N N 41  
ASN CA   C  N S 42  
ASN C    C  N N 43  
ASN O    O  N N 44  
ASN CB   C  N N 45  
ASN CG   C  N N 46  
ASN OD1  O  N N 47  
ASN ND2  N  N N 48  
ASN OXT  O  N N 49  
ASN H    H  N N 50  
ASN H2   H  N N 51  
ASN HA   H  N N 52  
ASN HB2  H  N N 53  
ASN HB3  H  N N 54  
ASN HD21 H  N N 55  
ASN HD22 H  N N 56  
ASN HXT  H  N N 57  
ASP N    N  N N 58  
ASP CA   C  N S 59  
ASP C    C  N N 60  
ASP O    O  N N 61  
ASP CB   C  N N 62  
ASP CG   C  N N 63  
ASP OD1  O  N N 64  
ASP OD2  O  N N 65  
ASP OXT  O  N N 66  
ASP H    H  N N 67  
ASP H2   H  N N 68  
ASP HA   H  N N 69  
ASP HB2  H  N N 70  
ASP HB3  H  N N 71  
ASP HD2  H  N N 72  
ASP HXT  H  N N 73  
BR  BR   BR N N 74  
CYS N    N  N N 75  
CYS CA   C  N R 76  
CYS C    C  N N 77  
CYS O    O  N N 78  
CYS CB   C  N N 79  
CYS SG   S  N N 80  
CYS OXT  O  N N 81  
CYS H    H  N N 82  
CYS H2   H  N N 83  
CYS HA   H  N N 84  
CYS HB2  H  N N 85  
CYS HB3  H  N N 86  
CYS HG   H  N N 87  
CYS HXT  H  N N 88  
GLN N    N  N N 89  
GLN CA   C  N S 90  
GLN C    C  N N 91  
GLN O    O  N N 92  
GLN CB   C  N N 93  
GLN CG   C  N N 94  
GLN CD   C  N N 95  
GLN OE1  O  N N 96  
GLN NE2  N  N N 97  
GLN OXT  O  N N 98  
GLN H    H  N N 99  
GLN H2   H  N N 100 
GLN HA   H  N N 101 
GLN HB2  H  N N 102 
GLN HB3  H  N N 103 
GLN HG2  H  N N 104 
GLN HG3  H  N N 105 
GLN HE21 H  N N 106 
GLN HE22 H  N N 107 
GLN HXT  H  N N 108 
GLU N    N  N N 109 
GLU CA   C  N S 110 
GLU C    C  N N 111 
GLU O    O  N N 112 
GLU CB   C  N N 113 
GLU CG   C  N N 114 
GLU CD   C  N N 115 
GLU OE1  O  N N 116 
GLU OE2  O  N N 117 
GLU OXT  O  N N 118 
GLU H    H  N N 119 
GLU H2   H  N N 120 
GLU HA   H  N N 121 
GLU HB2  H  N N 122 
GLU HB3  H  N N 123 
GLU HG2  H  N N 124 
GLU HG3  H  N N 125 
GLU HE2  H  N N 126 
GLU HXT  H  N N 127 
GLY N    N  N N 128 
GLY CA   C  N N 129 
GLY C    C  N N 130 
GLY O    O  N N 131 
GLY OXT  O  N N 132 
GLY H    H  N N 133 
GLY H2   H  N N 134 
GLY HA2  H  N N 135 
GLY HA3  H  N N 136 
GLY HXT  H  N N 137 
HIS N    N  N N 138 
HIS CA   C  N S 139 
HIS C    C  N N 140 
HIS O    O  N N 141 
HIS CB   C  N N 142 
HIS CG   C  Y N 143 
HIS ND1  N  Y N 144 
HIS CD2  C  Y N 145 
HIS CE1  C  Y N 146 
HIS NE2  N  Y N 147 
HIS OXT  O  N N 148 
HIS H    H  N N 149 
HIS H2   H  N N 150 
HIS HA   H  N N 151 
HIS HB2  H  N N 152 
HIS HB3  H  N N 153 
HIS HD1  H  N N 154 
HIS HD2  H  N N 155 
HIS HE1  H  N N 156 
HIS HE2  H  N N 157 
HIS HXT  H  N N 158 
HOH O    O  N N 159 
HOH H1   H  N N 160 
HOH H2   H  N N 161 
ILE N    N  N N 162 
ILE CA   C  N S 163 
ILE C    C  N N 164 
ILE O    O  N N 165 
ILE CB   C  N S 166 
ILE CG1  C  N N 167 
ILE CG2  C  N N 168 
ILE CD1  C  N N 169 
ILE OXT  O  N N 170 
ILE H    H  N N 171 
ILE H2   H  N N 172 
ILE HA   H  N N 173 
ILE HB   H  N N 174 
ILE HG12 H  N N 175 
ILE HG13 H  N N 176 
ILE HG21 H  N N 177 
ILE HG22 H  N N 178 
ILE HG23 H  N N 179 
ILE HD11 H  N N 180 
ILE HD12 H  N N 181 
ILE HD13 H  N N 182 
ILE HXT  H  N N 183 
LEU N    N  N N 184 
LEU CA   C  N S 185 
LEU C    C  N N 186 
LEU O    O  N N 187 
LEU CB   C  N N 188 
LEU CG   C  N N 189 
LEU CD1  C  N N 190 
LEU CD2  C  N N 191 
LEU OXT  O  N N 192 
LEU H    H  N N 193 
LEU H2   H  N N 194 
LEU HA   H  N N 195 
LEU HB2  H  N N 196 
LEU HB3  H  N N 197 
LEU HG   H  N N 198 
LEU HD11 H  N N 199 
LEU HD12 H  N N 200 
LEU HD13 H  N N 201 
LEU HD21 H  N N 202 
LEU HD22 H  N N 203 
LEU HD23 H  N N 204 
LEU HXT  H  N N 205 
MET N    N  N N 206 
MET CA   C  N S 207 
MET C    C  N N 208 
MET O    O  N N 209 
MET CB   C  N N 210 
MET CG   C  N N 211 
MET SD   S  N N 212 
MET CE   C  N N 213 
MET OXT  O  N N 214 
MET H    H  N N 215 
MET H2   H  N N 216 
MET HA   H  N N 217 
MET HB2  H  N N 218 
MET HB3  H  N N 219 
MET HG2  H  N N 220 
MET HG3  H  N N 221 
MET HE1  H  N N 222 
MET HE2  H  N N 223 
MET HE3  H  N N 224 
MET HXT  H  N N 225 
PHE N    N  N N 226 
PHE CA   C  N S 227 
PHE C    C  N N 228 
PHE O    O  N N 229 
PHE CB   C  N N 230 
PHE CG   C  Y N 231 
PHE CD1  C  Y N 232 
PHE CD2  C  Y N 233 
PHE CE1  C  Y N 234 
PHE CE2  C  Y N 235 
PHE CZ   C  Y N 236 
PHE OXT  O  N N 237 
PHE H    H  N N 238 
PHE H2   H  N N 239 
PHE HA   H  N N 240 
PHE HB2  H  N N 241 
PHE HB3  H  N N 242 
PHE HD1  H  N N 243 
PHE HD2  H  N N 244 
PHE HE1  H  N N 245 
PHE HE2  H  N N 246 
PHE HZ   H  N N 247 
PHE HXT  H  N N 248 
PRO N    N  N N 249 
PRO CA   C  N S 250 
PRO C    C  N N 251 
PRO O    O  N N 252 
PRO CB   C  N N 253 
PRO CG   C  N N 254 
PRO CD   C  N N 255 
PRO OXT  O  N N 256 
PRO H    H  N N 257 
PRO HA   H  N N 258 
PRO HB2  H  N N 259 
PRO HB3  H  N N 260 
PRO HG2  H  N N 261 
PRO HG3  H  N N 262 
PRO HD2  H  N N 263 
PRO HD3  H  N N 264 
PRO HXT  H  N N 265 
SER N    N  N N 266 
SER CA   C  N S 267 
SER C    C  N N 268 
SER O    O  N N 269 
SER CB   C  N N 270 
SER OG   O  N N 271 
SER OXT  O  N N 272 
SER H    H  N N 273 
SER H2   H  N N 274 
SER HA   H  N N 275 
SER HB2  H  N N 276 
SER HB3  H  N N 277 
SER HG   H  N N 278 
SER HXT  H  N N 279 
SO4 S    S  N N 280 
SO4 O1   O  N N 281 
SO4 O2   O  N N 282 
SO4 O3   O  N N 283 
SO4 O4   O  N N 284 
THR N    N  N N 285 
THR CA   C  N S 286 
THR C    C  N N 287 
THR O    O  N N 288 
THR CB   C  N R 289 
THR OG1  O  N N 290 
THR CG2  C  N N 291 
THR OXT  O  N N 292 
THR H    H  N N 293 
THR H2   H  N N 294 
THR HA   H  N N 295 
THR HB   H  N N 296 
THR HG1  H  N N 297 
THR HG21 H  N N 298 
THR HG22 H  N N 299 
THR HG23 H  N N 300 
THR HXT  H  N N 301 
TRP N    N  N N 302 
TRP CA   C  N S 303 
TRP C    C  N N 304 
TRP O    O  N N 305 
TRP CB   C  N N 306 
TRP CG   C  Y N 307 
TRP CD1  C  Y N 308 
TRP CD2  C  Y N 309 
TRP NE1  N  Y N 310 
TRP CE2  C  Y N 311 
TRP CE3  C  Y N 312 
TRP CZ2  C  Y N 313 
TRP CZ3  C  Y N 314 
TRP CH2  C  Y N 315 
TRP OXT  O  N N 316 
TRP H    H  N N 317 
TRP H2   H  N N 318 
TRP HA   H  N N 319 
TRP HB2  H  N N 320 
TRP HB3  H  N N 321 
TRP HD1  H  N N 322 
TRP HE1  H  N N 323 
TRP HE3  H  N N 324 
TRP HZ2  H  N N 325 
TRP HZ3  H  N N 326 
TRP HH2  H  N N 327 
TRP HXT  H  N N 328 
TYR N    N  N N 329 
TYR CA   C  N S 330 
TYR C    C  N N 331 
TYR O    O  N N 332 
TYR CB   C  N N 333 
TYR CG   C  Y N 334 
TYR CD1  C  Y N 335 
TYR CD2  C  Y N 336 
TYR CE1  C  Y N 337 
TYR CE2  C  Y N 338 
TYR CZ   C  Y N 339 
TYR OH   O  N N 340 
TYR OXT  O  N N 341 
TYR H    H  N N 342 
TYR H2   H  N N 343 
TYR HA   H  N N 344 
TYR HB2  H  N N 345 
TYR HB3  H  N N 346 
TYR HD1  H  N N 347 
TYR HD2  H  N N 348 
TYR HE1  H  N N 349 
TYR HE2  H  N N 350 
TYR HH   H  N N 351 
TYR HXT  H  N N 352 
VAL N    N  N N 353 
VAL CA   C  N S 354 
VAL C    C  N N 355 
VAL O    O  N N 356 
VAL CB   C  N N 357 
VAL CG1  C  N N 358 
VAL CG2  C  N N 359 
VAL OXT  O  N N 360 
VAL H    H  N N 361 
VAL H2   H  N N 362 
VAL HA   H  N N 363 
VAL HB   H  N N 364 
VAL HG11 H  N N 365 
VAL HG12 H  N N 366 
VAL HG13 H  N N 367 
VAL HG21 H  N N 368 
VAL HG22 H  N N 369 
VAL HG23 H  N N 370 
VAL HXT  H  N N 371 
# 
loop_
_chem_comp_bond.comp_id 
_chem_comp_bond.atom_id_1 
_chem_comp_bond.atom_id_2 
_chem_comp_bond.value_order 
_chem_comp_bond.pdbx_aromatic_flag 
_chem_comp_bond.pdbx_stereo_config 
_chem_comp_bond.pdbx_ordinal 
ALA N   CA   sing N N 1   
ALA N   H    sing N N 2   
ALA N   H2   sing N N 3   
ALA CA  C    sing N N 4   
ALA CA  CB   sing N N 5   
ALA CA  HA   sing N N 6   
ALA C   O    doub N N 7   
ALA C   OXT  sing N N 8   
ALA CB  HB1  sing N N 9   
ALA CB  HB2  sing N N 10  
ALA CB  HB3  sing N N 11  
ALA OXT HXT  sing N N 12  
ARG N   CA   sing N N 13  
ARG N   H    sing N N 14  
ARG N   H2   sing N N 15  
ARG CA  C    sing N N 16  
ARG CA  CB   sing N N 17  
ARG CA  HA   sing N N 18  
ARG C   O    doub N N 19  
ARG C   OXT  sing N N 20  
ARG CB  CG   sing N N 21  
ARG CB  HB2  sing N N 22  
ARG CB  HB3  sing N N 23  
ARG CG  CD   sing N N 24  
ARG CG  HG2  sing N N 25  
ARG CG  HG3  sing N N 26  
ARG CD  NE   sing N N 27  
ARG CD  HD2  sing N N 28  
ARG CD  HD3  sing N N 29  
ARG NE  CZ   sing N N 30  
ARG NE  HE   sing N N 31  
ARG CZ  NH1  sing N N 32  
ARG CZ  NH2  doub N N 33  
ARG NH1 HH11 sing N N 34  
ARG NH1 HH12 sing N N 35  
ARG NH2 HH21 sing N N 36  
ARG NH2 HH22 sing N N 37  
ARG OXT HXT  sing N N 38  
ASN N   CA   sing N N 39  
ASN N   H    sing N N 40  
ASN N   H2   sing N N 41  
ASN CA  C    sing N N 42  
ASN CA  CB   sing N N 43  
ASN CA  HA   sing N N 44  
ASN C   O    doub N N 45  
ASN C   OXT  sing N N 46  
ASN CB  CG   sing N N 47  
ASN CB  HB2  sing N N 48  
ASN CB  HB3  sing N N 49  
ASN CG  OD1  doub N N 50  
ASN CG  ND2  sing N N 51  
ASN ND2 HD21 sing N N 52  
ASN ND2 HD22 sing N N 53  
ASN OXT HXT  sing N N 54  
ASP N   CA   sing N N 55  
ASP N   H    sing N N 56  
ASP N   H2   sing N N 57  
ASP CA  C    sing N N 58  
ASP CA  CB   sing N N 59  
ASP CA  HA   sing N N 60  
ASP C   O    doub N N 61  
ASP C   OXT  sing N N 62  
ASP CB  CG   sing N N 63  
ASP CB  HB2  sing N N 64  
ASP CB  HB3  sing N N 65  
ASP CG  OD1  doub N N 66  
ASP CG  OD2  sing N N 67  
ASP OD2 HD2  sing N N 68  
ASP OXT HXT  sing N N 69  
CYS N   CA   sing N N 70  
CYS N   H    sing N N 71  
CYS N   H2   sing N N 72  
CYS CA  C    sing N N 73  
CYS CA  CB   sing N N 74  
CYS CA  HA   sing N N 75  
CYS C   O    doub N N 76  
CYS C   OXT  sing N N 77  
CYS CB  SG   sing N N 78  
CYS CB  HB2  sing N N 79  
CYS CB  HB3  sing N N 80  
CYS SG  HG   sing N N 81  
CYS OXT HXT  sing N N 82  
GLN N   CA   sing N N 83  
GLN N   H    sing N N 84  
GLN N   H2   sing N N 85  
GLN CA  C    sing N N 86  
GLN CA  CB   sing N N 87  
GLN CA  HA   sing N N 88  
GLN C   O    doub N N 89  
GLN C   OXT  sing N N 90  
GLN CB  CG   sing N N 91  
GLN CB  HB2  sing N N 92  
GLN CB  HB3  sing N N 93  
GLN CG  CD   sing N N 94  
GLN CG  HG2  sing N N 95  
GLN CG  HG3  sing N N 96  
GLN CD  OE1  doub N N 97  
GLN CD  NE2  sing N N 98  
GLN NE2 HE21 sing N N 99  
GLN NE2 HE22 sing N N 100 
GLN OXT HXT  sing N N 101 
GLU N   CA   sing N N 102 
GLU N   H    sing N N 103 
GLU N   H2   sing N N 104 
GLU CA  C    sing N N 105 
GLU CA  CB   sing N N 106 
GLU CA  HA   sing N N 107 
GLU C   O    doub N N 108 
GLU C   OXT  sing N N 109 
GLU CB  CG   sing N N 110 
GLU CB  HB2  sing N N 111 
GLU CB  HB3  sing N N 112 
GLU CG  CD   sing N N 113 
GLU CG  HG2  sing N N 114 
GLU CG  HG3  sing N N 115 
GLU CD  OE1  doub N N 116 
GLU CD  OE2  sing N N 117 
GLU OE2 HE2  sing N N 118 
GLU OXT HXT  sing N N 119 
GLY N   CA   sing N N 120 
GLY N   H    sing N N 121 
GLY N   H2   sing N N 122 
GLY CA  C    sing N N 123 
GLY CA  HA2  sing N N 124 
GLY CA  HA3  sing N N 125 
GLY C   O    doub N N 126 
GLY C   OXT  sing N N 127 
GLY OXT HXT  sing N N 128 
HIS N   CA   sing N N 129 
HIS N   H    sing N N 130 
HIS N   H2   sing N N 131 
HIS CA  C    sing N N 132 
HIS CA  CB   sing N N 133 
HIS CA  HA   sing N N 134 
HIS C   O    doub N N 135 
HIS C   OXT  sing N N 136 
HIS CB  CG   sing N N 137 
HIS CB  HB2  sing N N 138 
HIS CB  HB3  sing N N 139 
HIS CG  ND1  sing Y N 140 
HIS CG  CD2  doub Y N 141 
HIS ND1 CE1  doub Y N 142 
HIS ND1 HD1  sing N N 143 
HIS CD2 NE2  sing Y N 144 
HIS CD2 HD2  sing N N 145 
HIS CE1 NE2  sing Y N 146 
HIS CE1 HE1  sing N N 147 
HIS NE2 HE2  sing N N 148 
HIS OXT HXT  sing N N 149 
HOH O   H1   sing N N 150 
HOH O   H2   sing N N 151 
ILE N   CA   sing N N 152 
ILE N   H    sing N N 153 
ILE N   H2   sing N N 154 
ILE CA  C    sing N N 155 
ILE CA  CB   sing N N 156 
ILE CA  HA   sing N N 157 
ILE C   O    doub N N 158 
ILE C   OXT  sing N N 159 
ILE CB  CG1  sing N N 160 
ILE CB  CG2  sing N N 161 
ILE CB  HB   sing N N 162 
ILE CG1 CD1  sing N N 163 
ILE CG1 HG12 sing N N 164 
ILE CG1 HG13 sing N N 165 
ILE CG2 HG21 sing N N 166 
ILE CG2 HG22 sing N N 167 
ILE CG2 HG23 sing N N 168 
ILE CD1 HD11 sing N N 169 
ILE CD1 HD12 sing N N 170 
ILE CD1 HD13 sing N N 171 
ILE OXT HXT  sing N N 172 
LEU N   CA   sing N N 173 
LEU N   H    sing N N 174 
LEU N   H2   sing N N 175 
LEU CA  C    sing N N 176 
LEU CA  CB   sing N N 177 
LEU CA  HA   sing N N 178 
LEU C   O    doub N N 179 
LEU C   OXT  sing N N 180 
LEU CB  CG   sing N N 181 
LEU CB  HB2  sing N N 182 
LEU CB  HB3  sing N N 183 
LEU CG  CD1  sing N N 184 
LEU CG  CD2  sing N N 185 
LEU CG  HG   sing N N 186 
LEU CD1 HD11 sing N N 187 
LEU CD1 HD12 sing N N 188 
LEU CD1 HD13 sing N N 189 
LEU CD2 HD21 sing N N 190 
LEU CD2 HD22 sing N N 191 
LEU CD2 HD23 sing N N 192 
LEU OXT HXT  sing N N 193 
MET N   CA   sing N N 194 
MET N   H    sing N N 195 
MET N   H2   sing N N 196 
MET CA  C    sing N N 197 
MET CA  CB   sing N N 198 
MET CA  HA   sing N N 199 
MET C   O    doub N N 200 
MET C   OXT  sing N N 201 
MET CB  CG   sing N N 202 
MET CB  HB2  sing N N 203 
MET CB  HB3  sing N N 204 
MET CG  SD   sing N N 205 
MET CG  HG2  sing N N 206 
MET CG  HG3  sing N N 207 
MET SD  CE   sing N N 208 
MET CE  HE1  sing N N 209 
MET CE  HE2  sing N N 210 
MET CE  HE3  sing N N 211 
MET OXT HXT  sing N N 212 
PHE N   CA   sing N N 213 
PHE N   H    sing N N 214 
PHE N   H2   sing N N 215 
PHE CA  C    sing N N 216 
PHE CA  CB   sing N N 217 
PHE CA  HA   sing N N 218 
PHE C   O    doub N N 219 
PHE C   OXT  sing N N 220 
PHE CB  CG   sing N N 221 
PHE CB  HB2  sing N N 222 
PHE CB  HB3  sing N N 223 
PHE CG  CD1  doub Y N 224 
PHE CG  CD2  sing Y N 225 
PHE CD1 CE1  sing Y N 226 
PHE CD1 HD1  sing N N 227 
PHE CD2 CE2  doub Y N 228 
PHE CD2 HD2  sing N N 229 
PHE CE1 CZ   doub Y N 230 
PHE CE1 HE1  sing N N 231 
PHE CE2 CZ   sing Y N 232 
PHE CE2 HE2  sing N N 233 
PHE CZ  HZ   sing N N 234 
PHE OXT HXT  sing N N 235 
PRO N   CA   sing N N 236 
PRO N   CD   sing N N 237 
PRO N   H    sing N N 238 
PRO CA  C    sing N N 239 
PRO CA  CB   sing N N 240 
PRO CA  HA   sing N N 241 
PRO C   O    doub N N 242 
PRO C   OXT  sing N N 243 
PRO CB  CG   sing N N 244 
PRO CB  HB2  sing N N 245 
PRO CB  HB3  sing N N 246 
PRO CG  CD   sing N N 247 
PRO CG  HG2  sing N N 248 
PRO CG  HG3  sing N N 249 
PRO CD  HD2  sing N N 250 
PRO CD  HD3  sing N N 251 
PRO OXT HXT  sing N N 252 
SER N   CA   sing N N 253 
SER N   H    sing N N 254 
SER N   H2   sing N N 255 
SER CA  C    sing N N 256 
SER CA  CB   sing N N 257 
SER CA  HA   sing N N 258 
SER C   O    doub N N 259 
SER C   OXT  sing N N 260 
SER CB  OG   sing N N 261 
SER CB  HB2  sing N N 262 
SER CB  HB3  sing N N 263 
SER OG  HG   sing N N 264 
SER OXT HXT  sing N N 265 
SO4 S   O1   doub N N 266 
SO4 S   O2   doub N N 267 
SO4 S   O3   sing N N 268 
SO4 S   O4   sing N N 269 
THR N   CA   sing N N 270 
THR N   H    sing N N 271 
THR N   H2   sing N N 272 
THR CA  C    sing N N 273 
THR CA  CB   sing N N 274 
THR CA  HA   sing N N 275 
THR C   O    doub N N 276 
THR C   OXT  sing N N 277 
THR CB  OG1  sing N N 278 
THR CB  CG2  sing N N 279 
THR CB  HB   sing N N 280 
THR OG1 HG1  sing N N 281 
THR CG2 HG21 sing N N 282 
THR CG2 HG22 sing N N 283 
THR CG2 HG23 sing N N 284 
THR OXT HXT  sing N N 285 
TRP N   CA   sing N N 286 
TRP N   H    sing N N 287 
TRP N   H2   sing N N 288 
TRP CA  C    sing N N 289 
TRP CA  CB   sing N N 290 
TRP CA  HA   sing N N 291 
TRP C   O    doub N N 292 
TRP C   OXT  sing N N 293 
TRP CB  CG   sing N N 294 
TRP CB  HB2  sing N N 295 
TRP CB  HB3  sing N N 296 
TRP CG  CD1  doub Y N 297 
TRP CG  CD2  sing Y N 298 
TRP CD1 NE1  sing Y N 299 
TRP CD1 HD1  sing N N 300 
TRP CD2 CE2  doub Y N 301 
TRP CD2 CE3  sing Y N 302 
TRP NE1 CE2  sing Y N 303 
TRP NE1 HE1  sing N N 304 
TRP CE2 CZ2  sing Y N 305 
TRP CE3 CZ3  doub Y N 306 
TRP CE3 HE3  sing N N 307 
TRP CZ2 CH2  doub Y N 308 
TRP CZ2 HZ2  sing N N 309 
TRP CZ3 CH2  sing Y N 310 
TRP CZ3 HZ3  sing N N 311 
TRP CH2 HH2  sing N N 312 
TRP OXT HXT  sing N N 313 
TYR N   CA   sing N N 314 
TYR N   H    sing N N 315 
TYR N   H2   sing N N 316 
TYR CA  C    sing N N 317 
TYR CA  CB   sing N N 318 
TYR CA  HA   sing N N 319 
TYR C   O    doub N N 320 
TYR C   OXT  sing N N 321 
TYR CB  CG   sing N N 322 
TYR CB  HB2  sing N N 323 
TYR CB  HB3  sing N N 324 
TYR CG  CD1  doub Y N 325 
TYR CG  CD2  sing Y N 326 
TYR CD1 CE1  sing Y N 327 
TYR CD1 HD1  sing N N 328 
TYR CD2 CE2  doub Y N 329 
TYR CD2 HD2  sing N N 330 
TYR CE1 CZ   doub Y N 331 
TYR CE1 HE1  sing N N 332 
TYR CE2 CZ   sing Y N 333 
TYR CE2 HE2  sing N N 334 
TYR CZ  OH   sing N N 335 
TYR OH  HH   sing N N 336 
TYR OXT HXT  sing N N 337 
VAL N   CA   sing N N 338 
VAL N   H    sing N N 339 
VAL N   H2   sing N N 340 
VAL CA  C    sing N N 341 
VAL CA  CB   sing N N 342 
VAL CA  HA   sing N N 343 
VAL C   O    doub N N 344 
VAL C   OXT  sing N N 345 
VAL CB  CG1  sing N N 346 
VAL CB  CG2  sing N N 347 
VAL CB  HB   sing N N 348 
VAL CG1 HG11 sing N N 349 
VAL CG1 HG12 sing N N 350 
VAL CG1 HG13 sing N N 351 
VAL CG2 HG21 sing N N 352 
VAL CG2 HG22 sing N N 353 
VAL CG2 HG23 sing N N 354 
VAL OXT HXT  sing N N 355 
# 
_atom_sites.entry_id                    2FSX 
_atom_sites.fract_transf_matrix[1][1]   -0.00325946 
_atom_sites.fract_transf_matrix[1][2]   -0.01458015 
_atom_sites.fract_transf_matrix[1][3]   0.01281006 
_atom_sites.fract_transf_matrix[2][1]   -0.01937313 
_atom_sites.fract_transf_matrix[2][2]   0.00166369 
_atom_sites.fract_transf_matrix[2][3]   -0.00303582 
_atom_sites.fract_transf_matrix[3][1]   0.00049717 
_atom_sites.fract_transf_matrix[3][2]   -0.00559040 
_atom_sites.fract_transf_matrix[3][3]   -0.00623637 
_atom_sites.fract_transf_vector[1]      0.146335 
_atom_sites.fract_transf_vector[2]      0.205645 
_atom_sites.fract_transf_vector[3]      0.367644 
# 
loop_
_atom_type.symbol 
BR 
C  
N  
O  
S  
# 
loop_
_atom_site.group_PDB 
_atom_site.id 
_atom_site.type_symbol 
_atom_site.label_atom_id 
_atom_site.label_alt_id 
_atom_site.label_comp_id 
_atom_site.label_asym_id 
_atom_site.label_entity_id 
_atom_site.label_seq_id 
_atom_site.pdbx_PDB_ins_code 
_atom_site.Cartn_x 
_atom_site.Cartn_y 
_atom_site.Cartn_z 
_atom_site.occupancy 
_atom_site.B_iso_or_equiv 
_atom_site.pdbx_formal_charge 
_atom_site.auth_seq_id 
_atom_site.auth_comp_id 
_atom_site.auth_asym_id 
_atom_site.auth_atom_id 
_atom_site.pdbx_PDB_model_num 
ATOM   1    N  N   . SER A 1 2   ? 6.134   4.856   16.449  1.00 21.51 ? 2   SER A N   1 
ATOM   2    C  CA  . SER A 1 2   ? 6.327   6.141   15.709  1.00 20.84 ? 2   SER A CA  1 
ATOM   3    C  C   . SER A 1 2   ? 5.346   6.308   14.538  1.00 18.86 ? 2   SER A C   1 
ATOM   4    O  O   . SER A 1 2   ? 4.657   7.337   14.513  1.00 19.13 ? 2   SER A O   1 
ATOM   5    C  CB  . SER A 1 2   ? 7.763   6.350   15.256  1.00 21.97 ? 2   SER A CB  1 
ATOM   6    O  OG  . SER A 1 2   ? 8.181   5.280   14.400  1.00 24.89 ? 2   SER A OG  1 
ATOM   7    N  N   . TYR A 1 3   ? 5.237   5.349   13.603  1.00 15.34 ? 3   TYR A N   1 
ATOM   8    C  CA  . TYR A 1 3   ? 4.113   5.457   12.635  1.00 12.64 ? 3   TYR A CA  1 
ATOM   9    C  C   . TYR A 1 3   ? 2.758   5.196   13.339  1.00 13.29 ? 3   TYR A C   1 
ATOM   10   O  O   . TYR A 1 3   ? 2.740   4.687   14.478  1.00 12.94 ? 3   TYR A O   1 
ATOM   11   C  CB  . TYR A 1 3   ? 4.303   4.652   11.337  1.00 12.36 ? 3   TYR A CB  1 
ATOM   12   C  CG  . TYR A 1 3   ? 4.178   3.165   11.489  1.00 9.68  ? 3   TYR A CG  1 
ATOM   13   C  CD1 . TYR A 1 3   ? 2.975   2.513   11.236  1.00 9.67  ? 3   TYR A CD1 1 
ATOM   14   C  CD2 . TYR A 1 3   ? 5.264   2.411   11.907  1.00 8.66  ? 3   TYR A CD2 1 
ATOM   15   C  CE1 . TYR A 1 3   ? 2.873   1.130   11.386  1.00 9.81  ? 3   TYR A CE1 1 
ATOM   16   C  CE2 . TYR A 1 3   ? 5.183   1.044   12.068  1.00 7.90  ? 3   TYR A CE2 1 
ATOM   17   C  CZ  . TYR A 1 3   ? 3.996   0.399   11.789  1.00 10.50 ? 3   TYR A CZ  1 
ATOM   18   O  OH  . TYR A 1 3   ? 3.932   -0.970  11.961  1.00 9.20  ? 3   TYR A OH  1 
ATOM   19   N  N   . ALA A 1 4   ? 1.643   5.557   12.695  1.00 11.35 ? 4   ALA A N   1 
ATOM   20   C  CA  . ALA A 1 4   ? 0.379   5.691   13.423  1.00 11.48 ? 4   ALA A CA  1 
ATOM   21   C  C   . ALA A 1 4   ? -0.236  4.349   13.808  1.00 11.70 ? 4   ALA A C   1 
ATOM   22   O  O   . ALA A 1 4   ? -0.880  4.230   14.858  1.00 12.22 ? 4   ALA A O   1 
ATOM   23   C  CB  . ALA A 1 4   ? -0.602  6.520   12.641  1.00 11.67 ? 4   ALA A CB  1 
ATOM   24   N  N   . GLY A 1 5   ? -0.044  3.332   12.976  1.00 11.33 ? 5   GLY A N   1 
ATOM   25   C  CA  . GLY A 1 5   ? -0.627  2.038   13.310  1.00 10.83 ? 5   GLY A CA  1 
ATOM   26   C  C   . GLY A 1 5   ? -0.590  1.060   12.164  1.00 10.16 ? 5   GLY A C   1 
ATOM   27   O  O   . GLY A 1 5   ? -0.358  1.442   11.009  1.00 9.60  ? 5   GLY A O   1 
ATOM   28   N  N   . ASP A 1 6   ? -0.759  -0.209  12.519  1.00 9.69  ? 6   ASP A N   1 
ATOM   29   C  CA  . ASP A 1 6   ? -1.011  -1.269  11.557  1.00 9.66  ? 6   ASP A CA  1 
ATOM   30   C  C   . ASP A 1 6   ? -2.519  -1.455  11.471  1.00 9.22  ? 6   ASP A C   1 
ATOM   31   O  O   . ASP A 1 6   ? -3.201  -1.498  12.507  1.00 9.47  ? 6   ASP A O   1 
ATOM   32   C  CB  . ASP A 1 6   ? -0.433  -2.588  12.034  1.00 9.46  ? 6   ASP A CB  1 
ATOM   33   C  CG  . ASP A 1 6   ? 1.069   -2.557  12.143  1.00 11.31 ? 6   ASP A CG  1 
ATOM   34   O  OD1 . ASP A 1 6   ? 1.739   -2.072  11.206  1.00 9.17  ? 6   ASP A OD1 1 
ATOM   35   O  OD2 . ASP A 1 6   ? 1.556   -2.999  13.196  1.00 11.75 ? 6   ASP A OD2 1 
ATOM   36   N  N   . ILE A 1 7   ? -3.018  -1.563  10.250  1.00 8.59  ? 7   ILE A N   1 
ATOM   37   C  CA  . ILE A 1 7   ? -4.431  -1.816  10.004  1.00 8.04  ? 7   ILE A CA  1 
ATOM   38   C  C   . ILE A 1 7   ? -4.568  -2.975  9.011   1.00 8.15  ? 7   ILE A C   1 
ATOM   39   O  O   . ILE A 1 7   ? -3.714  -3.191  8.144   1.00 8.83  ? 7   ILE A O   1 
ATOM   40   C  CB  . ILE A 1 7   ? -5.159  -0.540  9.516   1.00 8.19  ? 7   ILE A CB  1 
ATOM   41   C  CG1 . ILE A 1 7   ? -4.548  -0.051  8.195   1.00 8.06  ? 7   ILE A CG1 1 
ATOM   42   C  CG2 . ILE A 1 7   ? -5.101  0.572   10.602  1.00 7.62  ? 7   ILE A CG2 1 
ATOM   43   C  CD1 . ILE A 1 7   ? -5.190  1.207   7.614   1.00 7.35  ? 7   ILE A CD1 1 
ATOM   44   N  N   . THR A 1 8   ? -5.644  -3.734  9.138   1.00 7.92  ? 8   THR A N   1 
ATOM   45   C  CA  . THR A 1 8   ? -5.865  -4.866  8.239   1.00 7.19  ? 8   THR A CA  1 
ATOM   46   C  C   . THR A 1 8   ? -6.398  -4.326  6.896   1.00 7.27  ? 8   THR A C   1 
ATOM   47   O  O   . THR A 1 8   ? -6.789  -3.162  6.817   1.00 6.77  ? 8   THR A O   1 
ATOM   48   C  CB  . THR A 1 8   ? -6.888  -5.865  8.817   1.00 8.15  ? 8   THR A CB  1 
ATOM   49   O  OG1 . THR A 1 8   ? -8.203  -5.278  8.801   1.00 7.77  ? 8   THR A OG1 1 
ATOM   50   C  CG2 . THR A 1 8   ? -6.523  -6.264  10.228  1.00 7.32  ? 8   THR A CG2 1 
ATOM   51   N  N   . PRO A 1 9   ? -6.368  -5.153  5.834   1.00 7.56  ? 9   PRO A N   1 
ATOM   52   C  CA  . PRO A 1 9   ? -6.914  -4.706  4.538   1.00 7.05  ? 9   PRO A CA  1 
ATOM   53   C  C   . PRO A 1 9   ? -8.354  -4.137  4.622   1.00 6.68  ? 9   PRO A C   1 
ATOM   54   O  O   . PRO A 1 9   ? -8.607  -3.037  4.099   1.00 7.00  ? 9   PRO A O   1 
ATOM   55   C  CB  . PRO A 1 9   ? -6.828  -5.982  3.680   1.00 7.20  ? 9   PRO A CB  1 
ATOM   56   C  CG  . PRO A 1 9   ? -5.597  -6.655  4.215   1.00 6.99  ? 9   PRO A CG  1 
ATOM   57   C  CD  . PRO A 1 9   ? -5.766  -6.499  5.725   1.00 7.77  ? 9   PRO A CD  1 
ATOM   58   N  N   . LEU A 1 10  ? -9.273  -4.841  5.283   1.00 6.48  ? 10  LEU A N   1 
ATOM   59   C  CA  . LEU A 1 10  ? -10.654 -4.295  5.393   1.00 6.59  ? 10  LEU A CA  1 
ATOM   60   C  C   . LEU A 1 10  ? -10.696 -2.976  6.184   1.00 7.30  ? 10  LEU A C   1 
ATOM   61   O  O   . LEU A 1 10  ? -11.482 -2.068  5.848   1.00 6.59  ? 10  LEU A O   1 
ATOM   62   C  CB  . LEU A 1 10  ? -11.650 -5.305  5.971   1.00 6.79  ? 10  LEU A CB  1 
ATOM   63   C  CG  . LEU A 1 10  ? -11.966 -6.557  5.146   1.00 7.08  ? 10  LEU A CG  1 
ATOM   64   C  CD1 . LEU A 1 10  ? -13.059 -7.436  5.775   1.00 7.92  ? 10  LEU A CD1 1 
ATOM   65   C  CD2 . LEU A 1 10  ? -12.398 -6.198  3.695   1.00 8.36  ? 10  LEU A CD2 1 
ATOM   66   N  N   . GLN A 1 11  ? -9.865  -2.860  7.233   1.00 6.83  ? 11  GLN A N   1 
ATOM   67   C  CA  . GLN A 1 11  ? -9.772  -1.601  7.987   1.00 7.09  ? 11  GLN A CA  1 
ATOM   68   C  C   . GLN A 1 11  ? -9.232  -0.460  7.100   1.00 7.96  ? 11  GLN A C   1 
ATOM   69   O  O   . GLN A 1 11  ? -9.691  0.669   7.202   1.00 8.83  ? 11  GLN A O   1 
ATOM   70   C  CB  . GLN A 1 11  ? -8.879  -1.760  9.230   1.00 6.79  ? 11  GLN A CB  1 
ATOM   71   C  CG  . GLN A 1 11  ? -9.540  -2.601  10.336  1.00 7.46  ? 11  GLN A CG  1 
ATOM   72   C  CD  . GLN A 1 11  ? -8.621  -2.886  11.514  1.00 5.89  ? 11  GLN A CD  1 
ATOM   73   O  OE1 . GLN A 1 11  ? -7.398  -2.905  11.370  1.00 6.24  ? 11  GLN A OE1 1 
ATOM   74   N  NE2 . GLN A 1 11  ? -9.209  -3.104  12.689  1.00 7.32  ? 11  GLN A NE2 1 
ATOM   75   N  N   . ALA A 1 12  ? -8.264  -0.769  6.243   1.00 7.54  ? 12  ALA A N   1 
ATOM   76   C  CA  . ALA A 1 12  ? -7.751  0.209   5.283   1.00 7.56  ? 12  ALA A CA  1 
ATOM   77   C  C   . ALA A 1 12  ? -8.862  0.680   4.334   1.00 7.13  ? 12  ALA A C   1 
ATOM   78   O  O   . ALA A 1 12  ? -9.007  1.883   4.061   1.00 6.82  ? 12  ALA A O   1 
ATOM   79   C  CB  . ALA A 1 12  ? -6.585  -0.389  4.475   1.00 6.74  ? 12  ALA A CB  1 
ATOM   80   N  N   . TRP A 1 13  ? -9.631  -0.267  3.795   1.00 6.76  ? 13  TRP A N   1 
ATOM   81   C  CA  . TRP A 1 13  ? -10.753 0.105   2.936   1.00 6.29  ? 13  TRP A CA  1 
ATOM   82   C  C   . TRP A 1 13  ? -11.736 1.001   3.687   1.00 6.20  ? 13  TRP A C   1 
ATOM   83   O  O   . TRP A 1 13  ? -12.145 2.033   3.178   1.00 5.67  ? 13  TRP A O   1 
ATOM   84   C  CB  . TRP A 1 13  ? -11.502 -1.112  2.381   1.00 5.63  ? 13  TRP A CB  1 
ATOM   85   C  CG  . TRP A 1 13  ? -12.561 -0.626  1.446   1.00 7.35  ? 13  TRP A CG  1 
ATOM   86   C  CD1 . TRP A 1 13  ? -13.853 -0.281  1.743   1.00 7.05  ? 13  TRP A CD1 1 
ATOM   87   C  CD2 . TRP A 1 13  ? -12.381 -0.372  0.057   1.00 7.50  ? 13  TRP A CD2 1 
ATOM   88   N  NE1 . TRP A 1 13  ? -14.500 0.170   0.615   1.00 5.86  ? 13  TRP A NE1 1 
ATOM   89   C  CE2 . TRP A 1 13  ? -13.620 0.120   -0.441  1.00 7.48  ? 13  TRP A CE2 1 
ATOM   90   C  CE3 . TRP A 1 13  ? -11.293 -0.537  -0.827  1.00 6.78  ? 13  TRP A CE3 1 
ATOM   91   C  CZ2 . TRP A 1 13  ? -13.799 0.475   -1.788  1.00 7.02  ? 13  TRP A CZ2 1 
ATOM   92   C  CZ3 . TRP A 1 13  ? -11.468 -0.202  -2.179  1.00 7.88  ? 13  TRP A CZ3 1 
ATOM   93   C  CH2 . TRP A 1 13  ? -12.711 0.314   -2.641  1.00 7.21  ? 13  TRP A CH2 1 
ATOM   94   N  N   . GLU A 1 14  ? -12.090 0.607   4.910   1.00 5.96  ? 14  GLU A N   1 
ATOM   95   C  CA  . GLU A 1 14  ? -13.024 1.367   5.703   1.00 7.93  ? 14  GLU A CA  1 
ATOM   96   C  C   . GLU A 1 14  ? -12.470 2.782   5.918   1.00 7.51  ? 14  GLU A C   1 
ATOM   97   O  O   . GLU A 1 14  ? -13.192 3.772   5.779   1.00 7.18  ? 14  GLU A O   1 
ATOM   98   C  CB  . GLU A 1 14  ? -13.267 0.682   7.047   1.00 8.28  ? 14  GLU A CB  1 
ATOM   99   C  CG  . GLU A 1 14  ? -14.284 1.416   7.933   1.00 15.22 ? 14  GLU A CG  1 
ATOM   100  C  CD  . GLU A 1 14  ? -14.944 0.496   8.955   1.00 24.03 ? 14  GLU A CD  1 
ATOM   101  O  OE1 . GLU A 1 14  ? -14.472 -0.671  9.110   1.00 26.03 ? 14  GLU A OE1 1 
ATOM   102  O  OE2 . GLU A 1 14  ? -15.935 0.944   9.603   1.00 25.52 ? 14  GLU A OE2 1 
ATOM   103  N  N   . MET A 1 15  ? -11.193 2.868   6.264   1.00 7.62  ? 15  MET A N   1 
ATOM   104  C  CA  . MET A 1 15  ? -10.601 4.189   6.509   1.00 8.60  ? 15  MET A CA  1 
ATOM   105  C  C   . MET A 1 15  ? -10.668 5.059   5.243   1.00 7.52  ? 15  MET A C   1 
ATOM   106  O  O   . MET A 1 15  ? -11.020 6.244   5.323   1.00 8.75  ? 15  MET A O   1 
ATOM   107  C  CB  . MET A 1 15  ? -9.171  4.048   7.043   1.00 7.81  ? 15  MET A CB  1 
ATOM   108  C  CG  . MET A 1 15  ? -8.505  5.369   7.371   1.00 10.24 ? 15  MET A CG  1 
ATOM   109  S  SD  . MET A 1 15  ? -6.831  5.127   8.012   1.00 14.05 ? 15  MET A SD  1 
ATOM   110  C  CE  . MET A 1 15  ? -7.153  4.210   9.518   1.00 15.55 ? 15  MET A CE  1 
ATOM   111  N  N   . LEU A 1 16  ? -10.386 4.477   4.075   1.00 6.98  ? 16  LEU A N   1 
ATOM   112  C  CA  . LEU A 1 16  ? -10.441 5.236   2.818   1.00 7.56  ? 16  LEU A CA  1 
ATOM   113  C  C   . LEU A 1 16  ? -11.874 5.711   2.541   1.00 8.12  ? 16  LEU A C   1 
ATOM   114  O  O   . LEU A 1 16  ? -12.123 6.833   2.087   1.00 8.41  ? 16  LEU A O   1 
ATOM   115  C  CB  . LEU A 1 16  ? -9.959  4.365   1.663   1.00 6.48  ? 16  LEU A CB  1 
ATOM   116  C  CG  . LEU A 1 16  ? -8.442  4.103   1.631   1.00 7.12  ? 16  LEU A CG  1 
ATOM   117  C  CD1 . LEU A 1 16  ? -8.150  2.924   0.711   1.00 9.24  ? 16  LEU A CD1 1 
ATOM   118  C  CD2 . LEU A 1 16  ? -7.679  5.336   1.188   1.00 8.19  ? 16  LEU A CD2 1 
ATOM   119  N  N   . SER A 1 17  ? -12.811 4.812   2.792   1.00 8.85  ? 17  SER A N   1 
ATOM   120  C  CA  A SER A 1 17  ? -14.216 5.077   2.510   0.50 9.30  ? 17  SER A CA  1 
ATOM   121  C  CA  B SER A 1 17  ? -14.222 5.056   2.518   0.50 9.20  ? 17  SER A CA  1 
ATOM   122  C  C   . SER A 1 17  ? -14.820 6.117   3.457   1.00 9.84  ? 17  SER A C   1 
ATOM   123  O  O   . SER A 1 17  ? -15.801 6.798   3.086   1.00 10.99 ? 17  SER A O   1 
ATOM   124  C  CB  A SER A 1 17  ? -15.013 3.775   2.580   0.50 9.31  ? 17  SER A CB  1 
ATOM   125  C  CB  B SER A 1 17  ? -14.993 3.720   2.583   0.50 9.13  ? 17  SER A CB  1 
ATOM   126  O  OG  A SER A 1 17  ? -15.079 3.340   3.924   0.50 9.49  ? 17  SER A OG  1 
ATOM   127  O  OG  B SER A 1 17  ? -16.325 3.831   2.112   0.50 8.72  ? 17  SER A OG  1 
ATOM   128  N  N   . ASP A 1 18  ? -14.250 6.259   4.660   1.00 9.31  ? 18  ASP A N   1 
ATOM   129  C  CA  . ASP A 1 18  ? -14.759 7.209   5.696   1.00 11.03 ? 18  ASP A CA  1 
ATOM   130  C  C   . ASP A 1 18  ? -14.133 8.596   5.589   1.00 11.11 ? 18  ASP A C   1 
ATOM   131  O  O   . ASP A 1 18  ? -14.584 9.546   6.250   1.00 11.35 ? 18  ASP A O   1 
ATOM   132  C  CB  . ASP A 1 18  ? -14.468 6.684   7.112   1.00 10.67 ? 18  ASP A CB  1 
ATOM   133  C  CG  . ASP A 1 18  ? -15.293 5.462   7.483   1.00 16.72 ? 18  ASP A CG  1 
ATOM   134  O  OD1 . ASP A 1 18  ? -16.337 5.251   6.855   1.00 21.14 ? 18  ASP A OD1 1 
ATOM   135  O  OD2 . ASP A 1 18  ? -14.873 4.707   8.400   1.00 20.82 ? 18  ASP A OD2 1 
ATOM   136  N  N   . ASN A 1 19  ? -13.071 8.694   4.794   1.00 11.56 ? 19  ASN A N   1 
ATOM   137  C  CA  . ASN A 1 19  ? -12.241 9.893   4.715   1.00 12.80 ? 19  ASN A CA  1 
ATOM   138  C  C   . ASN A 1 19  ? -11.891 10.209  3.262   1.00 13.15 ? 19  ASN A C   1 
ATOM   139  O  O   . ASN A 1 19  ? -10.916 9.650   2.721   1.00 12.72 ? 19  ASN A O   1 
ATOM   140  C  CB  . ASN A 1 19  ? -10.936 9.669   5.491   1.00 13.54 ? 19  ASN A CB  1 
ATOM   141  C  CG  . ASN A 1 19  ? -11.145 9.452   6.995   1.00 17.01 ? 19  ASN A CG  1 
ATOM   142  O  OD1 . ASN A 1 19  ? -11.453 10.404  7.724   1.00 20.45 ? 19  ASN A OD1 1 
ATOM   143  N  ND2 . ASN A 1 19  ? -10.923 8.219   7.476   1.00 17.09 ? 19  ASN A ND2 1 
ATOM   144  N  N   . PRO A 1 20  ? -12.682 11.082  2.611   1.00 13.15 ? 20  PRO A N   1 
ATOM   145  C  CA  . PRO A 1 20  ? -12.478 11.422  1.195   1.00 13.28 ? 20  PRO A CA  1 
ATOM   146  C  C   . PRO A 1 20  ? -11.071 11.880  0.822   1.00 13.13 ? 20  PRO A C   1 
ATOM   147  O  O   . PRO A 1 20  ? -10.656 11.679  -0.317  1.00 12.85 ? 20  PRO A O   1 
ATOM   148  C  CB  . PRO A 1 20  ? -13.472 12.552  0.962   1.00 14.04 ? 20  PRO A CB  1 
ATOM   149  C  CG  . PRO A 1 20  ? -14.580 12.235  1.921   1.00 14.60 ? 20  PRO A CG  1 
ATOM   150  C  CD  . PRO A 1 20  ? -13.862 11.781  3.164   1.00 13.67 ? 20  PRO A CD  1 
ATOM   151  N  N   . ARG A 1 21  ? -10.351 12.465  1.772   1.00 12.72 ? 21  ARG A N   1 
ATOM   152  C  CA  . ARG A 1 21  ? -8.978  12.914  1.548   1.00 13.28 ? 21  ARG A CA  1 
ATOM   153  C  C   . ARG A 1 21  ? -7.916  11.911  1.971   1.00 12.30 ? 21  ARG A C   1 
ATOM   154  O  O   . ARG A 1 21  ? -6.726  12.172  1.788   1.00 12.10 ? 21  ARG A O   1 
ATOM   155  C  CB  . ARG A 1 21  ? -8.717  14.243  2.250   1.00 14.76 ? 21  ARG A CB  1 
ATOM   156  C  CG  . ARG A 1 21  ? -9.808  15.274  1.995   1.00 18.49 ? 21  ARG A CG  1 
ATOM   157  C  CD  . ARG A 1 21  ? -9.327  16.666  2.322   1.00 26.58 ? 21  ARG A CD  1 
ATOM   158  N  NE  . ARG A 1 21  ? -9.085  16.909  3.751   1.00 31.58 ? 21  ARG A NE  1 
ATOM   159  C  CZ  . ARG A 1 21  ? -7.886  16.893  4.338   1.00 32.98 ? 21  ARG A CZ  1 
ATOM   160  N  NH1 . ARG A 1 21  ? -6.794  16.612  3.629   1.00 33.23 ? 21  ARG A NH1 1 
ATOM   161  N  NH2 . ARG A 1 21  ? -7.779  17.162  5.639   1.00 34.78 ? 21  ARG A NH2 1 
ATOM   162  N  N   . ALA A 1 22  ? -8.316  10.771  2.522   1.00 10.79 ? 22  ALA A N   1 
ATOM   163  C  CA  . ALA A 1 22  ? -7.320  9.719   2.817   1.00 10.05 ? 22  ALA A CA  1 
ATOM   164  C  C   . ALA A 1 22  ? -6.680  9.191   1.525   1.00 10.19 ? 22  ALA A C   1 
ATOM   165  O  O   . ALA A 1 22  ? -7.338  9.122   0.477   1.00 8.93  ? 22  ALA A O   1 
ATOM   166  C  CB  . ALA A 1 22  ? -7.937  8.584   3.620   1.00 9.62  ? 22  ALA A CB  1 
ATOM   167  N  N   . VAL A 1 23  ? -5.414  8.783   1.617   1.00 8.40  ? 23  VAL A N   1 
ATOM   168  C  CA  . VAL A 1 23  ? -4.618  8.454   0.439   1.00 9.34  ? 23  VAL A CA  1 
ATOM   169  C  C   . VAL A 1 23  ? -4.115  7.020   0.584   1.00 9.24  ? 23  VAL A C   1 
ATOM   170  O  O   . VAL A 1 23  ? -3.581  6.669   1.654   1.00 8.96  ? 23  VAL A O   1 
ATOM   171  C  CB  . VAL A 1 23  ? -3.364  9.434   0.311   1.00 9.41  ? 23  VAL A CB  1 
ATOM   172  C  CG1 . VAL A 1 23  ? -2.458  9.034   -0.860  1.00 11.69 ? 23  VAL A CG1 1 
ATOM   173  C  CG2 . VAL A 1 23  ? -3.799  10.914  0.222   1.00 11.33 ? 23  VAL A CG2 1 
ATOM   174  N  N   . LEU A 1 24  ? -4.302  6.192   -0.454  1.00 7.14  ? 24  LEU A N   1 
ATOM   175  C  CA  . LEU A 1 24  ? -3.650  4.865   -0.469  1.00 6.87  ? 24  LEU A CA  1 
ATOM   176  C  C   . LEU A 1 24  ? -2.379  4.966   -1.312  1.00 6.89  ? 24  LEU A C   1 
ATOM   177  O  O   . LEU A 1 24  ? -2.454  5.407   -2.485  1.00 7.50  ? 24  LEU A O   1 
ATOM   178  C  CB  . LEU A 1 24  ? -4.580  3.781   -1.049  1.00 6.38  ? 24  LEU A CB  1 
ATOM   179  C  CG  . LEU A 1 24  ? -3.955  2.371   -1.114  1.00 5.67  ? 24  LEU A CG  1 
ATOM   180  C  CD1 . LEU A 1 24  ? -3.680  1.849   0.306   1.00 5.74  ? 24  LEU A CD1 1 
ATOM   181  C  CD2 . LEU A 1 24  ? -4.898  1.462   -1.837  1.00 5.75  ? 24  LEU A CD2 1 
ATOM   182  N  N   . VAL A 1 25  ? -1.234  4.607   -0.725  1.00 6.19  ? 25  VAL A N   1 
ATOM   183  C  CA  . VAL A 1 25  ? 0.038   4.645   -1.458  1.00 7.05  ? 25  VAL A CA  1 
ATOM   184  C  C   . VAL A 1 25  ? 0.516   3.225   -1.649  1.00 6.44  ? 25  VAL A C   1 
ATOM   185  O  O   . VAL A 1 25  ? 0.849   2.546   -0.677  1.00 5.90  ? 25  VAL A O   1 
ATOM   186  C  CB  . VAL A 1 25  ? 1.133   5.464   -0.720  1.00 7.58  ? 25  VAL A CB  1 
ATOM   187  C  CG1 . VAL A 1 25  ? 2.394   5.620   -1.628  1.00 8.15  ? 25  VAL A CG1 1 
ATOM   188  C  CG2 . VAL A 1 25  ? 0.598   6.845   -0.306  1.00 7.89  ? 25  VAL A CG2 1 
ATOM   189  N  N   . ASP A 1 26  ? 0.526   2.767   -2.900  1.00 6.91  ? 26  ASP A N   1 
ATOM   190  C  CA  . ASP A 1 26  ? 0.998   1.430   -3.252  1.00 6.74  ? 26  ASP A CA  1 
ATOM   191  C  C   . ASP A 1 26  ? 2.502   1.577   -3.493  1.00 7.21  ? 26  ASP A C   1 
ATOM   192  O  O   . ASP A 1 26  ? 2.933   2.212   -4.492  1.00 7.43  ? 26  ASP A O   1 
ATOM   193  C  CB  . ASP A 1 26  ? 0.260   0.966   -4.524  1.00 6.82  ? 26  ASP A CB  1 
ATOM   194  C  CG  . ASP A 1 26  ? 0.560   -0.486  -4.912  1.00 8.81  ? 26  ASP A CG  1 
ATOM   195  O  OD1 . ASP A 1 26  ? 1.652   -1.031  -4.612  1.00 8.40  ? 26  ASP A OD1 1 
ATOM   196  O  OD2 . ASP A 1 26  ? -0.332  -1.092  -5.557  1.00 10.38 ? 26  ASP A OD2 1 
ATOM   197  N  N   . VAL A 1 27  ? 3.302   0.995   -2.591  1.00 7.48  ? 27  VAL A N   1 
ATOM   198  C  CA  . VAL A 1 27  ? 4.750   1.175   -2.659  1.00 7.54  ? 27  VAL A CA  1 
ATOM   199  C  C   . VAL A 1 27  ? 5.505   -0.033  -3.200  1.00 7.46  ? 27  VAL A C   1 
ATOM   200  O  O   . VAL A 1 27  ? 6.731   -0.118  -3.097  1.00 7.99  ? 27  VAL A O   1 
ATOM   201  C  CB  . VAL A 1 27  ? 5.378   1.719   -1.322  1.00 8.01  ? 27  VAL A CB  1 
ATOM   202  C  CG1 . VAL A 1 27  ? 4.714   3.035   -0.948  1.00 8.58  ? 27  VAL A CG1 1 
ATOM   203  C  CG2 . VAL A 1 27  ? 5.204   0.720   -0.186  1.00 8.52  ? 27  VAL A CG2 1 
ATOM   204  N  N   . ARG A 1 28  ? 4.769   -0.956  -3.824  1.00 7.45  ? 28  ARG A N   1 
ATOM   205  C  CA  . ARG A 1 28  ? 5.396   -2.120  -4.451  1.00 7.32  ? 28  ARG A CA  1 
ATOM   206  C  C   . ARG A 1 28  ? 6.183   -1.696  -5.667  1.00 7.75  ? 28  ARG A C   1 
ATOM   207  O  O   . ARG A 1 28  ? 6.035   -0.559  -6.154  1.00 6.52  ? 28  ARG A O   1 
ATOM   208  C  CB  . ARG A 1 28  ? 4.320   -3.143  -4.839  1.00 7.04  ? 28  ARG A CB  1 
ATOM   209  C  CG  . ARG A 1 28  ? 3.553   -3.667  -3.592  1.00 5.19  ? 28  ARG A CG  1 
ATOM   210  C  CD  . ARG A 1 28  ? 2.393   -4.597  -4.010  1.00 8.45  ? 28  ARG A CD  1 
ATOM   211  N  NE  . ARG A 1 28  ? 1.406   -3.847  -4.790  1.00 9.77  ? 28  ARG A NE  1 
ATOM   212  C  CZ  . ARG A 1 28  ? 0.715   -4.344  -5.821  1.00 10.23 ? 28  ARG A CZ  1 
ATOM   213  N  NH1 . ARG A 1 28  ? 0.904   -5.604  -6.229  1.00 8.77  ? 28  ARG A NH1 1 
ATOM   214  N  NH2 . ARG A 1 28  ? -0.126  -3.553  -6.481  1.00 7.88  ? 28  ARG A NH2 1 
ATOM   215  N  N   . CYS A 1 29  ? 7.015   -2.591  -6.184  1.00 9.17  ? 29  CYS A N   1 
ATOM   216  C  CA  . CYS A 1 29  ? 7.760   -2.242  -7.379  1.00 8.80  ? 29  CYS A CA  1 
ATOM   217  C  C   . CYS A 1 29  ? 6.884   -2.315  -8.633  1.00 9.06  ? 29  CYS A C   1 
ATOM   218  O  O   . CYS A 1 29  ? 5.817   -2.949  -8.636  1.00 8.64  ? 29  CYS A O   1 
ATOM   219  C  CB  . CYS A 1 29  ? 8.990   -3.124  -7.518  1.00 9.81  ? 29  CYS A CB  1 
ATOM   220  S  SG  . CYS A 1 29  ? 8.612   -4.838  -7.838  1.00 11.16 ? 29  CYS A SG  1 
ATOM   221  N  N   . GLU A 1 30  ? 7.350   -1.655  -9.692  1.00 8.67  ? 30  GLU A N   1 
ATOM   222  C  CA  . GLU A 1 30  ? 6.625   -1.610  -10.947 1.00 10.36 ? 30  GLU A CA  1 
ATOM   223  C  C   . GLU A 1 30  ? 6.302   -3.032  -11.453 1.00 8.68  ? 30  GLU A C   1 
ATOM   224  O  O   . GLU A 1 30  ? 5.215   -3.263  -11.999 1.00 8.42  ? 30  GLU A O   1 
ATOM   225  C  CB  . GLU A 1 30  ? 7.409   -0.812  -11.981 1.00 9.94  ? 30  GLU A CB  1 
ATOM   226  C  CG  . GLU A 1 30  ? 6.746   -0.777  -13.355 1.00 14.58 ? 30  GLU A CG  1 
ATOM   227  C  CD  . GLU A 1 30  ? 7.387   0.263   -14.291 1.00 16.40 ? 30  GLU A CD  1 
ATOM   228  O  OE1 . GLU A 1 30  ? 8.375   0.932   -13.893 1.00 24.43 ? 30  GLU A OE1 1 
ATOM   229  O  OE2 . GLU A 1 30  ? 6.876   0.414   -15.430 1.00 26.85 ? 30  GLU A OE2 1 
ATOM   230  N  N   . ALA A 1 31  ? 7.204   -3.989  -11.229 1.00 7.30  ? 31  ALA A N   1 
ATOM   231  C  CA  . ALA A 1 31  ? 6.941   -5.350  -11.723 1.00 7.17  ? 31  ALA A CA  1 
ATOM   232  C  C   . ALA A 1 31  ? 5.728   -5.953  -11.030 1.00 8.17  ? 31  ALA A C   1 
ATOM   233  O  O   . ALA A 1 31  ? 4.937   -6.664  -11.667 1.00 6.80  ? 31  ALA A O   1 
ATOM   234  C  CB  . ALA A 1 31  ? 8.151   -6.248  -11.576 1.00 7.51  ? 31  ALA A CB  1 
ATOM   235  N  N   . GLU A 1 32  ? 5.555   -5.678  -9.735  1.00 6.84  ? 32  GLU A N   1 
ATOM   236  C  CA  . GLU A 1 32  ? 4.356   -6.179  -9.058  1.00 8.94  ? 32  GLU A CA  1 
ATOM   237  C  C   . GLU A 1 32  ? 3.090   -5.483  -9.534  1.00 8.54  ? 32  GLU A C   1 
ATOM   238  O  O   . GLU A 1 32  ? 2.091   -6.141  -9.787  1.00 8.74  ? 32  GLU A O   1 
ATOM   239  C  CB  . GLU A 1 32  ? 4.489   -6.088  -7.526  1.00 9.79  ? 32  GLU A CB  1 
ATOM   240  C  CG  . GLU A 1 32  ? 5.368   -7.243  -6.999  1.00 11.84 ? 32  GLU A CG  1 
ATOM   241  C  CD  . GLU A 1 32  ? 5.598   -7.251  -5.487  1.00 13.11 ? 32  GLU A CD  1 
ATOM   242  O  OE1 . GLU A 1 32  ? 5.053   -6.399  -4.776  1.00 15.91 ? 32  GLU A OE1 1 
ATOM   243  O  OE2 . GLU A 1 32  ? 6.339   -8.155  -5.025  1.00 16.95 ? 32  GLU A OE2 1 
ATOM   244  N  N   . TRP A 1 33  ? 3.123   -4.153  -9.672  1.00 8.09  ? 33  TRP A N   1 
ATOM   245  C  CA  . TRP A 1 33  ? 1.954   -3.449  -10.234 1.00 8.44  ? 33  TRP A CA  1 
ATOM   246  C  C   . TRP A 1 33  ? 1.536   -4.084  -11.562 1.00 8.03  ? 33  TRP A C   1 
ATOM   247  O  O   . TRP A 1 33  ? 0.359   -4.317  -11.809 1.00 9.46  ? 33  TRP A O   1 
ATOM   248  C  CB  . TRP A 1 33  ? 2.240   -1.956  -10.477 1.00 8.34  ? 33  TRP A CB  1 
ATOM   249  C  CG  . TRP A 1 33  ? 2.710   -1.178  -9.287  1.00 7.33  ? 33  TRP A CG  1 
ATOM   250  C  CD1 . TRP A 1 33  ? 2.441   -1.415  -7.977  1.00 8.10  ? 33  TRP A CD1 1 
ATOM   251  C  CD2 . TRP A 1 33  ? 3.529   0.001   -9.333  1.00 6.50  ? 33  TRP A CD2 1 
ATOM   252  N  NE1 . TRP A 1 33  ? 3.086   -0.453  -7.176  1.00 8.84  ? 33  TRP A NE1 1 
ATOM   253  C  CE2 . TRP A 1 33  ? 3.730   0.431   -7.995  1.00 7.74  ? 33  TRP A CE2 1 
ATOM   254  C  CE3 . TRP A 1 33  ? 4.110   0.741   -10.382 1.00 8.92  ? 33  TRP A CE3 1 
ATOM   255  C  CZ2 . TRP A 1 33  ? 4.516   1.544   -7.681  1.00 8.49  ? 33  TRP A CZ2 1 
ATOM   256  C  CZ3 . TRP A 1 33  ? 4.864   1.857   -10.077 1.00 8.41  ? 33  TRP A CZ3 1 
ATOM   257  C  CH2 . TRP A 1 33  ? 5.069   2.247   -8.740  1.00 8.54  ? 33  TRP A CH2 1 
ATOM   258  N  N   . ARG A 1 34  ? 2.515   -4.350  -12.415 1.00 7.91  ? 34  ARG A N   1 
ATOM   259  C  CA  . ARG A 1 34  ? 2.262   -4.855  -13.756 1.00 6.91  ? 34  ARG A CA  1 
ATOM   260  C  C   . ARG A 1 34  ? 1.800   -6.329  -13.795 1.00 7.34  ? 34  ARG A C   1 
ATOM   261  O  O   . ARG A 1 34  ? 0.783   -6.656  -14.421 1.00 7.52  ? 34  ARG A O   1 
ATOM   262  C  CB  . ARG A 1 34  ? 3.514   -4.659  -14.623 1.00 6.81  ? 34  ARG A CB  1 
ATOM   263  C  CG  . ARG A 1 34  ? 3.386   -5.205  -16.053 1.00 9.59  ? 34  ARG A CG  1 
ATOM   264  C  CD  . ARG A 1 34  ? 4.609   -4.825  -16.855 1.00 12.69 ? 34  ARG A CD  1 
ATOM   265  N  NE  . ARG A 1 34  ? 4.597   -5.474  -18.170 1.00 17.19 ? 34  ARG A NE  1 
ATOM   266  C  CZ  . ARG A 1 34  ? 5.698   -5.720  -18.878 1.00 18.93 ? 34  ARG A CZ  1 
ATOM   267  N  NH1 . ARG A 1 34  ? 6.893   -5.394  -18.387 1.00 18.08 ? 34  ARG A NH1 1 
ATOM   268  N  NH2 . ARG A 1 34  ? 5.604   -6.319  -20.061 1.00 20.20 ? 34  ARG A NH2 1 
ATOM   269  N  N   . PHE A 1 35  ? 2.554   -7.204  -13.146 1.00 5.79  ? 35  PHE A N   1 
ATOM   270  C  CA  . PHE A 1 35  ? 2.360   -8.657  -13.330 1.00 6.27  ? 35  PHE A CA  1 
ATOM   271  C  C   . PHE A 1 35  ? 1.407   -9.280  -12.310 1.00 6.62  ? 35  PHE A C   1 
ATOM   272  O  O   . PHE A 1 35  ? 0.817   -10.338 -12.566 1.00 6.90  ? 35  PHE A O   1 
ATOM   273  C  CB  . PHE A 1 35  ? 3.726   -9.347  -13.304 1.00 6.42  ? 35  PHE A CB  1 
ATOM   274  C  CG  . PHE A 1 35  ? 4.572   -9.028  -14.516 1.00 6.09  ? 35  PHE A CG  1 
ATOM   275  C  CD1 . PHE A 1 35  ? 4.283   -9.619  -15.747 1.00 6.68  ? 35  PHE A CD1 1 
ATOM   276  C  CD2 . PHE A 1 35  ? 5.633   -8.139  -14.431 1.00 7.40  ? 35  PHE A CD2 1 
ATOM   277  C  CE1 . PHE A 1 35  ? 5.040   -9.308  -16.887 1.00 7.63  ? 35  PHE A CE1 1 
ATOM   278  C  CE2 . PHE A 1 35  ? 6.391   -7.818  -15.563 1.00 7.42  ? 35  PHE A CE2 1 
ATOM   279  C  CZ  . PHE A 1 35  ? 6.098   -8.427  -16.794 1.00 8.03  ? 35  PHE A CZ  1 
ATOM   280  N  N   . VAL A 1 36  ? 1.212   -8.596  -11.184 1.00 6.32  ? 36  VAL A N   1 
ATOM   281  C  CA  . VAL A 1 36  ? 0.330   -9.112  -10.139 1.00 6.34  ? 36  VAL A CA  1 
ATOM   282  C  C   . VAL A 1 36  ? -1.008  -8.378  -10.204 1.00 7.35  ? 36  VAL A C   1 
ATOM   283  O  O   . VAL A 1 36  ? -2.065  -8.993  -10.239 1.00 9.11  ? 36  VAL A O   1 
ATOM   284  C  CB  . VAL A 1 36  ? 0.966   -9.000  -8.719  1.00 7.01  ? 36  VAL A CB  1 
ATOM   285  C  CG1 . VAL A 1 36  ? 0.038   -9.599  -7.661  1.00 7.58  ? 36  VAL A CG1 1 
ATOM   286  C  CG2 . VAL A 1 36  ? 2.292   -9.735  -8.693  1.00 8.13  ? 36  VAL A CG2 1 
ATOM   287  N  N   . GLY A 1 37  ? -0.976  -7.057  -10.219 1.00 6.74  ? 37  GLY A N   1 
ATOM   288  C  CA  . GLY A 1 37  ? -2.213  -6.300  -10.250 1.00 7.18  ? 37  GLY A CA  1 
ATOM   289  C  C   . GLY A 1 37  ? -2.139  -5.202  -9.207  1.00 6.80  ? 37  GLY A C   1 
ATOM   290  O  O   . GLY A 1 37  ? -1.133  -5.049  -8.488  1.00 7.99  ? 37  GLY A O   1 
ATOM   291  N  N   . VAL A 1 38  ? -3.224  -4.431  -9.123  1.00 7.49  ? 38  VAL A N   1 
ATOM   292  C  CA  . VAL A 1 38  ? -3.265  -3.243  -8.289  1.00 6.88  ? 38  VAL A CA  1 
ATOM   293  C  C   . VAL A 1 38  ? -4.623  -3.088  -7.614  1.00 7.61  ? 38  VAL A C   1 
ATOM   294  O  O   . VAL A 1 38  ? -5.641  -3.538  -8.136  1.00 7.41  ? 38  VAL A O   1 
ATOM   295  C  CB  . VAL A 1 38  ? -2.974  -1.943  -9.134  1.00 7.78  ? 38  VAL A CB  1 
ATOM   296  C  CG1 . VAL A 1 38  ? -1.518  -1.966  -9.683  1.00 6.65  ? 38  VAL A CG1 1 
ATOM   297  C  CG2 . VAL A 1 38  ? -3.985  -1.797  -10.303 1.00 7.80  ? 38  VAL A CG2 1 
ATOM   298  N  N   . PRO A 1 39  ? -4.650  -2.375  -6.485  1.00 7.77  ? 39  PRO A N   1 
ATOM   299  C  CA  . PRO A 1 39  ? -5.946  -1.990  -5.905  1.00 8.17  ? 39  PRO A CA  1 
ATOM   300  C  C   . PRO A 1 39  ? -6.700  -1.023  -6.826  1.00 8.40  ? 39  PRO A C   1 
ATOM   301  O  O   . PRO A 1 39  ? -6.081  -0.306  -7.635  1.00 8.03  ? 39  PRO A O   1 
ATOM   302  C  CB  . PRO A 1 39  ? -5.557  -1.290  -4.591  1.00 8.41  ? 39  PRO A CB  1 
ATOM   303  C  CG  . PRO A 1 39  ? -4.110  -0.984  -4.682  1.00 9.70  ? 39  PRO A CG  1 
ATOM   304  C  CD  . PRO A 1 39  ? -3.488  -1.860  -5.725  1.00 7.71  ? 39  PRO A CD  1 
ATOM   305  N  N   . ASP A 1 40  ? -8.022  -1.019  -6.712  1.00 8.27  ? 40  ASP A N   1 
ATOM   306  C  CA  . ASP A 1 40  ? -8.865  -0.177  -7.546  1.00 8.97  ? 40  ASP A CA  1 
ATOM   307  C  C   . ASP A 1 40  ? -9.742  0.679   -6.608  1.00 8.65  ? 40  ASP A C   1 
ATOM   308  O  O   . ASP A 1 40  ? -10.576 0.128   -5.880  1.00 8.55  ? 40  ASP A O   1 
ATOM   309  C  CB  . ASP A 1 40  ? -9.704  -1.082  -8.449  1.00 9.29  ? 40  ASP A CB  1 
ATOM   310  C  CG  . ASP A 1 40  ? -10.663 -0.319  -9.349  1.00 11.48 ? 40  ASP A CG  1 
ATOM   311  O  OD1 . ASP A 1 40  ? -10.743 0.929   -9.285  1.00 12.84 ? 40  ASP A OD1 1 
ATOM   312  O  OD2 . ASP A 1 40  ? -11.346 -1.004  -10.140 1.00 14.32 ? 40  ASP A OD2 1 
ATOM   313  N  N   . LEU A 1 41  ? -9.506  1.994   -6.609  1.00 7.38  ? 41  LEU A N   1 
ATOM   314  C  CA  . LEU A 1 41  ? -10.261 2.943   -5.751  1.00 8.10  ? 41  LEU A CA  1 
ATOM   315  C  C   . LEU A 1 41  ? -11.322 3.740   -6.509  1.00 8.37  ? 41  LEU A C   1 
ATOM   316  O  O   . LEU A 1 41  ? -11.909 4.713   -5.974  1.00 8.61  ? 41  LEU A O   1 
ATOM   317  C  CB  . LEU A 1 41  ? -9.309  3.906   -5.038  1.00 8.22  ? 41  LEU A CB  1 
ATOM   318  C  CG  . LEU A 1 41  ? -8.284  3.299   -4.080  1.00 10.29 ? 41  LEU A CG  1 
ATOM   319  C  CD1 . LEU A 1 41  ? -7.615  4.372   -3.199  1.00 12.28 ? 41  LEU A CD1 1 
ATOM   320  C  CD2 . LEU A 1 41  ? -8.917  2.202   -3.219  1.00 11.64 ? 41  LEU A CD2 1 
ATOM   321  N  N   . SER A 1 42  ? -11.567 3.331   -7.746  1.00 9.27  ? 42  SER A N   1 
ATOM   322  C  CA  . SER A 1 42  ? -12.489 4.049   -8.623  1.00 10.34 ? 42  SER A CA  1 
ATOM   323  C  C   . SER A 1 42  ? -13.876 4.185   -7.982  1.00 10.55 ? 42  SER A C   1 
ATOM   324  O  O   . SER A 1 42  ? -14.553 5.199   -8.172  1.00 10.33 ? 42  SER A O   1 
ATOM   325  C  CB  . SER A 1 42  ? -12.544 3.405   -10.022 1.00 11.35 ? 42  SER A CB  1 
ATOM   326  O  OG  . SER A 1 42  ? -12.964 2.042   -9.986  1.00 14.26 ? 42  SER A OG  1 
ATOM   327  N  N   . SER A 1 43  ? -14.293 3.187   -7.205  1.00 10.73 ? 43  SER A N   1 
ATOM   328  C  CA  . SER A 1 43  ? -15.610 3.258   -6.544  1.00 12.20 ? 43  SER A CA  1 
ATOM   329  C  C   . SER A 1 43  ? -15.611 4.285   -5.401  1.00 12.87 ? 43  SER A C   1 
ATOM   330  O  O   . SER A 1 43  ? -16.663 4.672   -4.888  1.00 14.29 ? 43  SER A O   1 
ATOM   331  C  CB  . SER A 1 43  ? -16.077 1.885   -6.060  1.00 11.42 ? 43  SER A CB  1 
ATOM   332  O  OG  . SER A 1 43  ? -15.240 1.396   -5.012  1.00 12.04 ? 43  SER A OG  1 
ATOM   333  N  N   . LEU A 1 44  ? -14.434 4.744   -5.029  1.00 13.97 ? 44  LEU A N   1 
ATOM   334  C  CA  . LEU A 1 44  ? -14.306 5.784   -4.025  1.00 15.06 ? 44  LEU A CA  1 
ATOM   335  C  C   . LEU A 1 44  ? -13.925 7.124   -4.666  1.00 16.13 ? 44  LEU A C   1 
ATOM   336  O  O   . LEU A 1 44  ? -13.560 8.069   -3.956  1.00 17.75 ? 44  LEU A O   1 
ATOM   337  C  CB  . LEU A 1 44  ? -13.279 5.379   -2.965  1.00 15.04 ? 44  LEU A CB  1 
ATOM   338  C  CG  . LEU A 1 44  ? -13.579 4.103   -2.180  1.00 13.94 ? 44  LEU A CG  1 
ATOM   339  C  CD1 . LEU A 1 44  ? -12.472 3.824   -1.179  1.00 12.99 ? 44  LEU A CD1 1 
ATOM   340  C  CD2 . LEU A 1 44  ? -14.908 4.249   -1.472  1.00 11.95 ? 44  LEU A CD2 1 
ATOM   341  N  N   . GLY A 1 45  ? -14.002 7.175   -5.993  1.00 16.06 ? 45  GLY A N   1 
ATOM   342  C  CA  . GLY A 1 45  ? -13.708 8.373   -6.782  1.00 16.45 ? 45  GLY A CA  1 
ATOM   343  C  C   . GLY A 1 45  ? -12.304 8.932   -6.606  1.00 15.99 ? 45  GLY A C   1 
ATOM   344  O  O   . GLY A 1 45  ? -12.089 10.154  -6.686  1.00 16.95 ? 45  GLY A O   1 
ATOM   345  N  N   . ARG A 1 46  ? -11.334 8.064   -6.353  1.00 14.87 ? 46  ARG A N   1 
ATOM   346  C  CA  . ARG A 1 46  ? -9.971  8.540   -6.235  1.00 14.20 ? 46  ARG A CA  1 
ATOM   347  C  C   . ARG A 1 46  ? -9.000  7.585   -6.890  1.00 13.26 ? 46  ARG A C   1 
ATOM   348  O  O   . ARG A 1 46  ? -9.385  6.499   -7.315  1.00 12.88 ? 46  ARG A O   1 
ATOM   349  C  CB  . ARG A 1 46  ? -9.594  8.891   -4.788  1.00 14.35 ? 46  ARG A CB  1 
ATOM   350  C  CG  . ARG A 1 46  ? -9.143  7.765   -3.880  1.00 14.52 ? 46  ARG A CG  1 
ATOM   351  C  CD  . ARG A 1 46  ? -9.283  8.219   -2.403  1.00 15.34 ? 46  ARG A CD  1 
ATOM   352  N  NE  . ARG A 1 46  ? -10.693 8.263   -1.985  1.00 14.21 ? 46  ARG A NE  1 
ATOM   353  C  CZ  . ARG A 1 46  ? -11.115 8.194   -0.718  1.00 11.26 ? 46  ARG A CZ  1 
ATOM   354  N  NH1 . ARG A 1 46  ? -10.252 8.116   0.288   1.00 10.32 ? 46  ARG A NH1 1 
ATOM   355  N  NH2 . ARG A 1 46  ? -12.411 8.200   -0.457  1.00 8.92  ? 46  ARG A NH2 1 
ATOM   356  N  N   . GLU A 1 47  ? -7.760  8.042   -7.020  1.00 12.39 ? 47  GLU A N   1 
ATOM   357  C  CA  . GLU A 1 47  ? -6.683  7.248   -7.589  1.00 11.70 ? 47  GLU A CA  1 
ATOM   358  C  C   . GLU A 1 47  ? -5.716  6.793   -6.503  1.00 10.84 ? 47  GLU A C   1 
ATOM   359  O  O   . GLU A 1 47  ? -5.494  7.483   -5.492  1.00 10.06 ? 47  GLU A O   1 
ATOM   360  C  CB  . GLU A 1 47  ? -5.905  8.067   -8.623  1.00 12.46 ? 47  GLU A CB  1 
ATOM   361  C  CG  . GLU A 1 47  ? -6.645  8.307   -9.946  1.00 15.03 ? 47  GLU A CG  1 
ATOM   362  C  CD  . GLU A 1 47  ? -6.408  7.491   -11.059 0.00 30.91 ? 47  GLU A CD  1 
ATOM   363  O  OE1 . GLU A 1 47  ? -5.319  6.861   -11.142 0.00 33.66 ? 47  GLU A OE1 1 
ATOM   364  O  OE2 . GLU A 1 47  ? -7.329  7.355   -11.906 0.00 35.29 ? 47  GLU A OE2 1 
ATOM   365  N  N   . VAL A 1 48  ? -5.123  5.627   -6.736  1.00 10.13 ? 48  VAL A N   1 
ATOM   366  C  CA  . VAL A 1 48  ? -4.030  5.118   -5.927  1.00 9.01  ? 48  VAL A CA  1 
ATOM   367  C  C   . VAL A 1 48  ? -2.812  5.950   -6.300  1.00 9.34  ? 48  VAL A C   1 
ATOM   368  O  O   . VAL A 1 48  ? -2.684  6.404   -7.451  1.00 8.35  ? 48  VAL A O   1 
ATOM   369  C  CB  . VAL A 1 48  ? -3.779  3.635   -6.254  1.00 9.23  ? 48  VAL A CB  1 
ATOM   370  C  CG1 . VAL A 1 48  ? -2.602  3.073   -5.487  1.00 7.46  ? 48  VAL A CG1 1 
ATOM   371  C  CG2 . VAL A 1 48  ? -5.057  2.814   -5.929  1.00 10.38 ? 48  VAL A CG2 1 
ATOM   372  N  N   . VAL A 1 49  ? -1.958  6.194   -5.318  1.00 8.62  ? 49  VAL A N   1 
ATOM   373  C  CA  . VAL A 1 49  ? -0.686  6.899   -5.535  1.00 9.00  ? 49  VAL A CA  1 
ATOM   374  C  C   . VAL A 1 49  ? 0.405   5.841   -5.604  1.00 8.87  ? 49  VAL A C   1 
ATOM   375  O  O   . VAL A 1 49  ? 0.506   5.006   -4.706  1.00 10.18 ? 49  VAL A O   1 
ATOM   376  C  CB  . VAL A 1 49  ? -0.396  7.912   -4.396  1.00 8.74  ? 49  VAL A CB  1 
ATOM   377  C  CG1 . VAL A 1 49  ? 1.011   8.530   -4.548  1.00 10.20 ? 49  VAL A CG1 1 
ATOM   378  C  CG2 . VAL A 1 49  ? -1.476  8.992   -4.364  1.00 9.98  ? 49  VAL A CG2 1 
ATOM   379  N  N   . TYR A 1 50  ? 1.218   5.867   -6.666  1.00 8.50  ? 50  TYR A N   1 
ATOM   380  C  CA  . TYR A 1 50  ? 2.211   4.802   -6.903  1.00 8.46  ? 50  TYR A CA  1 
ATOM   381  C  C   . TYR A 1 50  ? 3.610   5.371   -6.725  1.00 8.59  ? 50  TYR A C   1 
ATOM   382  O  O   . TYR A 1 50  ? 4.003   6.277   -7.481  1.00 8.79  ? 50  TYR A O   1 
ATOM   383  C  CB  . TYR A 1 50  ? 2.058   4.228   -8.333  1.00 9.02  ? 50  TYR A CB  1 
ATOM   384  C  CG  . TYR A 1 50  ? 0.772   3.467   -8.509  1.00 9.68  ? 50  TYR A CG  1 
ATOM   385  C  CD1 . TYR A 1 50  ? 0.655   2.136   -8.052  1.00 11.22 ? 50  TYR A CD1 1 
ATOM   386  C  CD2 . TYR A 1 50  ? -0.339  4.081   -9.085  1.00 11.43 ? 50  TYR A CD2 1 
ATOM   387  C  CE1 . TYR A 1 50  ? -0.563  1.442   -8.180  1.00 9.91  ? 50  TYR A CE1 1 
ATOM   388  C  CE2 . TYR A 1 50  ? -1.554  3.406   -9.223  1.00 11.00 ? 50  TYR A CE2 1 
ATOM   389  C  CZ  . TYR A 1 50  ? -1.644  2.076   -8.799  1.00 11.97 ? 50  TYR A CZ  1 
ATOM   390  O  OH  . TYR A 1 50  ? -2.854  1.419   -8.923  1.00 10.88 ? 50  TYR A OH  1 
ATOM   391  N  N   . VAL A 1 51  ? 4.356   4.853   -5.750  1.00 8.32  ? 51  VAL A N   1 
ATOM   392  C  CA  . VAL A 1 51  ? 5.746   5.296   -5.504  1.00 8.87  ? 51  VAL A CA  1 
ATOM   393  C  C   . VAL A 1 51  ? 6.518   4.078   -5.022  1.00 7.75  ? 51  VAL A C   1 
ATOM   394  O  O   . VAL A 1 51  ? 6.224   3.561   -3.964  1.00 7.90  ? 51  VAL A O   1 
ATOM   395  C  CB  . VAL A 1 51  ? 5.872   6.315   -4.355  1.00 8.95  ? 51  VAL A CB  1 
ATOM   396  C  CG1 . VAL A 1 51  ? 7.330   6.841   -4.286  1.00 8.74  ? 51  VAL A CG1 1 
ATOM   397  C  CG2 . VAL A 1 51  ? 4.884   7.449   -4.488  1.00 12.15 ? 51  VAL A CG2 1 
ATOM   398  N  N   . GLU A 1 52  ? 7.516   3.632   -5.763  1.00 7.83  ? 52  GLU A N   1 
ATOM   399  C  CA  . GLU A 1 52  ? 8.204   2.392   -5.395  1.00 7.50  ? 52  GLU A CA  1 
ATOM   400  C  C   . GLU A 1 52  ? 9.045   2.586   -4.120  1.00 7.73  ? 52  GLU A C   1 
ATOM   401  O  O   . GLU A 1 52  ? 9.814   3.519   -4.055  1.00 7.29  ? 52  GLU A O   1 
ATOM   402  C  CB  . GLU A 1 52  ? 9.145   1.995   -6.521  1.00 7.37  ? 52  GLU A CB  1 
ATOM   403  C  CG  . GLU A 1 52  ? 8.478   1.778   -7.886  1.00 10.00 ? 52  GLU A CG  1 
ATOM   404  C  CD  . GLU A 1 52  ? 9.489   1.298   -8.899  1.00 12.30 ? 52  GLU A CD  1 
ATOM   405  O  OE1 . GLU A 1 52  ? 10.322  2.112   -9.367  1.00 15.14 ? 52  GLU A OE1 1 
ATOM   406  O  OE2 . GLU A 1 52  ? 9.477   0.099   -9.203  1.00 12.51 ? 52  GLU A OE2 1 
ATOM   407  N  N   . TRP A 1 53  ? 8.884   1.714   -3.124  1.00 7.44  ? 53  TRP A N   1 
ATOM   408  C  CA  . TRP A 1 53  ? 9.774   1.689   -1.968  1.00 7.33  ? 53  TRP A CA  1 
ATOM   409  C  C   . TRP A 1 53  ? 11.078  1.005   -2.374  1.00 7.61  ? 53  TRP A C   1 
ATOM   410  O  O   . TRP A 1 53  ? 12.176  1.565   -2.220  1.00 7.70  ? 53  TRP A O   1 
ATOM   411  C  CB  . TRP A 1 53  ? 9.089   0.961   -0.795  1.00 7.56  ? 53  TRP A CB  1 
ATOM   412  C  CG  . TRP A 1 53  ? 9.954   0.823   0.444   1.00 7.48  ? 53  TRP A CG  1 
ATOM   413  C  CD1 . TRP A 1 53  ? 10.397  -0.341  1.012   1.00 6.68  ? 53  TRP A CD1 1 
ATOM   414  C  CD2 . TRP A 1 53  ? 10.469  1.901   1.266   1.00 7.08  ? 53  TRP A CD2 1 
ATOM   415  N  NE1 . TRP A 1 53  ? 11.162  -0.053  2.132   1.00 6.15  ? 53  TRP A NE1 1 
ATOM   416  C  CE2 . TRP A 1 53  ? 11.208  1.306   2.316   1.00 7.13  ? 53  TRP A CE2 1 
ATOM   417  C  CE3 . TRP A 1 53  ? 10.340  3.300   1.236   1.00 7.27  ? 53  TRP A CE3 1 
ATOM   418  C  CZ2 . TRP A 1 53  ? 11.858  2.064   3.322   1.00 7.21  ? 53  TRP A CZ2 1 
ATOM   419  C  CZ3 . TRP A 1 53  ? 10.990  4.069   2.234   1.00 7.87  ? 53  TRP A CZ3 1 
ATOM   420  C  CH2 . TRP A 1 53  ? 11.737  3.438   3.269   1.00 8.27  ? 53  TRP A CH2 1 
ATOM   421  N  N   . ALA A 1 54  ? 10.941  -0.206  -2.917  1.00 9.12  ? 54  ALA A N   1 
ATOM   422  C  CA  . ALA A 1 54  ? 12.030  -0.927  -3.584  1.00 9.10  ? 54  ALA A CA  1 
ATOM   423  C  C   . ALA A 1 54  ? 11.732  -0.982  -5.078  1.00 9.40  ? 54  ALA A C   1 
ATOM   424  O  O   . ALA A 1 54  ? 10.554  -1.115  -5.485  1.00 10.58 ? 54  ALA A O   1 
ATOM   425  C  CB  . ALA A 1 54  ? 12.143  -2.363  -3.027  1.00 9.44  ? 54  ALA A CB  1 
ATOM   426  N  N   . THR A 1 55  ? 12.779  -0.877  -5.896  1.00 9.21  ? 55  THR A N   1 
ATOM   427  C  CA  . THR A 1 55  ? 12.618  -1.027  -7.341  1.00 9.91  ? 55  THR A CA  1 
ATOM   428  C  C   . THR A 1 55  ? 12.554  -2.526  -7.652  1.00 10.57 ? 55  THR A C   1 
ATOM   429  O  O   . THR A 1 55  ? 12.672  -3.355  -6.746  1.00 9.74  ? 55  THR A O   1 
ATOM   430  C  CB  . THR A 1 55  ? 13.711  -0.301  -8.130  1.00 10.76 ? 55  THR A CB  1 
ATOM   431  O  OG1 . THR A 1 55  ? 14.995  -0.723  -7.672  1.00 11.85 ? 55  THR A OG1 1 
ATOM   432  C  CG2 . THR A 1 55  ? 13.610  1.200   -7.909  1.00 10.80 ? 55  THR A CG2 1 
ATOM   433  N  N   . SER A 1 56  ? 12.317  -2.875  -8.917  1.00 10.80 ? 56  SER A N   1 
ATOM   434  C  CA  . SER A 1 56  ? 11.993  -4.262  -9.256  1.00 12.48 ? 56  SER A CA  1 
ATOM   435  C  C   . SER A 1 56  ? 13.194  -5.197  -9.096  1.00 13.29 ? 56  SER A C   1 
ATOM   436  O  O   . SER A 1 56  ? 13.011  -6.417  -9.084  1.00 14.26 ? 56  SER A O   1 
ATOM   437  C  CB  . SER A 1 56  ? 11.395  -4.386  -10.670 1.00 11.93 ? 56  SER A CB  1 
ATOM   438  O  OG  . SER A 1 56  ? 10.231  -3.570  -10.808 1.00 11.78 ? 56  SER A OG  1 
ATOM   439  N  N   . ASP A 1 57  ? 14.399  -4.631  -8.969  1.00 13.14 ? 57  ASP A N   1 
ATOM   440  C  CA  . ASP A 1 57  ? 15.573  -5.433  -8.634  1.00 13.98 ? 57  ASP A CA  1 
ATOM   441  C  C   . ASP A 1 57  ? 15.677  -5.719  -7.138  1.00 13.77 ? 57  ASP A C   1 
ATOM   442  O  O   . ASP A 1 57  ? 16.577  -6.447  -6.704  1.00 14.10 ? 57  ASP A O   1 
ATOM   443  C  CB  . ASP A 1 57  ? 16.878  -4.824  -9.162  1.00 13.77 ? 57  ASP A CB  1 
ATOM   444  C  CG  . ASP A 1 57  ? 17.264  -3.520  -8.473  1.00 15.78 ? 57  ASP A CG  1 
ATOM   445  O  OD1 . ASP A 1 57  ? 16.473  -2.967  -7.668  1.00 16.20 ? 57  ASP A OD1 1 
ATOM   446  O  OD2 . ASP A 1 57  ? 18.381  -3.023  -8.769  1.00 15.39 ? 57  ASP A OD2 1 
ATOM   447  N  N   . GLY A 1 58  ? 14.762  -5.153  -6.363  1.00 12.90 ? 58  GLY A N   1 
ATOM   448  C  CA  . GLY A 1 58  ? 14.685  -5.417  -4.930  1.00 12.19 ? 58  GLY A CA  1 
ATOM   449  C  C   . GLY A 1 58  ? 15.476  -4.432  -4.073  1.00 12.25 ? 58  GLY A C   1 
ATOM   450  O  O   . GLY A 1 58  ? 15.471  -4.567  -2.851  1.00 12.62 ? 58  GLY A O   1 
ATOM   451  N  N   . THR A 1 59  ? 16.140  -3.453  -4.697  1.00 11.16 ? 59  THR A N   1 
ATOM   452  C  CA  . THR A 1 59  ? 16.927  -2.456  -3.953  1.00 10.49 ? 59  THR A CA  1 
ATOM   453  C  C   . THR A 1 59  ? 16.117  -1.165  -3.681  1.00 10.02 ? 59  THR A C   1 
ATOM   454  O  O   . THR A 1 59  ? 15.190  -0.810  -4.414  1.00 9.65  ? 59  THR A O   1 
ATOM   455  C  CB  . THR A 1 59  ? 18.243  -2.095  -4.646  1.00 10.97 ? 59  THR A CB  1 
ATOM   456  O  OG1 . THR A 1 59  ? 17.957  -1.412  -5.870  1.00 11.74 ? 59  THR A OG1 1 
ATOM   457  C  CG2 . THR A 1 59  ? 19.070  -3.348  -4.959  1.00 9.71  ? 59  THR A CG2 1 
ATOM   458  N  N   . HIS A 1 60  ? 16.469  -0.459  -2.609  1.00 9.52  ? 60  HIS A N   1 
ATOM   459  C  CA  . HIS A 1 60  ? 15.655  0.683   -2.204  1.00 8.47  ? 60  HIS A CA  1 
ATOM   460  C  C   . HIS A 1 60  ? 15.669  1.787   -3.249  1.00 8.02  ? 60  HIS A C   1 
ATOM   461  O  O   . HIS A 1 60  ? 16.691  2.064   -3.864  1.00 7.72  ? 60  HIS A O   1 
ATOM   462  C  CB  . HIS A 1 60  ? 16.171  1.221   -0.871  1.00 8.51  ? 60  HIS A CB  1 
ATOM   463  C  CG  . HIS A 1 60  ? 15.393  2.369   -0.338  1.00 8.59  ? 60  HIS A CG  1 
ATOM   464  N  ND1 . HIS A 1 60  ? 14.108  2.248   0.151   1.00 13.43 ? 60  HIS A ND1 1 
ATOM   465  C  CD2 . HIS A 1 60  ? 15.712  3.678   -0.250  1.00 6.68  ? 60  HIS A CD2 1 
ATOM   466  C  CE1 . HIS A 1 60  ? 13.681  3.434   0.545   1.00 9.12  ? 60  HIS A CE1 1 
ATOM   467  N  NE2 . HIS A 1 60  ? 14.638  4.315   0.321   1.00 11.71 ? 60  HIS A NE2 1 
ATOM   468  N  N   . ASN A 1 61  ? 14.516  2.412   -3.436  1.00 8.66  ? 61  ASN A N   1 
ATOM   469  C  CA  . ASN A 1 61  ? 14.394  3.620   -4.248  1.00 8.52  ? 61  ASN A CA  1 
ATOM   470  C  C   . ASN A 1 61  ? 14.860  4.801   -3.413  1.00 8.87  ? 61  ASN A C   1 
ATOM   471  O  O   . ASN A 1 61  ? 14.129  5.274   -2.540  1.00 9.33  ? 61  ASN A O   1 
ATOM   472  C  CB  . ASN A 1 61  ? 12.940  3.771   -4.673  1.00 7.86  ? 61  ASN A CB  1 
ATOM   473  C  CG  . ASN A 1 61  ? 12.636  5.093   -5.361  1.00 9.22  ? 61  ASN A CG  1 
ATOM   474  O  OD1 . ASN A 1 61  ? 13.544  5.847   -5.767  1.00 8.32  ? 61  ASN A OD1 1 
ATOM   475  N  ND2 . ASN A 1 61  ? 11.338  5.388   -5.499  1.00 6.91  ? 61  ASN A ND2 1 
ATOM   476  N  N   . ASP A 1 62  ? 16.087  5.261   -3.661  1.00 10.21 ? 62  ASP A N   1 
ATOM   477  C  CA  . ASP A 1 62  ? 16.625  6.363   -2.874  1.00 11.23 ? 62  ASP A CA  1 
ATOM   478  C  C   . ASP A 1 62  ? 15.991  7.737   -3.189  1.00 10.99 ? 62  ASP A C   1 
ATOM   479  O  O   . ASP A 1 62  ? 16.338  8.715   -2.562  1.00 10.41 ? 62  ASP A O   1 
ATOM   480  C  CB  . ASP A 1 62  ? 18.158  6.398   -2.924  1.00 12.35 ? 62  ASP A CB  1 
ATOM   481  C  CG  . ASP A 1 62  ? 18.789  5.232   -2.157  1.00 15.31 ? 62  ASP A CG  1 
ATOM   482  O  OD1 . ASP A 1 62  ? 18.120  4.639   -1.266  1.00 17.17 ? 62  ASP A OD1 1 
ATOM   483  O  OD2 . ASP A 1 62  ? 19.965  4.913   -2.434  1.00 19.19 ? 62  ASP A OD2 1 
ATOM   484  N  N   . ASN A 1 63  ? 15.035  7.790   -4.105  1.00 10.67 ? 63  ASN A N   1 
ATOM   485  C  CA  . ASN A 1 63  ? 14.246  9.008   -4.326  1.00 10.54 ? 63  ASN A CA  1 
ATOM   486  C  C   . ASN A 1 63  ? 12.818  8.898   -3.768  1.00 9.70  ? 63  ASN A C   1 
ATOM   487  O  O   . ASN A 1 63  ? 11.959  9.732   -4.080  1.00 9.89  ? 63  ASN A O   1 
ATOM   488  C  CB  . ASN A 1 63  ? 14.160  9.306   -5.818  1.00 11.27 ? 63  ASN A CB  1 
ATOM   489  C  CG  . ASN A 1 63  ? 15.524  9.604   -6.432  1.00 14.52 ? 63  ASN A CG  1 
ATOM   490  O  OD1 . ASN A 1 63  ? 16.352  10.297  -5.840  1.00 16.09 ? 63  ASN A OD1 1 
ATOM   491  N  ND2 . ASN A 1 63  ? 15.752  9.087   -7.618  1.00 15.98 ? 63  ASN A ND2 1 
ATOM   492  N  N   . PHE A 1 64  ? 12.559  7.862   -2.974  1.00 8.80  ? 64  PHE A N   1 
ATOM   493  C  CA  . PHE A 1 64  ? 11.216  7.604   -2.478  1.00 8.41  ? 64  PHE A CA  1 
ATOM   494  C  C   . PHE A 1 64  ? 10.558  8.841   -1.830  1.00 8.09  ? 64  PHE A C   1 
ATOM   495  O  O   . PHE A 1 64  ? 9.434   9.183   -2.175  1.00 8.65  ? 64  PHE A O   1 
ATOM   496  C  CB  . PHE A 1 64  ? 11.203  6.445   -1.484  1.00 7.79  ? 64  PHE A CB  1 
ATOM   497  C  CG  . PHE A 1 64  ? 9.861   6.219   -0.872  1.00 8.39  ? 64  PHE A CG  1 
ATOM   498  C  CD1 . PHE A 1 64  ? 8.902   5.466   -1.548  1.00 6.16  ? 64  PHE A CD1 1 
ATOM   499  C  CD2 . PHE A 1 64  ? 9.553   6.738   0.371   1.00 6.87  ? 64  PHE A CD2 1 
ATOM   500  C  CE1 . PHE A 1 64  ? 7.648   5.252   -1.012  1.00 7.00  ? 64  PHE A CE1 1 
ATOM   501  C  CE2 . PHE A 1 64  ? 8.277   6.550   0.920   1.00 6.70  ? 64  PHE A CE2 1 
ATOM   502  C  CZ  . PHE A 1 64  ? 7.334   5.788   0.236   1.00 7.71  ? 64  PHE A CZ  1 
ATOM   503  N  N   . LEU A 1 65  ? 11.244  9.494   -0.890  1.00 9.15  ? 65  LEU A N   1 
ATOM   504  C  CA  . LEU A 1 65  ? 10.614  10.606  -0.171  1.00 8.72  ? 65  LEU A CA  1 
ATOM   505  C  C   . LEU A 1 65  ? 10.246  11.758  -1.109  1.00 9.37  ? 65  LEU A C   1 
ATOM   506  O  O   . LEU A 1 65  ? 9.143   12.310  -1.031  1.00 9.76  ? 65  LEU A O   1 
ATOM   507  C  CB  . LEU A 1 65  ? 11.493  11.113  0.979   1.00 9.65  ? 65  LEU A CB  1 
ATOM   508  C  CG  . LEU A 1 65  ? 10.818  12.235  1.780   1.00 9.51  ? 65  LEU A CG  1 
ATOM   509  C  CD1 . LEU A 1 65  ? 9.396   11.877  2.325   1.00 12.27 ? 65  LEU A CD1 1 
ATOM   510  C  CD2 . LEU A 1 65  ? 11.766  12.684  2.893   1.00 13.47 ? 65  LEU A CD2 1 
ATOM   511  N  N   . ALA A 1 66  ? 11.176  12.114  -1.990  1.00 8.97  ? 66  ALA A N   1 
ATOM   512  C  CA  . ALA A 1 66  ? 10.948  13.209  -2.943  1.00 8.79  ? 66  ALA A CA  1 
ATOM   513  C  C   . ALA A 1 66  ? 9.749   12.897  -3.844  1.00 8.34  ? 66  ALA A C   1 
ATOM   514  O  O   . ALA A 1 66  ? 8.882   13.748  -4.063  1.00 7.99  ? 66  ALA A O   1 
ATOM   515  C  CB  . ALA A 1 66  ? 12.205  13.460  -3.774  1.00 8.49  ? 66  ALA A CB  1 
ATOM   516  N  N   . GLU A 1 67  ? 9.691   11.661  -4.334  1.00 8.59  ? 67  GLU A N   1 
ATOM   517  C  CA  . GLU A 1 67  ? 8.564   11.212  -5.162  1.00 8.84  ? 67  GLU A CA  1 
ATOM   518  C  C   . GLU A 1 67  ? 7.255   11.169  -4.396  1.00 9.09  ? 67  GLU A C   1 
ATOM   519  O  O   . GLU A 1 67  ? 6.236   11.618  -4.920  1.00 8.50  ? 67  GLU A O   1 
ATOM   520  C  CB  . GLU A 1 67  ? 8.881   9.879   -5.850  1.00 9.43  ? 67  GLU A CB  1 
ATOM   521  C  CG  . GLU A 1 67  ? 10.116  9.999   -6.776  1.00 10.28 ? 67  GLU A CG  1 
ATOM   522  C  CD  . GLU A 1 67  ? 10.565  8.666   -7.360  1.00 10.84 ? 67  GLU A CD  1 
ATOM   523  O  OE1 . GLU A 1 67  ? 10.107  7.593   -6.883  1.00 10.07 ? 67  GLU A OE1 1 
ATOM   524  O  OE2 . GLU A 1 67  ? 11.392  8.713   -8.298  1.00 12.31 ? 67  GLU A OE2 1 
ATOM   525  N  N   . LEU A 1 68  ? 7.276   10.645  -3.166  1.00 8.38  ? 68  LEU A N   1 
ATOM   526  C  CA  . LEU A 1 68  ? 6.098   10.640  -2.322  1.00 9.78  ? 68  LEU A CA  1 
ATOM   527  C  C   . LEU A 1 68  ? 5.529   12.058  -2.107  1.00 10.85 ? 68  LEU A C   1 
ATOM   528  O  O   . LEU A 1 68  ? 4.332   12.276  -2.302  1.00 11.60 ? 68  LEU A O   1 
ATOM   529  C  CB  . LEU A 1 68  ? 6.386   9.949   -0.982  1.00 9.62  ? 68  LEU A CB  1 
ATOM   530  C  CG  . LEU A 1 68  ? 5.225   9.947   0.031   1.00 8.48  ? 68  LEU A CG  1 
ATOM   531  C  CD1 . LEU A 1 68  ? 4.084   9.033   -0.429  1.00 9.96  ? 68  LEU A CD1 1 
ATOM   532  C  CD2 . LEU A 1 68  ? 5.727   9.521   1.404   1.00 9.61  ? 68  LEU A CD2 1 
ATOM   533  N  N   . ARG A 1 69  ? 6.383   13.012  -1.723  1.00 11.70 ? 69  ARG A N   1 
ATOM   534  C  CA  . ARG A 1 69  ? 5.945   14.374  -1.462  1.00 14.22 ? 69  ARG A CA  1 
ATOM   535  C  C   . ARG A 1 69  ? 5.403   15.010  -2.734  1.00 15.19 ? 69  ARG A C   1 
ATOM   536  O  O   . ARG A 1 69  ? 4.455   15.786  -2.693  1.00 15.84 ? 69  ARG A O   1 
ATOM   537  C  CB  . ARG A 1 69  ? 7.093   15.219  -0.905  1.00 14.14 ? 69  ARG A CB  1 
ATOM   538  C  CG  . ARG A 1 69  ? 7.515   14.757  0.478   1.00 17.17 ? 69  ARG A CG  1 
ATOM   539  C  CD  . ARG A 1 69  ? 8.747   15.480  0.954   1.00 23.06 ? 69  ARG A CD  1 
ATOM   540  N  NE  . ARG A 1 69  ? 8.351   16.683  1.670   1.00 30.01 ? 69  ARG A NE  1 
ATOM   541  C  CZ  . ARG A 1 69  ? 8.557   17.930  1.253   1.00 30.59 ? 69  ARG A CZ  1 
ATOM   542  N  NH1 . ARG A 1 69  ? 9.187   18.175  0.109   1.00 32.15 ? 69  ARG A NH1 1 
ATOM   543  N  NH2 . ARG A 1 69  ? 8.138   18.931  2.004   1.00 30.96 ? 69  ARG A NH2 1 
ATOM   544  N  N   . ASP A 1 70  ? 6.009   14.659  -3.861  1.00 16.11 ? 70  ASP A N   1 
ATOM   545  C  CA  . ASP A 1 70  ? 5.546   15.122  -5.171  1.00 17.35 ? 70  ASP A CA  1 
ATOM   546  C  C   . ASP A 1 70  ? 4.191   14.545  -5.580  1.00 17.47 ? 70  ASP A C   1 
ATOM   547  O  O   . ASP A 1 70  ? 3.345   15.265  -6.115  1.00 17.25 ? 70  ASP A O   1 
ATOM   548  C  CB  . ASP A 1 70  ? 6.585   14.775  -6.236  1.00 17.32 ? 70  ASP A CB  1 
ATOM   549  C  CG  . ASP A 1 70  ? 6.287   15.420  -7.568  1.00 20.72 ? 70  ASP A CG  1 
ATOM   550  O  OD1 . ASP A 1 70  ? 6.069   16.651  -7.597  1.00 23.31 ? 70  ASP A OD1 1 
ATOM   551  O  OD2 . ASP A 1 70  ? 6.273   14.699  -8.591  1.00 24.13 ? 70  ASP A OD2 1 
ATOM   552  N  N   . ARG A 1 71  ? 3.979   13.252  -5.330  1.00 17.45 ? 71  ARG A N   1 
ATOM   553  C  CA  . ARG A 1 71  ? 2.815   12.558  -5.891  1.00 18.77 ? 71  ARG A CA  1 
ATOM   554  C  C   . ARG A 1 71  ? 1.556   12.520  -5.034  1.00 20.17 ? 71  ARG A C   1 
ATOM   555  O  O   . ARG A 1 71  ? 0.470   12.351  -5.588  1.00 20.83 ? 71  ARG A O   1 
ATOM   556  C  CB  . ARG A 1 71  ? 3.175   11.157  -6.385  1.00 17.61 ? 71  ARG A CB  1 
ATOM   557  C  CG  . ARG A 1 71  ? 4.249   11.172  -7.482  1.00 15.97 ? 71  ARG A CG  1 
ATOM   558  C  CD  . ARG A 1 71  ? 4.781   9.781   -7.768  1.00 15.57 ? 71  ARG A CD  1 
ATOM   559  N  NE  . ARG A 1 71  ? 6.002   9.812   -8.573  1.00 15.27 ? 71  ARG A NE  1 
ATOM   560  C  CZ  . ARG A 1 71  ? 6.716   8.736   -8.889  1.00 14.81 ? 71  ARG A CZ  1 
ATOM   561  N  NH1 . ARG A 1 71  ? 6.332   7.522   -8.491  1.00 12.44 ? 71  ARG A NH1 1 
ATOM   562  N  NH2 . ARG A 1 71  ? 7.811   8.870   -9.619  1.00 13.94 ? 71  ARG A NH2 1 
ATOM   563  N  N   . ILE A 1 72  ? 1.662   12.658  -3.715  1.00 21.78 ? 72  ILE A N   1 
ATOM   564  C  CA  . ILE A 1 72  ? 0.423   12.804  -2.935  1.00 24.62 ? 72  ILE A CA  1 
ATOM   565  C  C   . ILE A 1 72  ? -0.222  14.129  -3.432  1.00 26.56 ? 72  ILE A C   1 
ATOM   566  O  O   . ILE A 1 72  ? 0.500   15.088  -3.692  1.00 26.69 ? 72  ILE A O   1 
ATOM   567  C  CB  . ILE A 1 72  ? 0.594   12.586  -1.400  1.00 24.12 ? 72  ILE A CB  1 
ATOM   568  C  CG1 . ILE A 1 72  ? 1.510   13.617  -0.770  1.00 24.53 ? 72  ILE A CG1 1 
ATOM   569  C  CG2 . ILE A 1 72  ? 1.122   11.148  -1.118  1.00 24.44 ? 72  ILE A CG2 1 
ATOM   570  C  CD1 . ILE A 1 72  ? 1.835   13.290  0.689   1.00 24.58 ? 72  ILE A CD1 1 
ATOM   571  N  N   . PRO A 1 73  ? -1.566  14.229  -3.473  1.00 28.67 ? 73  PRO A N   1 
ATOM   572  C  CA  . PRO A 1 73  ? -2.636  14.323  -2.536  1.00 29.46 ? 73  PRO A CA  1 
ATOM   573  C  C   . PRO A 1 73  ? -2.207  14.968  -1.216  1.00 29.56 ? 73  PRO A C   1 
ATOM   574  O  O   . PRO A 1 73  ? -1.703  16.102  -1.262  1.00 28.19 ? 73  PRO A O   1 
ATOM   575  C  CB  . PRO A 1 73  ? -3.134  12.880  -2.515  1.00 29.41 ? 73  PRO A CB  1 
ATOM   576  C  CG  . PRO A 1 73  ? -3.074  12.552  -4.109  1.00 29.91 ? 73  PRO A CG  1 
ATOM   577  C  CD  . PRO A 1 73  ? -2.170  13.702  -4.706  1.00 29.60 ? 73  PRO A CD  1 
ATOM   578  N  N   . ARG A 1 81  ? -5.850  13.394  5.047   1.00 18.76 ? 81  ARG A N   1 
ATOM   579  C  CA  . ARG A 1 81  ? -5.071  13.299  6.276   1.00 17.60 ? 81  ARG A CA  1 
ATOM   580  C  C   . ARG A 1 81  ? -4.402  11.919  6.348   1.00 15.09 ? 81  ARG A C   1 
ATOM   581  O  O   . ARG A 1 81  ? -3.208  11.854  6.152   1.00 15.28 ? 81  ARG A O   1 
ATOM   582  C  CB  . ARG A 1 81  ? -5.891  13.570  7.533   1.00 18.51 ? 81  ARG A CB  1 
ATOM   583  C  CG  . ARG A 1 81  ? -6.518  14.959  7.652   1.00 23.39 ? 81  ARG A CG  1 
ATOM   584  C  CD  . ARG A 1 81  ? -7.984  14.857  8.115   1.00 30.45 ? 81  ARG A CD  1 
ATOM   585  N  NE  . ARG A 1 81  ? -8.731  13.942  7.244   1.00 34.62 ? 81  ARG A NE  1 
ATOM   586  C  CZ  . ARG A 1 81  ? -9.170  12.733  7.604   1.00 37.43 ? 81  ARG A CZ  1 
ATOM   587  N  NH1 . ARG A 1 81  ? -8.962  12.277  8.841   1.00 40.03 ? 81  ARG A NH1 1 
ATOM   588  N  NH2 . ARG A 1 81  ? -9.813  11.968  6.723   1.00 35.30 ? 81  ARG A NH2 1 
ATOM   589  N  N   . PRO A 1 82  ? -5.167  10.824  6.590   1.00 13.58 ? 82  PRO A N   1 
ATOM   590  C  CA  . PRO A 1 82  ? -4.433  9.545   6.699   1.00 12.03 ? 82  PRO A CA  1 
ATOM   591  C  C   . PRO A 1 82  ? -3.766  9.131   5.393   1.00 10.92 ? 82  PRO A C   1 
ATOM   592  O  O   . PRO A 1 82  ? -4.345  9.293   4.316   1.00 10.01 ? 82  PRO A O   1 
ATOM   593  C  CB  . PRO A 1 82  ? -5.508  8.525   7.068   1.00 11.83 ? 82  PRO A CB  1 
ATOM   594  C  CG  . PRO A 1 82  ? -6.731  9.295   7.401   1.00 12.97 ? 82  PRO A CG  1 
ATOM   595  C  CD  . PRO A 1 82  ? -6.616  10.630  6.724   1.00 13.40 ? 82  PRO A CD  1 
ATOM   596  N  N   . VAL A 1 83  ? -2.557  8.589   5.498   1.00 8.70  ? 83  VAL A N   1 
ATOM   597  C  CA  . VAL A 1 83  ? -1.845  8.102   4.339   1.00 9.12  ? 83  VAL A CA  1 
ATOM   598  C  C   . VAL A 1 83  ? -1.525  6.641   4.648   1.00 8.43  ? 83  VAL A C   1 
ATOM   599  O  O   . VAL A 1 83  ? -0.935  6.334   5.692   1.00 8.16  ? 83  VAL A O   1 
ATOM   600  C  CB  . VAL A 1 83  ? -0.576  8.958   4.042   1.00 9.11  ? 83  VAL A CB  1 
ATOM   601  C  CG1 . VAL A 1 83  ? 0.135   8.422   2.821   1.00 11.56 ? 83  VAL A CG1 1 
ATOM   602  C  CG2 . VAL A 1 83  ? -0.982  10.400  3.801   1.00 10.83 ? 83  VAL A CG2 1 
ATOM   603  N  N   . ILE A 1 84  ? -1.940  5.755   3.753   1.00 7.28  ? 84  ILE A N   1 
ATOM   604  C  CA  . ILE A 1 84  ? -1.962  4.307   4.033   1.00 7.35  ? 84  ILE A CA  1 
ATOM   605  C  C   . ILE A 1 84  ? -1.022  3.585   3.056   1.00 7.51  ? 84  ILE A C   1 
ATOM   606  O  O   . ILE A 1 84  ? -1.132  3.785   1.844   1.00 8.47  ? 84  ILE A O   1 
ATOM   607  C  CB  . ILE A 1 84  ? -3.412  3.753   3.895   1.00 6.85  ? 84  ILE A CB  1 
ATOM   608  C  CG1 . ILE A 1 84  ? -4.361  4.403   4.908   1.00 7.28  ? 84  ILE A CG1 1 
ATOM   609  C  CG2 . ILE A 1 84  ? -3.417  2.193   4.028   1.00 5.16  ? 84  ILE A CG2 1 
ATOM   610  C  CD1 . ILE A 1 84  ? -5.852  4.372   4.436   1.00 9.09  ? 84  ILE A CD1 1 
ATOM   611  N  N   . PHE A 1 85  ? -0.056  2.825   3.589   1.00 7.43  ? 85  PHE A N   1 
ATOM   612  C  CA  . PHE A 1 85  ? 1.021   2.230   2.782   1.00 6.64  ? 85  PHE A CA  1 
ATOM   613  C  C   . PHE A 1 85  ? 0.829   0.734   2.555   1.00 6.98  ? 85  PHE A C   1 
ATOM   614  O  O   . PHE A 1 85  ? 0.647   -0.049  3.505   1.00 7.18  ? 85  PHE A O   1 
ATOM   615  C  CB  . PHE A 1 85  ? 2.370   2.508   3.445   1.00 6.38  ? 85  PHE A CB  1 
ATOM   616  C  CG  . PHE A 1 85  ? 2.724   3.950   3.404   1.00 6.55  ? 85  PHE A CG  1 
ATOM   617  C  CD1 . PHE A 1 85  ? 3.371   4.475   2.271   1.00 7.35  ? 85  PHE A CD1 1 
ATOM   618  C  CD2 . PHE A 1 85  ? 2.311   4.809   4.432   1.00 6.23  ? 85  PHE A CD2 1 
ATOM   619  C  CE1 . PHE A 1 85  ? 3.653   5.866   2.194   1.00 8.04  ? 85  PHE A CE1 1 
ATOM   620  C  CE2 . PHE A 1 85  ? 2.579   6.198   4.365   1.00 10.00 ? 85  PHE A CE2 1 
ATOM   621  C  CZ  . PHE A 1 85  ? 3.259   6.720   3.250   1.00 8.58  ? 85  PHE A CZ  1 
ATOM   622  N  N   . LEU A 1 86  ? 0.931   0.343   1.291   1.00 6.32  ? 86  LEU A N   1 
ATOM   623  C  CA  . LEU A 1 86  ? 0.633   -1.036  0.890   1.00 7.16  ? 86  LEU A CA  1 
ATOM   624  C  C   . LEU A 1 86  ? 1.840   -1.660  0.174   1.00 7.73  ? 86  LEU A C   1 
ATOM   625  O  O   . LEU A 1 86  ? 2.336   -1.085  -0.785  1.00 7.72  ? 86  LEU A O   1 
ATOM   626  C  CB  . LEU A 1 86  ? -0.588  -1.017  -0.048  1.00 6.94  ? 86  LEU A CB  1 
ATOM   627  C  CG  . LEU A 1 86  ? -1.059  -2.368  -0.614  1.00 5.81  ? 86  LEU A CG  1 
ATOM   628  C  CD1 . LEU A 1 86  ? -1.777  -3.122  0.486   1.00 8.34  ? 86  LEU A CD1 1 
ATOM   629  C  CD2 . LEU A 1 86  ? -1.971  -2.153  -1.874  1.00 8.78  ? 86  LEU A CD2 1 
ATOM   630  N  N   . CYS A 1 87  ? 2.286   -2.826  0.661   1.00 7.73  ? 87  CYS A N   1 
ATOM   631  C  CA  A CYS A 1 87  ? 3.330   -3.658  0.059   0.50 7.73  ? 87  CYS A CA  1 
ATOM   632  C  CA  B CYS A 1 87  ? 3.261   -3.611  -0.099  0.50 8.65  ? 87  CYS A CA  1 
ATOM   633  C  C   . CYS A 1 87  ? 2.732   -5.024  -0.302  1.00 7.87  ? 87  CYS A C   1 
ATOM   634  O  O   . CYS A 1 87  ? 1.520   -5.251  -0.134  1.00 7.63  ? 87  CYS A O   1 
ATOM   635  C  CB  A CYS A 1 87  ? 4.473   -3.873  1.055   0.50 8.03  ? 87  CYS A CB  1 
ATOM   636  C  CB  B CYS A 1 87  ? 4.653   -3.588  0.537   0.50 9.18  ? 87  CYS A CB  1 
ATOM   637  S  SG  A CYS A 1 87  ? 5.898   -2.717  0.999   0.50 8.98  ? 87  CYS A SG  1 
ATOM   638  S  SG  B CYS A 1 87  ? 4.813   -4.532  2.047   0.50 15.58 ? 87  CYS A SG  1 
ATOM   639  N  N   . ARG A 1 88  ? 3.592   -5.933  -0.753  1.00 6.67  ? 88  ARG A N   1 
ATOM   640  C  CA  . ARG A 1 88  ? 3.171   -7.289  -1.045  1.00 7.57  ? 88  ARG A CA  1 
ATOM   641  C  C   . ARG A 1 88  ? 2.548   -8.001  0.146   1.00 6.10  ? 88  ARG A C   1 
ATOM   642  O  O   . ARG A 1 88  ? 1.509   -8.673  0.015   1.00 6.02  ? 88  ARG A O   1 
ATOM   643  C  CB  . ARG A 1 88  ? 4.362   -8.125  -1.565  1.00 7.33  ? 88  ARG A CB  1 
ATOM   644  C  CG  . ARG A 1 88  ? 3.949   -9.543  -2.032  1.00 7.74  ? 88  ARG A CG  1 
ATOM   645  C  CD  . ARG A 1 88  ? 5.175   -10.318 -2.522  1.00 10.10 ? 88  ARG A CD  1 
ATOM   646  N  NE  . ARG A 1 88  ? 6.103   -10.597 -1.406  1.00 17.45 ? 88  ARG A NE  1 
ATOM   647  C  CZ  . ARG A 1 88  ? 7.285   -11.209 -1.548  1.00 18.62 ? 88  ARG A CZ  1 
ATOM   648  N  NH1 . ARG A 1 88  ? 7.707   -11.573 -2.735  1.00 15.81 ? 88  ARG A NH1 1 
ATOM   649  N  NH2 . ARG A 1 88  ? 8.063   -11.439 -0.502  1.00 22.61 ? 88  ARG A NH2 1 
ATOM   650  N  N   . SER A 1 89  ? 3.183   -7.920  1.324   1.00 7.16  ? 89  SER A N   1 
ATOM   651  C  CA  . SER A 1 89  ? 2.737   -8.782  2.445   1.00 6.63  ? 89  SER A CA  1 
ATOM   652  C  C   . SER A 1 89  ? 2.688   -8.072  3.797   1.00 7.22  ? 89  SER A C   1 
ATOM   653  O  O   . SER A 1 89  ? 2.519   -8.726  4.831   1.00 7.44  ? 89  SER A O   1 
ATOM   654  C  CB  . SER A 1 89  ? 3.656   -10.003 2.555   1.00 8.22  ? 89  SER A CB  1 
ATOM   655  O  OG  . SER A 1 89  ? 3.717   -10.679 1.286   1.00 11.71 ? 89  SER A OG  1 
ATOM   656  N  N   . GLY A 1 90  ? 2.810   -6.749  3.810   1.00 6.41  ? 90  GLY A N   1 
ATOM   657  C  CA  . GLY A 1 90  ? 2.687   -5.995  5.051   1.00 7.29  ? 90  GLY A CA  1 
ATOM   658  C  C   . GLY A 1 90  ? 3.952   -5.655  5.838   1.00 7.89  ? 90  GLY A C   1 
ATOM   659  O  O   . GLY A 1 90  ? 3.851   -5.076  6.913   1.00 8.16  ? 90  GLY A O   1 
ATOM   660  N  N   . ASN A 1 91  ? 5.141   -6.011  5.330   1.00 7.38  ? 91  ASN A N   1 
ATOM   661  C  CA  . ASN A 1 91  ? 6.371   -5.851  6.114   1.00 7.95  ? 91  ASN A CA  1 
ATOM   662  C  C   . ASN A 1 91  ? 7.286   -4.723  5.641   1.00 8.28  ? 91  ASN A C   1 
ATOM   663  O  O   . ASN A 1 91  ? 7.647   -3.865  6.436   1.00 8.36  ? 91  ASN A O   1 
ATOM   664  C  CB  . ASN A 1 91  ? 7.154   -7.169  6.154   1.00 8.10  ? 91  ASN A CB  1 
ATOM   665  C  CG  . ASN A 1 91  ? 6.315   -8.313  6.685   1.00 10.45 ? 91  ASN A CG  1 
ATOM   666  O  OD1 . ASN A 1 91  ? 6.032   -9.313  5.976   1.00 12.85 ? 91  ASN A OD1 1 
ATOM   667  N  ND2 . ASN A 1 91  ? 5.877   -8.163  7.901   1.00 10.80 ? 91  ASN A ND2 1 
ATOM   668  N  N   . ARG A 1 92  ? 7.661   -4.723  4.360   1.00 8.41  ? 92  ARG A N   1 
ATOM   669  C  CA  . ARG A 1 92  ? 8.499   -3.620  3.828   1.00 9.03  ? 92  ARG A CA  1 
ATOM   670  C  C   . ARG A 1 92  ? 7.792   -2.241  3.771   1.00 9.05  ? 92  ARG A C   1 
ATOM   671  O  O   . ARG A 1 92  ? 8.454   -1.189  3.699   1.00 9.45  ? 92  ARG A O   1 
ATOM   672  C  CB  . ARG A 1 92  ? 9.099   -4.004  2.463   1.00 8.38  ? 92  ARG A CB  1 
ATOM   673  C  CG  . ARG A 1 92  ? 10.319  -4.955  2.584   1.00 9.15  ? 92  ARG A CG  1 
ATOM   674  C  CD  . ARG A 1 92  ? 10.681  -5.568  1.231   1.00 10.91 ? 92  ARG A CD  1 
ATOM   675  N  NE  . ARG A 1 92  ? 9.671   -6.514  0.765   1.00 13.76 ? 92  ARG A NE  1 
ATOM   676  C  CZ  . ARG A 1 92  ? 9.660   -7.098  -0.434  1.00 16.70 ? 92  ARG A CZ  1 
ATOM   677  N  NH1 . ARG A 1 92  ? 10.617  -6.855  -1.326  1.00 16.12 ? 92  ARG A NH1 1 
ATOM   678  N  NH2 . ARG A 1 92  ? 8.669   -7.917  -0.749  1.00 17.08 ? 92  ARG A NH2 1 
ATOM   679  N  N   . SER A 1 93  ? 6.446   -2.241  3.825   1.00 8.96  ? 93  SER A N   1 
ATOM   680  C  CA  . SER A 1 93  ? 5.673   -1.002  3.917   1.00 8.72  ? 93  SER A CA  1 
ATOM   681  C  C   . SER A 1 93  ? 5.843   -0.262  5.257   1.00 8.02  ? 93  SER A C   1 
ATOM   682  O  O   . SER A 1 93  ? 5.597   0.948   5.330   1.00 9.13  ? 93  SER A O   1 
ATOM   683  C  CB  . SER A 1 93  ? 4.175   -1.260  3.641   1.00 8.40  ? 93  SER A CB  1 
ATOM   684  O  OG  . SER A 1 93  ? 3.760   -2.497  4.236   1.00 7.75  ? 93  SER A OG  1 
ATOM   685  N  N   . ILE A 1 94  ? 6.268   -0.960  6.305   1.00 7.95  ? 94  ILE A N   1 
ATOM   686  C  CA  . ILE A 1 94  ? 6.545   -0.301  7.591   1.00 8.19  ? 94  ILE A CA  1 
ATOM   687  C  C   . ILE A 1 94  ? 7.640   0.766   7.381   1.00 7.73  ? 94  ILE A C   1 
ATOM   688  O  O   . ILE A 1 94  ? 7.507   1.887   7.868   1.00 7.63  ? 94  ILE A O   1 
ATOM   689  C  CB  . ILE A 1 94  ? 7.011   -1.305  8.673   1.00 8.26  ? 94  ILE A CB  1 
ATOM   690  C  CG1 . ILE A 1 94  ? 5.842   -2.205  9.097   1.00 8.72  ? 94  ILE A CG1 1 
ATOM   691  C  CG2 . ILE A 1 94  ? 7.621   -0.567  9.885   1.00 9.39  ? 94  ILE A CG2 1 
ATOM   692  C  CD1 . ILE A 1 94  ? 6.340   -3.535  9.787   1.00 9.27  ? 94  ILE A CD1 1 
ATOM   693  N  N   . GLY A 1 95  ? 8.675   0.436   6.606   1.00 7.24  ? 95  GLY A N   1 
ATOM   694  C  CA  . GLY A 1 95  ? 9.761   1.410   6.357   1.00 7.47  ? 95  GLY A CA  1 
ATOM   695  C  C   . GLY A 1 95  ? 9.241   2.658   5.637   1.00 7.82  ? 95  GLY A C   1 
ATOM   696  O  O   . GLY A 1 95  ? 9.653   3.802   5.937   1.00 7.82  ? 95  GLY A O   1 
ATOM   697  N  N   . ALA A 1 96  ? 8.335   2.456   4.684   1.00 7.42  ? 96  ALA A N   1 
ATOM   698  C  CA  . ALA A 1 96  ? 7.713   3.571   3.984   1.00 7.72  ? 96  ALA A CA  1 
ATOM   699  C  C   . ALA A 1 96  ? 6.887   4.423   4.956   1.00 7.86  ? 96  ALA A C   1 
ATOM   700  O  O   . ALA A 1 96  ? 6.940   5.666   4.916   1.00 7.28  ? 96  ALA A O   1 
ATOM   701  C  CB  . ALA A 1 96  ? 6.825   3.033   2.831   1.00 7.41  ? 96  ALA A CB  1 
ATOM   702  N  N   . ALA A 1 97  ? 6.128   3.753   5.828   1.00 7.32  ? 97  ALA A N   1 
ATOM   703  C  CA  . ALA A 1 97  ? 5.263   4.446   6.810   1.00 8.12  ? 97  ALA A CA  1 
ATOM   704  C  C   . ALA A 1 97  ? 6.109   5.274   7.796   1.00 7.74  ? 97  ALA A C   1 
ATOM   705  O  O   . ALA A 1 97  ? 5.726   6.385   8.205   1.00 7.93  ? 97  ALA A O   1 
ATOM   706  C  CB  . ALA A 1 97  ? 4.397   3.421   7.564   1.00 7.61  ? 97  ALA A CB  1 
ATOM   707  N  N   . GLU A 1 98  ? 7.259   4.728   8.173   1.00 7.37  ? 98  GLU A N   1 
ATOM   708  C  CA  . GLU A 1 98  ? 8.208   5.401   9.065   1.00 8.12  ? 98  GLU A CA  1 
ATOM   709  C  C   . GLU A 1 98  ? 8.813   6.631   8.378   1.00 7.53  ? 98  GLU A C   1 
ATOM   710  O  O   . GLU A 1 98  ? 8.926   7.679   8.989   1.00 8.60  ? 98  GLU A O   1 
ATOM   711  C  CB  . GLU A 1 98  ? 9.326   4.443   9.498   1.00 7.14  ? 98  GLU A CB  1 
ATOM   712  C  CG  . GLU A 1 98  ? 8.919   3.398   10.535  1.00 9.14  ? 98  GLU A CG  1 
ATOM   713  C  CD  . GLU A 1 98  ? 10.085  2.436   10.889  1.00 10.86 ? 98  GLU A CD  1 
ATOM   714  O  OE1 . GLU A 1 98  ? 11.190  2.527   10.286  1.00 13.77 ? 98  GLU A OE1 1 
ATOM   715  O  OE2 . GLU A 1 98  ? 9.898   1.609   11.795  1.00 14.97 ? 98  GLU A OE2 1 
ATOM   716  N  N   . VAL A 1 99  ? 9.172   6.511   7.098   1.00 6.80  ? 99  VAL A N   1 
ATOM   717  C  CA  . VAL A 1 99  ? 9.685   7.681   6.325   1.00 6.88  ? 99  VAL A CA  1 
ATOM   718  C  C   . VAL A 1 99  ? 8.633   8.780   6.205   1.00 6.86  ? 99  VAL A C   1 
ATOM   719  O  O   . VAL A 1 99  ? 8.936   9.968   6.407   1.00 6.79  ? 99  VAL A O   1 
ATOM   720  C  CB  . VAL A 1 99  ? 10.204  7.255   4.945   1.00 6.17  ? 99  VAL A CB  1 
ATOM   721  C  CG1 . VAL A 1 99  ? 10.351  8.460   3.989   1.00 7.99  ? 99  VAL A CG1 1 
ATOM   722  C  CG2 . VAL A 1 99  ? 11.562  6.549   5.108   1.00 8.06  ? 99  VAL A CG2 1 
ATOM   723  N  N   . ALA A 1 100 ? 7.391   8.390   5.910   1.00 6.19  ? 100 ALA A N   1 
ATOM   724  C  CA  . ALA A 1 100 ? 6.279   9.362   5.847   1.00 6.70  ? 100 ALA A CA  1 
ATOM   725  C  C   . ALA A 1 100 ? 6.142   10.088  7.177   1.00 6.32  ? 100 ALA A C   1 
ATOM   726  O  O   . ALA A 1 100 ? 5.969   11.317  7.201   1.00 7.43  ? 100 ALA A O   1 
ATOM   727  C  CB  . ALA A 1 100 ? 4.968   8.639   5.488   1.00 6.08  ? 100 ALA A CB  1 
ATOM   728  N  N   . THR A 1 101 ? 6.217   9.332   8.284   1.00 6.77  ? 101 THR A N   1 
ATOM   729  C  CA  . THR A 1 101 ? 6.008   9.864   9.635   1.00 7.67  ? 101 THR A CA  1 
ATOM   730  C  C   . THR A 1 101 ? 7.104   10.887  9.952   1.00 8.65  ? 101 THR A C   1 
ATOM   731  O  O   . THR A 1 101 ? 6.822   12.030  10.365  1.00 8.92  ? 101 THR A O   1 
ATOM   732  C  CB  . THR A 1 101 ? 5.996   8.747   10.698  1.00 6.66  ? 101 THR A CB  1 
ATOM   733  O  OG1 . THR A 1 101 ? 4.906   7.853   10.439  1.00 9.58  ? 101 THR A OG1 1 
ATOM   734  C  CG2 . THR A 1 101 ? 5.827   9.333   12.109  1.00 7.18  ? 101 THR A CG2 1 
ATOM   735  N  N   . GLU A 1 102 ? 8.353   10.491  9.722   1.00 9.30  ? 102 GLU A N   1 
ATOM   736  C  CA  . GLU A 1 102 ? 9.481   11.407  9.912   1.00 11.54 ? 102 GLU A CA  1 
ATOM   737  C  C   . GLU A 1 102 ? 9.426   12.653  9.023   1.00 10.85 ? 102 GLU A C   1 
ATOM   738  O  O   . GLU A 1 102 ? 9.998   13.680  9.388   1.00 11.23 ? 102 GLU A O   1 
ATOM   739  C  CB  . GLU A 1 102 ? 10.810  10.684  9.728   1.00 11.14 ? 102 GLU A CB  1 
ATOM   740  C  CG  . GLU A 1 102 ? 10.997  9.496   10.641  1.00 15.07 ? 102 GLU A CG  1 
ATOM   741  C  CD  . GLU A 1 102 ? 12.342  8.776   10.365  1.00 17.01 ? 102 GLU A CD  1 
ATOM   742  O  OE1 . GLU A 1 102 ? 13.396  9.400   10.627  1.00 25.40 ? 102 GLU A OE1 1 
ATOM   743  O  OE2 . GLU A 1 102 ? 12.343  7.605   9.885   1.00 25.01 ? 102 GLU A OE2 1 
ATOM   744  N  N   . ALA A 1 103 ? 8.741   12.571  7.877   1.00 10.92 ? 103 ALA A N   1 
ATOM   745  C  CA  . ALA A 1 103 ? 8.530   13.728  7.000   1.00 10.45 ? 103 ALA A CA  1 
ATOM   746  C  C   . ALA A 1 103 ? 7.302   14.560  7.373   1.00 9.85  ? 103 ALA A C   1 
ATOM   747  O  O   . ALA A 1 103 ? 6.994   15.522  6.693   1.00 9.74  ? 103 ALA A O   1 
ATOM   748  C  CB  . ALA A 1 103 ? 8.453   13.298  5.556   1.00 10.30 ? 103 ALA A CB  1 
ATOM   749  N  N   . GLY A 1 104 ? 6.601   14.187  8.448   1.00 9.75  ? 104 GLY A N   1 
ATOM   750  C  CA  . GLY A 1 104 ? 5.396   14.908  8.870   1.00 9.78  ? 104 GLY A CA  1 
ATOM   751  C  C   . GLY A 1 104 ? 4.196   14.679  7.960   1.00 10.03 ? 104 GLY A C   1 
ATOM   752  O  O   . GLY A 1 104 ? 3.286   15.507  7.904   1.00 10.19 ? 104 GLY A O   1 
ATOM   753  N  N   . ILE A 1 105 ? 4.200   13.556  7.243   1.00 9.44  ? 105 ILE A N   1 
ATOM   754  C  CA  . ILE A 1 105 ? 3.082   13.126  6.409   1.00 10.20 ? 105 ILE A CA  1 
ATOM   755  C  C   . ILE A 1 105 ? 2.339   12.113  7.263   1.00 10.11 ? 105 ILE A C   1 
ATOM   756  O  O   . ILE A 1 105 ? 2.653   10.918  7.235   1.00 10.17 ? 105 ILE A O   1 
ATOM   757  C  CB  . ILE A 1 105 ? 3.595   12.499  5.064   1.00 10.00 ? 105 ILE A CB  1 
ATOM   758  C  CG1 . ILE A 1 105 ? 4.422   13.545  4.301   1.00 11.34 ? 105 ILE A CG1 1 
ATOM   759  C  CG2 . ILE A 1 105 ? 2.446   11.969  4.212   1.00 10.87 ? 105 ILE A CG2 1 
ATOM   760  C  CD1 . ILE A 1 105 ? 4.951   13.088  2.961   1.00 11.45 ? 105 ILE A CD1 1 
ATOM   761  N  N   . THR A 1 106 ? 1.405   12.607  8.075   1.00 9.58  ? 106 THR A N   1 
ATOM   762  C  CA  . THR A 1 106 ? 0.807   11.811  9.131   1.00 10.17 ? 106 THR A CA  1 
ATOM   763  C  C   . THR A 1 106 ? -0.707  12.063  9.160   1.00 9.59  ? 106 THR A C   1 
ATOM   764  O  O   . THR A 1 106 ? -1.167  13.113  8.680   1.00 9.45  ? 106 THR A O   1 
ATOM   765  C  CB  . THR A 1 106 ? 1.380   12.200  10.526  1.00 10.01 ? 106 THR A CB  1 
ATOM   766  O  OG1 . THR A 1 106 ? 1.305   13.624  10.688  1.00 12.97 ? 106 THR A OG1 1 
ATOM   767  C  CG2 . THR A 1 106 ? 2.858   11.779  10.662  1.00 11.99 ? 106 THR A CG2 1 
ATOM   768  N  N   . PRO A 1 107 ? -1.481  11.126  9.732   1.00 9.16  ? 107 PRO A N   1 
ATOM   769  C  CA  . PRO A 1 107 ? -1.068  9.820   10.267  1.00 9.28  ? 107 PRO A CA  1 
ATOM   770  C  C   . PRO A 1 107 ? -0.771  8.812   9.161   1.00 8.53  ? 107 PRO A C   1 
ATOM   771  O  O   . PRO A 1 107 ? -1.547  8.690   8.203   1.00 9.57  ? 107 PRO A O   1 
ATOM   772  C  CB  . PRO A 1 107 ? -2.293  9.358   11.070  1.00 8.44  ? 107 PRO A CB  1 
ATOM   773  C  CG  . PRO A 1 107 ? -3.452  10.055  10.450  1.00 10.37 ? 107 PRO A CG  1 
ATOM   774  C  CD  . PRO A 1 107 ? -2.934  11.354  9.890   1.00 9.36  ? 107 PRO A CD  1 
ATOM   775  N  N   . ALA A 1 108 ? 0.343   8.098   9.300   1.00 8.92  ? 108 ALA A N   1 
ATOM   776  C  CA  . ALA A 1 108 ? 0.805   7.123   8.307   1.00 8.55  ? 108 ALA A CA  1 
ATOM   777  C  C   . ALA A 1 108 ? 0.514   5.716   8.816   1.00 8.62  ? 108 ALA A C   1 
ATOM   778  O  O   . ALA A 1 108 ? 1.005   5.344   9.890   1.00 9.12  ? 108 ALA A O   1 
ATOM   779  C  CB  . ALA A 1 108 ? 2.332   7.273   8.089   1.00 8.90  ? 108 ALA A CB  1 
ATOM   780  N  N   . TYR A 1 109 ? -0.237  4.923   8.045   1.00 8.42  ? 109 TYR A N   1 
ATOM   781  C  CA  . TYR A 1 109 ? -0.620  3.565   8.464   1.00 7.09  ? 109 TYR A CA  1 
ATOM   782  C  C   . TYR A 1 109 ? 0.023   2.487   7.591   1.00 7.19  ? 109 TYR A C   1 
ATOM   783  O  O   . TYR A 1 109 ? 0.304   2.722   6.419   1.00 7.69  ? 109 TYR A O   1 
ATOM   784  C  CB  . TYR A 1 109 ? -2.138  3.406   8.402   1.00 7.64  ? 109 TYR A CB  1 
ATOM   785  C  CG  . TYR A 1 109 ? -2.860  4.272   9.431   1.00 8.08  ? 109 TYR A CG  1 
ATOM   786  C  CD1 . TYR A 1 109 ? -2.968  3.859   10.752  1.00 7.19  ? 109 TYR A CD1 1 
ATOM   787  C  CD2 . TYR A 1 109 ? -3.393  5.505   9.080   1.00 7.66  ? 109 TYR A CD2 1 
ATOM   788  C  CE1 . TYR A 1 109 ? -3.644  4.663   11.712  1.00 8.06  ? 109 TYR A CE1 1 
ATOM   789  C  CE2 . TYR A 1 109 ? -4.054  6.314   10.010  1.00 8.55  ? 109 TYR A CE2 1 
ATOM   790  C  CZ  . TYR A 1 109 ? -4.177  5.880   11.327  1.00 9.03  ? 109 TYR A CZ  1 
ATOM   791  O  OH  . TYR A 1 109 ? -4.815  6.675   12.266  1.00 10.98 ? 109 TYR A OH  1 
ATOM   792  N  N   . ASN A 1 110 ? 0.208   1.306   8.156   1.00 6.83  ? 110 ASN A N   1 
ATOM   793  C  CA  . ASN A 1 110 ? 0.762   0.165   7.416   1.00 7.46  ? 110 ASN A CA  1 
ATOM   794  C  C   . ASN A 1 110 ? -0.354  -0.867  7.217   1.00 7.38  ? 110 ASN A C   1 
ATOM   795  O  O   . ASN A 1 110 ? -1.054  -1.198  8.198   1.00 7.75  ? 110 ASN A O   1 
ATOM   796  C  CB  . ASN A 1 110 ? 1.863   -0.469  8.257   1.00 8.11  ? 110 ASN A CB  1 
ATOM   797  C  CG  . ASN A 1 110 ? 2.384   -1.719  7.642   1.00 9.26  ? 110 ASN A CG  1 
ATOM   798  O  OD1 . ASN A 1 110 ? 2.360   -2.806  8.238   1.00 13.37 ? 110 ASN A OD1 1 
ATOM   799  N  ND2 . ASN A 1 110 ? 2.854   -1.589  6.442   1.00 7.95  ? 110 ASN A ND2 1 
ATOM   800  N  N   . VAL A 1 111 ? -0.521  -1.383  5.986   1.00 6.58  ? 111 VAL A N   1 
ATOM   801  C  CA  . VAL A 1 111 ? -1.553  -2.406  5.755   1.00 7.06  ? 111 VAL A CA  1 
ATOM   802  C  C   . VAL A 1 111 ? -1.002  -3.797  6.053   1.00 6.33  ? 111 VAL A C   1 
ATOM   803  O  O   . VAL A 1 111 ? -0.205  -4.337  5.277   1.00 6.54  ? 111 VAL A O   1 
ATOM   804  C  CB  . VAL A 1 111 ? -2.115  -2.382  4.304   1.00 6.13  ? 111 VAL A CB  1 
ATOM   805  C  CG1 . VAL A 1 111 ? -3.263  -3.424  4.165   1.00 6.26  ? 111 VAL A CG1 1 
ATOM   806  C  CG2 . VAL A 1 111 ? -2.631  -1.004  3.948   1.00 8.51  ? 111 VAL A CG2 1 
ATOM   807  N  N   . LEU A 1 112 ? -1.415  -4.367  7.194   1.00 6.78  ? 112 LEU A N   1 
ATOM   808  C  CA  . LEU A 1 112 ? -1.079  -5.766  7.533   1.00 6.70  ? 112 LEU A CA  1 
ATOM   809  C  C   . LEU A 1 112 ? -1.486  -6.685  6.391   1.00 6.59  ? 112 LEU A C   1 
ATOM   810  O  O   . LEU A 1 112 ? -2.522  -6.439  5.760   1.00 5.61  ? 112 LEU A O   1 
ATOM   811  C  CB  . LEU A 1 112 ? -1.861  -6.197  8.766   1.00 7.25  ? 112 LEU A CB  1 
ATOM   812  C  CG  . LEU A 1 112 ? -1.465  -5.454  10.045  1.00 8.59  ? 112 LEU A CG  1 
ATOM   813  C  CD1 . LEU A 1 112 ? -2.448  -5.798  11.175  1.00 10.30 ? 112 LEU A CD1 1 
ATOM   814  C  CD2 . LEU A 1 112 ? 0.025   -5.751  10.471  1.00 13.19 ? 112 LEU A CD2 1 
ATOM   815  N  N   . ASP A 1 113 ? -0.689  -7.728  6.141   1.00 6.17  ? 113 ASP A N   1 
ATOM   816  C  CA  . ASP A 1 113 ? -0.947  -8.735  5.078   1.00 6.64  ? 113 ASP A CA  1 
ATOM   817  C  C   . ASP A 1 113 ? -0.727  -8.216  3.673   1.00 6.51  ? 113 ASP A C   1 
ATOM   818  O  O   . ASP A 1 113 ? -0.561  -8.997  2.765   1.00 8.63  ? 113 ASP A O   1 
ATOM   819  C  CB  . ASP A 1 113 ? -2.339  -9.383  5.207   1.00 6.96  ? 113 ASP A CB  1 
ATOM   820  C  CG  . ASP A 1 113 ? -2.591  -9.956  6.604   1.00 11.19 ? 113 ASP A CG  1 
ATOM   821  O  OD1 . ASP A 1 113 ? -1.625  -10.363 7.261   1.00 12.29 ? 113 ASP A OD1 1 
ATOM   822  O  OD2 . ASP A 1 113 ? -3.755  -9.958  7.052   1.00 14.52 ? 113 ASP A OD2 1 
ATOM   823  N  N   . GLY A 1 114 ? -0.722  -6.897  3.484   1.00 7.13  ? 114 GLY A N   1 
ATOM   824  C  CA  . GLY A 1 114 ? -0.396  -6.320  2.153   1.00 6.46  ? 114 GLY A CA  1 
ATOM   825  C  C   . GLY A 1 114 ? -1.379  -6.736  1.060   1.00 6.50  ? 114 GLY A C   1 
ATOM   826  O  O   . GLY A 1 114 ? -2.547  -7.086  1.340   1.00 7.39  ? 114 GLY A O   1 
ATOM   827  N  N   . PHE A 1 115 ? -0.906  -6.714  -0.185  1.00 6.68  ? 115 PHE A N   1 
ATOM   828  C  CA  . PHE A 1 115 ? -1.767  -6.976  -1.333  1.00 6.16  ? 115 PHE A CA  1 
ATOM   829  C  C   . PHE A 1 115 ? -1.948  -8.479  -1.558  1.00 6.67  ? 115 PHE A C   1 
ATOM   830  O  O   . PHE A 1 115 ? -3.043  -8.928  -1.912  1.00 6.33  ? 115 PHE A O   1 
ATOM   831  C  CB  . PHE A 1 115 ? -1.158  -6.353  -2.592  1.00 7.12  ? 115 PHE A CB  1 
ATOM   832  C  CG  . PHE A 1 115 ? -2.104  -6.346  -3.810  1.00 6.44  ? 115 PHE A CG  1 
ATOM   833  C  CD1 . PHE A 1 115 ? -3.243  -5.554  -3.813  1.00 7.27  ? 115 PHE A CD1 1 
ATOM   834  C  CD2 . PHE A 1 115 ? -1.771  -7.054  -4.966  1.00 10.23 ? 115 PHE A CD2 1 
ATOM   835  C  CE1 . PHE A 1 115 ? -4.096  -5.501  -4.944  1.00 6.75  ? 115 PHE A CE1 1 
ATOM   836  C  CE2 . PHE A 1 115 ? -2.591  -7.016  -6.097  1.00 9.54  ? 115 PHE A CE2 1 
ATOM   837  C  CZ  . PHE A 1 115 ? -3.768  -6.229  -6.084  1.00 9.28  ? 115 PHE A CZ  1 
ATOM   838  N  N   . GLU A 1 116 ? -0.868  -9.252  -1.358  1.00 6.47  ? 116 GLU A N   1 
ATOM   839  C  CA  . GLU A 1 116 ? -0.878  -10.681 -1.655  1.00 5.74  ? 116 GLU A CA  1 
ATOM   840  C  C   . GLU A 1 116 ? -0.827  -11.580 -0.426  1.00 5.95  ? 116 GLU A C   1 
ATOM   841  O  O   . GLU A 1 116 ? -1.080  -12.777 -0.548  1.00 5.98  ? 116 GLU A O   1 
ATOM   842  C  CB  . GLU A 1 116 ? 0.343   -11.045 -2.527  1.00 6.65  ? 116 GLU A CB  1 
ATOM   843  C  CG  . GLU A 1 116 ? 0.306   -10.466 -3.922  1.00 5.64  ? 116 GLU A CG  1 
ATOM   844  C  CD  . GLU A 1 116 ? 1.396   -11.107 -4.772  1.00 7.05  ? 116 GLU A CD  1 
ATOM   845  O  OE1 . GLU A 1 116 ? 1.256   -12.293 -5.124  1.00 9.57  ? 116 GLU A OE1 1 
ATOM   846  O  OE2 . GLU A 1 116 ? 2.381   -10.406 -5.070  1.00 8.48  ? 116 GLU A OE2 1 
ATOM   847  N  N   . GLY A 1 117 ? -0.424  -11.036 0.720   1.00 5.72  ? 117 GLY A N   1 
ATOM   848  C  CA  . GLY A 1 117 ? -0.336  -11.827 1.966   1.00 5.99  ? 117 GLY A CA  1 
ATOM   849  C  C   . GLY A 1 117 ? 0.831   -12.806 1.998   1.00 7.29  ? 117 GLY A C   1 
ATOM   850  O  O   . GLY A 1 117 ? 1.733   -12.742 1.183   1.00 6.92  ? 117 GLY A O   1 
ATOM   851  N  N   . HIS A 1 118 ? 0.744   -13.767 2.910   1.00 8.35  ? 118 HIS A N   1 
ATOM   852  C  CA  . HIS A 1 118 ? 1.855   -14.661 3.228   1.00 10.07 ? 118 HIS A CA  1 
ATOM   853  C  C   . HIS A 1 118 ? 1.881   -15.855 2.276   1.00 9.93  ? 118 HIS A C   1 
ATOM   854  O  O   . HIS A 1 118 ? 0.938   -16.114 1.524   1.00 9.92  ? 118 HIS A O   1 
ATOM   855  C  CB  . HIS A 1 118 ? 1.673   -15.154 4.684   1.00 10.38 ? 118 HIS A CB  1 
ATOM   856  C  CG  . HIS A 1 118 ? 0.505   -16.084 4.852   1.00 15.68 ? 118 HIS A CG  1 
ATOM   857  N  ND1 . HIS A 1 118 ? 0.652   -17.423 5.144   1.00 17.14 ? 118 HIS A ND1 1 
ATOM   858  C  CD2 . HIS A 1 118 ? -0.829  -15.879 4.703   1.00 17.69 ? 118 HIS A CD2 1 
ATOM   859  C  CE1 . HIS A 1 118 ? -0.538  -17.997 5.204   1.00 16.81 ? 118 HIS A CE1 1 
ATOM   860  N  NE2 . HIS A 1 118 ? -1.453  -17.083 4.935   1.00 20.39 ? 118 HIS A NE2 1 
ATOM   861  N  N   . LEU A 1 119 ? 2.969   -16.604 2.331   1.00 10.95 ? 119 LEU A N   1 
ATOM   862  C  CA  . LEU A 1 119 ? 3.125   -17.814 1.549   1.00 12.07 ? 119 LEU A CA  1 
ATOM   863  C  C   . LEU A 1 119 ? 2.535   -18.977 2.348   1.00 12.35 ? 119 LEU A C   1 
ATOM   864  O  O   . LEU A 1 119 ? 2.995   -19.275 3.456   1.00 12.17 ? 119 LEU A O   1 
ATOM   865  C  CB  . LEU A 1 119 ? 4.616   -17.997 1.273   1.00 12.49 ? 119 LEU A CB  1 
ATOM   866  C  CG  . LEU A 1 119 ? 5.196   -18.774 0.117   1.00 13.76 ? 119 LEU A CG  1 
ATOM   867  C  CD1 . LEU A 1 119 ? 4.604   -18.353 -1.236  1.00 12.35 ? 119 LEU A CD1 1 
ATOM   868  C  CD2 . LEU A 1 119 ? 6.727   -18.558 0.151   1.00 14.03 ? 119 LEU A CD2 1 
ATOM   869  N  N   . ASP A 1 120 ? 1.478   -19.598 1.834   1.00 12.43 ? 120 ASP A N   1 
ATOM   870  C  CA  . ASP A 1 120 ? 0.765   -20.652 2.586   1.00 12.78 ? 120 ASP A CA  1 
ATOM   871  C  C   . ASP A 1 120 ? 1.462   -21.998 2.517   1.00 13.52 ? 120 ASP A C   1 
ATOM   872  O  O   . ASP A 1 120 ? 2.587   -22.076 2.015   1.00 13.77 ? 120 ASP A O   1 
ATOM   873  C  CB  . ASP A 1 120 ? -0.732  -20.724 2.206   1.00 12.88 ? 120 ASP A CB  1 
ATOM   874  C  CG  . ASP A 1 120 ? -0.996  -21.418 0.856   1.00 12.74 ? 120 ASP A CG  1 
ATOM   875  O  OD1 . ASP A 1 120 ? -0.092  -22.071 0.285   1.00 11.52 ? 120 ASP A OD1 1 
ATOM   876  O  OD2 . ASP A 1 120 ? -2.149  -21.307 0.377   1.00 14.02 ? 120 ASP A OD2 1 
ATOM   877  N  N   . ALA A 1 121 ? 0.806   -23.043 3.022   1.00 14.31 ? 121 ALA A N   1 
ATOM   878  C  CA  . ALA A 1 121 ? 1.410   -24.386 3.148   1.00 15.32 ? 121 ALA A CA  1 
ATOM   879  C  C   . ALA A 1 121 ? 1.716   -25.047 1.802   1.00 15.45 ? 121 ALA A C   1 
ATOM   880  O  O   . ALA A 1 121 ? 2.567   -25.938 1.722   1.00 16.10 ? 121 ALA A O   1 
ATOM   881  C  CB  . ALA A 1 121 ? 0.513   -25.302 3.990   1.00 15.92 ? 121 ALA A CB  1 
ATOM   882  N  N   . GLU A 1 122 ? 0.999   -24.613 0.762   1.00 15.06 ? 122 GLU A N   1 
ATOM   883  C  CA  . GLU A 1 122 ? 1.170   -25.127 -0.601  1.00 14.07 ? 122 GLU A CA  1 
ATOM   884  C  C   . GLU A 1 122 ? 2.212   -24.290 -1.401  1.00 12.98 ? 122 GLU A C   1 
ATOM   885  O  O   . GLU A 1 122 ? 2.481   -24.589 -2.558  1.00 12.97 ? 122 GLU A O   1 
ATOM   886  C  CB  . GLU A 1 122 ? -0.191  -25.157 -1.339  1.00 13.61 ? 122 GLU A CB  1 
ATOM   887  C  CG  . GLU A 1 122 ? -1.322  -26.051 -0.726  1.00 14.73 ? 122 GLU A CG  1 
ATOM   888  C  CD  . GLU A 1 122 ? -2.633  -26.031 -1.558  1.00 15.56 ? 122 GLU A CD  1 
ATOM   889  O  OE1 . GLU A 1 122 ? -2.574  -26.288 -2.779  1.00 15.26 ? 122 GLU A OE1 1 
ATOM   890  O  OE2 . GLU A 1 122 ? -3.739  -25.787 -1.004  1.00 16.63 ? 122 GLU A OE2 1 
ATOM   891  N  N   . GLY A 1 123 ? 2.795   -23.262 -0.777  1.00 11.10 ? 123 GLY A N   1 
ATOM   892  C  CA  . GLY A 1 123 ? 3.718   -22.347 -1.457  1.00 10.42 ? 123 GLY A CA  1 
ATOM   893  C  C   . GLY A 1 123 ? 2.986   -21.327 -2.338  1.00 9.07  ? 123 GLY A C   1 
ATOM   894  O  O   . GLY A 1 123 ? 3.480   -20.921 -3.404  1.00 8.79  ? 123 GLY A O   1 
ATOM   895  N  N   . HIS A 1 124 ? 1.783   -20.963 -1.910  1.00 7.66  ? 124 HIS A N   1 
ATOM   896  C  CA  . HIS A 1 124 ? 0.921   -20.042 -2.646  1.00 7.20  ? 124 HIS A CA  1 
ATOM   897  C  C   . HIS A 1 124 ? 0.642   -18.814 -1.820  1.00 8.24  ? 124 HIS A C   1 
ATOM   898  O  O   . HIS A 1 124 ? 0.452   -18.929 -0.609  1.00 8.36  ? 124 HIS A O   1 
ATOM   899  C  CB  . HIS A 1 124 ? -0.429  -20.684 -2.937  1.00 6.87  ? 124 HIS A CB  1 
ATOM   900  C  CG  . HIS A 1 124 ? -0.360  -21.960 -3.713  1.00 6.59  ? 124 HIS A CG  1 
ATOM   901  N  ND1 . HIS A 1 124 ? -1.433  -22.824 -3.792  1.00 8.00  ? 124 HIS A ND1 1 
ATOM   902  C  CD2 . HIS A 1 124 ? 0.627   -22.520 -4.458  1.00 6.10  ? 124 HIS A CD2 1 
ATOM   903  C  CE1 . HIS A 1 124 ? -1.114  -23.853 -4.563  1.00 5.25  ? 124 HIS A CE1 1 
ATOM   904  N  NE2 . HIS A 1 124 ? 0.134   -23.702 -4.963  1.00 2.83  ? 124 HIS A NE2 1 
ATOM   905  N  N   . ARG A 1 125 ? 0.613   -17.645 -2.465  1.00 7.12  ? 125 ARG A N   1 
ATOM   906  C  CA  . ARG A 1 125 ? 0.046   -16.483 -1.811  1.00 8.36  ? 125 ARG A CA  1 
ATOM   907  C  C   . ARG A 1 125 ? -1.436  -16.456 -2.188  1.00 9.35  ? 125 ARG A C   1 
ATOM   908  O  O   . ARG A 1 125 ? -1.971  -17.477 -2.648  1.00 9.43  ? 125 ARG A O   1 
ATOM   909  C  CB  . ARG A 1 125 ? 0.797   -15.187 -2.169  1.00 7.39  ? 125 ARG A CB  1 
ATOM   910  C  CG  . ARG A 1 125 ? 2.295   -15.271 -1.783  1.00 7.06  ? 125 ARG A CG  1 
ATOM   911  C  CD  . ARG A 1 125 ? 3.001   -13.909 -1.983  1.00 7.55  ? 125 ARG A CD  1 
ATOM   912  N  NE  . ARG A 1 125 ? 4.430   -14.108 -1.808  1.00 9.10  ? 125 ARG A NE  1 
ATOM   913  C  CZ  . ARG A 1 125 ? 5.052   -14.094 -0.634  1.00 13.46 ? 125 ARG A CZ  1 
ATOM   914  N  NH1 . ARG A 1 125 ? 4.376   -13.786 0.481   1.00 12.43 ? 125 ARG A NH1 1 
ATOM   915  N  NH2 . ARG A 1 125 ? 6.362   -14.349 -0.579  1.00 10.74 ? 125 ARG A NH2 1 
ATOM   916  N  N   . GLY A 1 126 ? -2.109  -15.329 -1.973  1.00 9.69  ? 126 GLY A N   1 
ATOM   917  C  CA  . GLY A 1 126 ? -3.562  -15.266 -2.213  1.00 10.91 ? 126 GLY A CA  1 
ATOM   918  C  C   . GLY A 1 126 ? -4.407  -15.877 -1.099  1.00 11.66 ? 126 GLY A C   1 
ATOM   919  O  O   . GLY A 1 126 ? -5.631  -16.003 -1.254  1.00 12.61 ? 126 GLY A O   1 
ATOM   920  N  N   . ALA A 1 127 ? -3.775  -16.211 0.034   1.00 11.46 ? 127 ALA A N   1 
ATOM   921  C  CA  . ALA A 1 127 ? -4.461  -16.775 1.207   1.00 11.18 ? 127 ALA A CA  1 
ATOM   922  C  C   . ALA A 1 127 ? -4.949  -15.676 2.153   1.00 11.05 ? 127 ALA A C   1 
ATOM   923  O  O   . ALA A 1 127 ? -6.065  -15.758 2.678   1.00 10.66 ? 127 ALA A O   1 
ATOM   924  C  CB  . ALA A 1 127 ? -3.556  -17.748 1.962   1.00 11.49 ? 127 ALA A CB  1 
ATOM   925  N  N   . THR A 1 128 ? -4.103  -14.674 2.373   1.00 9.45  ? 128 THR A N   1 
ATOM   926  C  CA  . THR A 1 128 ? -4.453  -13.467 3.123   1.00 8.85  ? 128 THR A CA  1 
ATOM   927  C  C   . THR A 1 128 ? -4.146  -12.236 2.245   1.00 8.06  ? 128 THR A C   1 
ATOM   928  O  O   . THR A 1 128 ? -3.577  -12.358 1.139   1.00 8.03  ? 128 THR A O   1 
ATOM   929  C  CB  . THR A 1 128 ? -3.658  -13.342 4.464   1.00 9.57  ? 128 THR A CB  1 
ATOM   930  O  OG1 . THR A 1 128 ? -2.242  -13.391 4.210   1.00 10.68 ? 128 THR A OG1 1 
ATOM   931  C  CG2 . THR A 1 128 ? -4.037  -14.470 5.473   1.00 9.04  ? 128 THR A CG2 1 
ATOM   932  N  N   . GLY A 1 129 ? -4.533  -11.047 2.718   1.00 7.49  ? 129 GLY A N   1 
ATOM   933  C  CA  . GLY A 1 129 ? -4.176  -9.832  1.994   1.00 5.82  ? 129 GLY A CA  1 
ATOM   934  C  C   . GLY A 1 129 ? -5.344  -9.232  1.233   1.00 7.02  ? 129 GLY A C   1 
ATOM   935  O  O   . GLY A 1 129 ? -6.443  -9.805  1.241   1.00 7.06  ? 129 GLY A O   1 
ATOM   936  N  N   . TRP A 1 130 ? -5.116  -8.068  0.607   1.00 6.96  ? 130 TRP A N   1 
ATOM   937  C  CA  . TRP A 1 130 ? -6.144  -7.306  -0.137  1.00 5.93  ? 130 TRP A CA  1 
ATOM   938  C  C   . TRP A 1 130 ? -6.966  -8.147  -1.115  1.00 7.25  ? 130 TRP A C   1 
ATOM   939  O  O   . TRP A 1 130 ? -8.217  -8.175  -1.068  1.00 6.38  ? 130 TRP A O   1 
ATOM   940  C  CB  . TRP A 1 130 ? -5.429  -6.177  -0.916  1.00 7.05  ? 130 TRP A CB  1 
ATOM   941  C  CG  . TRP A 1 130 ? -6.325  -5.162  -1.536  1.00 6.49  ? 130 TRP A CG  1 
ATOM   942  C  CD1 . TRP A 1 130 ? -6.990  -5.284  -2.718  1.00 7.88  ? 130 TRP A CD1 1 
ATOM   943  C  CD2 . TRP A 1 130 ? -6.592  -3.838  -1.051  1.00 7.25  ? 130 TRP A CD2 1 
ATOM   944  N  NE1 . TRP A 1 130 ? -7.684  -4.120  -2.991  1.00 7.43  ? 130 TRP A NE1 1 
ATOM   945  C  CE2 . TRP A 1 130 ? -7.463  -3.218  -1.982  1.00 7.45  ? 130 TRP A CE2 1 
ATOM   946  C  CE3 . TRP A 1 130 ? -6.179  -3.114  0.083   1.00 6.69  ? 130 TRP A CE3 1 
ATOM   947  C  CZ2 . TRP A 1 130 ? -7.945  -1.886  -1.822  1.00 6.16  ? 130 TRP A CZ2 1 
ATOM   948  C  CZ3 . TRP A 1 130 ? -6.675  -1.774  0.250   1.00 6.64  ? 130 TRP A CZ3 1 
ATOM   949  C  CH2 . TRP A 1 130 ? -7.525  -1.185  -0.706  1.00 7.28  ? 130 TRP A CH2 1 
ATOM   950  N  N   . ARG A 1 131 ? -6.289  -8.809  -2.054  1.00 6.49  ? 131 ARG A N   1 
ATOM   951  C  CA  . ARG A 1 131 ? -7.006  -9.617  -3.035  1.00 8.03  ? 131 ARG A CA  1 
ATOM   952  C  C   . ARG A 1 131 ? -7.751  -10.805 -2.411  1.00 8.10  ? 131 ARG A C   1 
ATOM   953  O  O   . ARG A 1 131 ? -8.849  -11.148 -2.857  1.00 7.40  ? 131 ARG A O   1 
ATOM   954  C  CB  . ARG A 1 131 ? -6.042  -10.159 -4.091  1.00 8.00  ? 131 ARG A CB  1 
ATOM   955  C  CG  . ARG A 1 131 ? -5.270  -9.096  -4.875  1.00 10.81 ? 131 ARG A CG  1 
ATOM   956  C  CD  . ARG A 1 131 ? -4.904  -9.667  -6.242  1.00 11.08 ? 131 ARG A CD  1 
ATOM   957  N  NE  . ARG A 1 131 ? -3.920  -10.747 -6.152  1.00 9.79  ? 131 ARG A NE  1 
ATOM   958  C  CZ  . ARG A 1 131 ? -3.296  -11.245 -7.218  1.00 11.60 ? 131 ARG A CZ  1 
ATOM   959  N  NH1 . ARG A 1 131 ? -3.584  -10.765 -8.433  1.00 7.56  ? 131 ARG A NH1 1 
ATOM   960  N  NH2 . ARG A 1 131 ? -2.387  -12.213 -7.074  1.00 12.31 ? 131 ARG A NH2 1 
ATOM   961  N  N   . ALA A 1 132 ? -7.134  -11.467 -1.423  1.00 8.11  ? 132 ALA A N   1 
ATOM   962  C  CA  . ALA A 1 132 ? -7.721  -12.653 -0.780  1.00 8.16  ? 132 ALA A CA  1 
ATOM   963  C  C   . ALA A 1 132 ? -9.070  -12.339 -0.136  1.00 8.73  ? 132 ALA A C   1 
ATOM   964  O  O   . ALA A 1 132 ? -9.974  -13.175 -0.099  1.00 9.30  ? 132 ALA A O   1 
ATOM   965  C  CB  . ALA A 1 132 ? -6.769  -13.214 0.262   1.00 8.07  ? 132 ALA A CB  1 
ATOM   966  N  N   . VAL A 1 133 ? -9.191  -11.125 0.378   1.00 7.76  ? 133 VAL A N   1 
ATOM   967  C  CA  . VAL A 1 133 ? -10.426 -10.660 0.980   1.00 8.80  ? 133 VAL A CA  1 
ATOM   968  C  C   . VAL A 1 133 ? -11.348 -9.957  -0.060  1.00 7.78  ? 133 VAL A C   1 
ATOM   969  O  O   . VAL A 1 133 ? -12.433 -9.445  0.260   1.00 8.36  ? 133 VAL A O   1 
ATOM   970  C  CB  . VAL A 1 133 ? -10.071 -9.856  2.291   1.00 9.16  ? 133 VAL A CB  1 
ATOM   971  C  CG1 . VAL A 1 133 ? -9.679  -8.402  2.021   1.00 10.73 ? 133 VAL A CG1 1 
ATOM   972  C  CG2 . VAL A 1 133 ? -11.145 -10.009 3.320   1.00 13.77 ? 133 VAL A CG2 1 
ATOM   973  N  N   . GLY A 1 134 ? -10.928 -9.956  -1.326  1.00 7.63  ? 134 GLY A N   1 
ATOM   974  C  CA  . GLY A 1 134 ? -11.827 -9.538  -2.407  1.00 6.60  ? 134 GLY A CA  1 
ATOM   975  C  C   . GLY A 1 134 ? -12.033 -8.023  -2.463  1.00 6.11  ? 134 GLY A C   1 
ATOM   976  O  O   . GLY A 1 134 ? -13.022 -7.537  -3.049  1.00 6.26  ? 134 GLY A O   1 
ATOM   977  N  N   . LEU A 1 135 ? -11.143 -7.252  -1.841  1.00 5.19  ? 135 LEU A N   1 
ATOM   978  C  CA  . LEU A 1 135 ? -11.286 -5.794  -1.983  1.00 6.06  ? 135 LEU A CA  1 
ATOM   979  C  C   . LEU A 1 135 ? -10.986 -5.432  -3.441  1.00 6.51  ? 135 LEU A C   1 
ATOM   980  O  O   . LEU A 1 135 ? -10.160 -6.103  -4.070  1.00 7.67  ? 135 LEU A O   1 
ATOM   981  C  CB  . LEU A 1 135 ? -10.330 -5.063  -1.046  1.00 4.92  ? 135 LEU A CB  1 
ATOM   982  C  CG  . LEU A 1 135 ? -10.749 -5.035  0.434   1.00 4.26  ? 135 LEU A CG  1 
ATOM   983  C  CD1 . LEU A 1 135 ? -9.565  -4.486  1.240   1.00 6.44  ? 135 LEU A CD1 1 
ATOM   984  C  CD2 . LEU A 1 135 ? -11.965 -4.149  0.614   1.00 6.98  ? 135 LEU A CD2 1 
ATOM   985  N  N   . PRO A 1 136 ? -11.673 -4.400  -3.992  1.00 7.00  ? 136 PRO A N   1 
ATOM   986  C  CA  . PRO A 1 136 ? -11.515 -4.076  -5.431  1.00 7.25  ? 136 PRO A CA  1 
ATOM   987  C  C   . PRO A 1 136 ? -10.079 -4.031  -5.915  1.00 6.54  ? 136 PRO A C   1 
ATOM   988  O  O   . PRO A 1 136 ? -9.233  -3.366  -5.294  1.00 5.17  ? 136 PRO A O   1 
ATOM   989  C  CB  . PRO A 1 136 ? -12.200 -2.696  -5.559  1.00 7.19  ? 136 PRO A CB  1 
ATOM   990  C  CG  . PRO A 1 136 ? -13.338 -2.805  -4.558  1.00 8.49  ? 136 PRO A CG  1 
ATOM   991  C  CD  . PRO A 1 136 ? -12.705 -3.551  -3.354  1.00 6.27  ? 136 PRO A CD  1 
ATOM   992  N  N   . TRP A 1 137 ? -9.805  -4.782  -7.000  1.00 6.62  ? 137 TRP A N   1 
ATOM   993  C  CA  . TRP A 1 137 ? -8.470  -4.847  -7.584  1.00 6.40  ? 137 TRP A CA  1 
ATOM   994  C  C   . TRP A 1 137 ? -8.601  -5.180  -9.074  1.00 7.19  ? 137 TRP A C   1 
ATOM   995  O  O   . TRP A 1 137 ? -9.657  -5.638  -9.533  1.00 5.66  ? 137 TRP A O   1 
ATOM   996  C  CB  . TRP A 1 137 ? -7.579  -5.892  -6.841  1.00 6.60  ? 137 TRP A CB  1 
ATOM   997  C  CG  . TRP A 1 137 ? -7.992  -7.329  -7.027  1.00 6.87  ? 137 TRP A CG  1 
ATOM   998  C  CD1 . TRP A 1 137 ? -8.951  -8.002  -6.322  1.00 7.83  ? 137 TRP A CD1 1 
ATOM   999  C  CD2 . TRP A 1 137 ? -7.496  -8.237  -8.005  1.00 8.15  ? 137 TRP A CD2 1 
ATOM   1000 N  NE1 . TRP A 1 137 ? -9.072  -9.294  -6.796  1.00 9.45  ? 137 TRP A NE1 1 
ATOM   1001 C  CE2 . TRP A 1 137 ? -8.181  -9.462  -7.830  1.00 8.00  ? 137 TRP A CE2 1 
ATOM   1002 C  CE3 . TRP A 1 137 ? -6.531  -8.139  -9.022  1.00 7.14  ? 137 TRP A CE3 1 
ATOM   1003 C  CZ2 . TRP A 1 137 ? -7.923  -10.591 -8.628  1.00 7.92  ? 137 TRP A CZ2 1 
ATOM   1004 C  CZ3 . TRP A 1 137 ? -6.268  -9.249  -9.801  1.00 7.54  ? 137 TRP A CZ3 1 
ATOM   1005 C  CH2 . TRP A 1 137 ? -6.973  -10.458 -9.617  1.00 8.10  ? 137 TRP A CH2 1 
ATOM   1006 N  N   . ARG A 1 138 ? -7.536  -4.935  -9.837  1.00 7.61  ? 138 ARG A N   1 
ATOM   1007 C  CA  . ARG A 1 138 ? -7.552  -5.233  -11.271 1.00 9.74  ? 138 ARG A CA  1 
ATOM   1008 C  C   . ARG A 1 138 ? -6.149  -5.621  -11.695 1.00 9.71  ? 138 ARG A C   1 
ATOM   1009 O  O   . ARG A 1 138 ? -5.191  -5.230  -11.050 1.00 8.55  ? 138 ARG A O   1 
ATOM   1010 C  CB  . ARG A 1 138 ? -7.902  -3.981  -12.066 1.00 10.75 ? 138 ARG A CB  1 
ATOM   1011 C  CG  . ARG A 1 138 ? -9.324  -3.504  -12.000 1.00 17.76 ? 138 ARG A CG  1 
ATOM   1012 C  CD  . ARG A 1 138 ? -9.413  -2.138  -12.719 1.00 25.81 ? 138 ARG A CD  1 
ATOM   1013 N  NE  . ARG A 1 138 ? -8.309  -1.251  -12.310 1.00 31.11 ? 138 ARG A NE  1 
ATOM   1014 C  CZ  . ARG A 1 138 ? -7.317  -0.838  -13.099 1.00 32.71 ? 138 ARG A CZ  1 
ATOM   1015 N  NH1 . ARG A 1 138 ? -7.261  -1.214  -14.375 1.00 34.68 ? 138 ARG A NH1 1 
ATOM   1016 N  NH2 . ARG A 1 138 ? -6.374  -0.044  -12.610 1.00 32.54 ? 138 ARG A NH2 1 
ATOM   1017 N  N   . GLN A 1 139 ? -6.021  -6.393  -12.773 1.00 9.62  ? 139 GLN A N   1 
ATOM   1018 C  CA  . GLN A 1 139 ? -4.675  -6.590  -13.352 1.00 11.56 ? 139 GLN A CA  1 
ATOM   1019 C  C   . GLN A 1 139 ? -4.682  -6.356  -14.871 1.00 12.86 ? 139 GLN A C   1 
ATOM   1020 O  O   . GLN A 1 139 ? -3.706  -6.686  -15.570 1.00 13.53 ? 139 GLN A O   1 
ATOM   1021 C  CB  . GLN A 1 139 ? -4.104  -7.959  -13.003 1.00 11.76 ? 139 GLN A CB  1 
ATOM   1022 C  CG  . GLN A 1 139 ? -4.894  -9.107  -13.603 1.00 12.04 ? 139 GLN A CG  1 
ATOM   1023 C  CD  . GLN A 1 139 ? -4.414  -10.439 -13.089 1.00 12.62 ? 139 GLN A CD  1 
ATOM   1024 O  OE1 . GLN A 1 139 ? -5.127  -11.109 -12.368 1.00 10.09 ? 139 GLN A OE1 1 
ATOM   1025 N  NE2 . GLN A 1 139 ? -3.167  -10.800 -13.417 1.00 11.19 ? 139 GLN A NE2 1 
ATOM   1026 N  N   . GLY A 1 140 ? -5.810  -5.831  -15.362 1.00 14.83 ? 140 GLY A N   1 
ATOM   1027 C  CA  . GLY A 1 140 ? -5.934  -5.298  -16.716 1.00 17.33 ? 140 GLY A CA  1 
ATOM   1028 C  C   . GLY A 1 140 ? -7.088  -4.310  -16.848 1.00 19.28 ? 140 GLY A C   1 
ATOM   1029 O  O   . GLY A 1 140 ? -7.882  -4.089  -15.920 1.00 19.49 ? 140 GLY A O   1 
HETATM 1030 BR BR  . BR  B 2 .   ? -9.258  -7.970  7.355   0.70 12.30 ? 201 BR  A BR  1 
HETATM 1031 BR BR  . BR  C 2 .   ? 1.052   8.323   -8.754  0.40 24.89 ? 202 BR  A BR  1 
HETATM 1032 BR BR  . BR  D 2 .   ? 5.731   -13.075 3.352   0.40 28.09 ? 203 BR  A BR  1 
HETATM 1033 BR BR  . BR  E 2 .   ? -39.750 22.279  7.496   0.40 12.01 ? 204 BR  A BR  1 
HETATM 1034 BR BR  . BR  F 2 .   ? -41.948 32.424  19.436  0.38 27.07 ? 205 BR  A BR  1 
HETATM 1035 BR BR  . BR  G 2 .   ? 7.975   -4.147  -15.373 0.50 47.78 ? 206 BR  A BR  1 
HETATM 1036 BR BR  . BR  H 2 .   ? -10.895 13.264  4.819   0.40 39.72 ? 207 BR  A BR  1 
HETATM 1037 BR BR  . BR  I 2 .   ? 1.331   9.860   13.933  0.50 59.86 ? 208 BR  A BR  1 
HETATM 1038 BR BR  . BR  J 2 .   ? 6.525   -2.849  -0.937  0.50 24.22 ? 209 BR  A BR  1 
HETATM 1039 BR BR  . BR  K 2 .   ? 8.495   -5.502  -5.861  0.50 30.55 ? 210 BR  A BR  1 
HETATM 1040 S  S   . SO4 L 3 .   ? 6.882   -8.066  2.409   1.00 17.16 ? 301 SO4 A S   1 
HETATM 1041 O  O1  . SO4 L 3 .   ? 7.976   -7.100  2.511   1.00 19.20 ? 301 SO4 A O1  1 
HETATM 1042 O  O2  . SO4 L 3 .   ? 6.773   -8.662  1.047   1.00 16.22 ? 301 SO4 A O2  1 
HETATM 1043 O  O3  . SO4 L 3 .   ? 7.223   -9.232  3.296   1.00 13.27 ? 301 SO4 A O3  1 
HETATM 1044 O  O4  . SO4 L 3 .   ? 5.751   -7.239  2.657   1.00 10.91 ? 301 SO4 A O4  1 
HETATM 1045 O  O   . HOH M 4 .   ? -1.412  -15.037 1.076   1.00 6.40  ? 302 HOH A O   1 
HETATM 1046 O  O   . HOH M 4 .   ? -4.211  -11.397 -1.127  1.00 5.11  ? 303 HOH A O   1 
HETATM 1047 O  O   . HOH M 4 .   ? 1.358   -3.554  3.289   1.00 5.00  ? 304 HOH A O   1 
HETATM 1048 O  O   . HOH M 4 .   ? 8.755   -1.870  -3.431  1.00 8.09  ? 305 HOH A O   1 
HETATM 1049 O  O   . HOH M 4 .   ? -7.983  3.628   -8.559  1.00 19.34 ? 306 HOH A O   1 
HETATM 1050 O  O   . HOH M 4 .   ? -14.070 -7.238  1.087   1.00 7.08  ? 307 HOH A O   1 
HETATM 1051 O  O   . HOH M 4 .   ? -14.856 -6.340  -1.543  1.00 6.70  ? 308 HOH A O   1 
HETATM 1052 O  O   . HOH M 4 .   ? -13.286 0.555   -6.593  1.00 11.40 ? 309 HOH A O   1 
HETATM 1053 O  O   . HOH M 4 .   ? 2.256   8.442   11.431  1.00 10.11 ? 310 HOH A O   1 
HETATM 1054 O  O   . HOH M 4 .   ? 2.434   -7.775  -4.894  1.00 8.62  ? 311 HOH A O   1 
HETATM 1055 O  O   . HOH M 4 .   ? -3.445  -12.380 -3.755  1.00 6.79  ? 312 HOH A O   1 
HETATM 1056 O  O   . HOH M 4 .   ? -1.148  -13.377 -4.736  1.00 8.75  ? 313 HOH A O   1 
HETATM 1057 O  O   . HOH M 4 .   ? -0.792  -12.315 -11.844 1.00 8.64  ? 314 HOH A O   1 
HETATM 1058 O  O   . HOH M 4 .   ? 4.529   -11.629 -6.136  1.00 10.68 ? 315 HOH A O   1 
HETATM 1059 O  O   . HOH M 4 .   ? 17.600  4.524   -6.081  1.00 17.69 ? 316 HOH A O   1 
HETATM 1060 O  O   . HOH M 4 .   ? 11.138  -0.644  11.308  1.00 10.77 ? 317 HOH A O   1 
HETATM 1061 O  O   . HOH M 4 .   ? 14.105  11.542  -1.823  1.00 14.83 ? 318 HOH A O   1 
HETATM 1062 O  O   . HOH M 4 .   ? 13.040  -5.965  -1.984  1.00 17.32 ? 319 HOH A O   1 
HETATM 1063 O  O   . HOH M 4 .   ? -0.849  -0.864  15.554  1.00 18.36 ? 320 HOH A O   1 
HETATM 1064 O  O   . HOH M 4 .   ? 16.754  1.275   -6.651  1.00 15.36 ? 321 HOH A O   1 
HETATM 1065 O  O   . HOH M 4 .   ? -1.323  -13.062 -9.476  1.00 20.24 ? 322 HOH A O   1 
HETATM 1066 O  O   . HOH M 4 .   ? 4.365   -12.304 5.811   1.00 22.55 ? 323 HOH A O   1 
HETATM 1067 O  O   . HOH M 4 .   ? 6.915   -15.370 -3.317  1.00 23.62 ? 324 HOH A O   1 
HETATM 1068 O  O   . HOH M 4 .   ? -5.479  7.319   -2.844  1.00 14.87 ? 325 HOH A O   1 
HETATM 1069 O  O   . HOH M 4 .   ? -10.516 1.629   9.884   1.00 30.26 ? 326 HOH A O   1 
HETATM 1070 O  O   . HOH M 4 .   ? -7.369  11.228  -6.624  1.00 26.29 ? 327 HOH A O   1 
HETATM 1071 O  O   . HOH M 4 .   ? 6.879   -10.717 -5.354  1.00 16.26 ? 328 HOH A O   1 
HETATM 1072 O  O   . HOH M 4 .   ? -14.464 -1.181  -8.302  1.00 25.90 ? 329 HOH A O   1 
HETATM 1073 O  O   . HOH M 4 .   ? -0.462  -12.312 5.932   1.00 21.50 ? 330 HOH A O   1 
HETATM 1074 O  O   . HOH M 4 .   ? 5.411   -13.977 -4.929  1.00 26.27 ? 331 HOH A O   1 
HETATM 1075 O  O   . HOH M 4 .   ? 8.466   -8.455  -3.430  1.00 19.31 ? 332 HOH A O   1 
HETATM 1076 O  O   . HOH M 4 .   ? -6.569  0.750   -10.219 1.00 24.03 ? 333 HOH A O   1 
HETATM 1077 O  O   . HOH M 4 .   ? 3.588   17.630  9.568   1.00 27.73 ? 334 HOH A O   1 
HETATM 1078 O  O   . HOH M 4 .   ? 1.911   -11.456 5.215   1.00 26.43 ? 335 HOH A O   1 
HETATM 1079 O  O   . HOH M 4 .   ? 6.410   -9.447  -20.838 1.00 27.70 ? 336 HOH A O   1 
HETATM 1080 O  O   . HOH M 4 .   ? 19.288  1.349   -4.043  1.00 24.51 ? 337 HOH A O   1 
HETATM 1081 O  O   . HOH M 4 .   ? -5.319  10.321  -5.097  1.00 49.83 ? 338 HOH A O   1 
HETATM 1082 O  O   . HOH M 4 .   ? 20.675  -0.408  -1.623  1.00 24.26 ? 339 HOH A O   1 
HETATM 1083 O  O   . HOH M 4 .   ? 10.926  4.933   -9.670  1.00 47.09 ? 340 HOH A O   1 
HETATM 1084 O  O   . HOH M 4 .   ? -12.294 -0.257  10.729  1.00 23.88 ? 341 HOH A O   1 
HETATM 1085 O  O   . HOH M 4 .   ? -3.295  -22.659 -1.621  1.00 22.18 ? 342 HOH A O   1 
HETATM 1086 O  O   . HOH M 4 .   ? -4.199  -21.047 1.959   1.00 27.98 ? 343 HOH A O   1 
HETATM 1087 O  O   . HOH M 4 .   ? -0.605  16.261  1.806   1.00 31.11 ? 344 HOH A O   1 
HETATM 1088 O  O   . HOH M 4 .   ? -4.187  -21.452 -3.735  1.00 28.41 ? 345 HOH A O   1 
HETATM 1089 O  O   . HOH M 4 .   ? -12.028 4.651   9.810   1.00 35.89 ? 346 HOH A O   1 
HETATM 1090 O  O   . HOH M 4 .   ? 2.226   16.970  -3.407  1.00 25.88 ? 347 HOH A O   1 
HETATM 1091 O  O   . HOH M 4 .   ? 3.815   -4.614  12.502  1.00 34.07 ? 348 HOH A O   1 
HETATM 1092 O  O   . HOH M 4 .   ? -3.587  -19.493 -1.483  1.00 29.90 ? 349 HOH A O   1 
HETATM 1093 O  O   . HOH M 4 .   ? 3.464   -6.323  9.315   1.00 27.61 ? 350 HOH A O   1 
HETATM 1094 O  O   . HOH M 4 .   ? 3.264   1.594   15.539  1.00 33.84 ? 351 HOH A O   1 
HETATM 1095 O  O   . HOH M 4 .   ? -12.061 -14.888 2.286   1.00 28.85 ? 352 HOH A O   1 
HETATM 1096 O  O   . HOH M 4 .   ? -5.745  -14.130 -8.059  1.00 29.28 ? 353 HOH A O   1 
HETATM 1097 O  O   . HOH M 4 .   ? -10.282 -14.718 3.685   1.00 33.46 ? 354 HOH A O   1 
HETATM 1098 O  O   . HOH M 4 .   ? 18.704  -0.299  -8.799  1.00 36.65 ? 355 HOH A O   1 
HETATM 1099 O  O   . HOH M 4 .   ? -4.074  1.054   14.048  1.00 34.83 ? 356 HOH A O   1 
HETATM 1100 O  O   . HOH M 4 .   ? 2.731   -0.792  15.429  1.00 37.15 ? 357 HOH A O   1 
HETATM 1101 O  O   . HOH M 4 .   ? -6.932  8.671   11.168  1.00 31.42 ? 358 HOH A O   1 
HETATM 1102 O  O   . HOH M 4 .   ? -11.475 0.642   -12.806 1.00 43.86 ? 359 HOH A O   1 
HETATM 1103 O  O   . HOH M 4 .   ? 7.555   18.100  -4.529  1.00 41.96 ? 360 HOH A O   1 
HETATM 1104 O  O   . HOH M 4 .   ? 16.345  -9.339  -6.658  1.00 47.79 ? 361 HOH A O   1 
HETATM 1105 O  O   . HOH M 4 .   ? 14.844  -4.306  -12.956 1.00 32.99 ? 362 HOH A O   1 
HETATM 1106 O  O   . HOH M 4 .   ? -8.016  -4.283  15.247  1.00 33.57 ? 363 HOH A O   1 
HETATM 1107 O  O   . HOH M 4 .   ? -5.632  -3.432  13.580  1.00 45.13 ? 364 HOH A O   1 
HETATM 1108 O  O   . HOH M 4 .   ? 5.774   13.420  12.344  1.00 27.35 ? 365 HOH A O   1 
HETATM 1109 O  O   . HOH M 4 .   ? -10.110 -5.266  -17.455 1.00 33.13 ? 366 HOH A O   1 
HETATM 1110 O  O   . HOH M 4 .   ? -2.587  6.838   -10.223 1.00 31.36 ? 367 HOH A O   1 
HETATM 1111 O  O   . HOH M 4 .   ? 4.665   16.578  11.861  1.00 33.74 ? 368 HOH A O   1 
HETATM 1112 O  O   . HOH M 4 .   ? 8.613   2.594   -16.749 1.00 37.82 ? 369 HOH A O   1 
HETATM 1113 O  O   . HOH M 4 .   ? 13.876  9.905   5.212   1.00 39.36 ? 370 HOH A O   1 
HETATM 1114 O  O   . HOH M 4 .   ? 3.199   14.117  -9.832  1.00 39.71 ? 371 HOH A O   1 
HETATM 1115 O  O   . HOH M 4 .   ? 8.406   5.443   -7.964  1.00 16.31 ? 372 HOH A O   1 
HETATM 1116 O  O   . HOH M 4 .   ? 13.205  9.176   7.922   1.00 25.91 ? 373 HOH A O   1 
HETATM 1117 O  O   . HOH M 4 .   ? 21.656  -0.407  -4.308  1.00 35.03 ? 374 HOH A O   1 
HETATM 1118 O  O   . HOH M 4 .   ? -0.542  -14.289 7.988   1.00 45.57 ? 375 HOH A O   1 
HETATM 1119 O  O   . HOH M 4 .   ? 7.627   16.674  4.685   0.50 14.92 ? 376 HOH A O   1 
HETATM 1120 O  O   . HOH M 4 .   ? 6.335   -5.438  -2.396  1.00 14.40 ? 377 HOH A O   1 
HETATM 1121 O  O   . HOH M 4 .   ? 1.537   -8.148  7.899   1.00 15.01 ? 378 HOH A O   1 
HETATM 1122 O  O   . HOH M 4 .   ? 11.320  -0.803  -10.710 1.00 15.70 ? 379 HOH A O   1 
HETATM 1123 O  O   . HOH M 4 .   ? -5.719  -10.166 5.165   1.00 13.97 ? 380 HOH A O   1 
HETATM 1124 O  O   . HOH M 4 .   ? -1.087  13.783  5.585   1.00 28.07 ? 381 HOH A O   1 
HETATM 1125 O  O   . HOH M 4 .   ? -1.618  -4.744  -13.488 1.00 14.93 ? 382 HOH A O   1 
HETATM 1126 O  O   . HOH M 4 .   ? -6.729  10.513  -2.548  1.00 32.69 ? 383 HOH A O   1 
HETATM 1127 O  O   . HOH M 4 .   ? -10.811 -11.309 -5.829  1.00 20.63 ? 384 HOH A O   1 
HETATM 1128 O  O   . HOH M 4 .   ? -15.580 8.205   -0.381  1.00 45.66 ? 385 HOH A O   1 
HETATM 1129 O  O   . HOH M 4 .   ? -7.149  -15.215 -3.189  1.00 33.70 ? 386 HOH A O   1 
HETATM 1130 O  O   . HOH M 4 .   ? 11.459  10.652  6.555   1.00 19.11 ? 387 HOH A O   1 
HETATM 1131 O  O   . HOH M 4 .   ? 9.577   16.521  -4.042  1.00 34.76 ? 388 HOH A O   1 
HETATM 1132 O  O   . HOH M 4 .   ? 8.883   11.412  -11.083 1.00 51.67 ? 389 HOH A O   1 
HETATM 1133 O  O   . HOH M 4 .   ? 15.631  12.218  -3.641  1.00 26.59 ? 390 HOH A O   1 
HETATM 1134 O  O   . HOH M 4 .   ? 17.444  7.138   0.504   1.00 35.69 ? 391 HOH A O   1 
HETATM 1135 O  O   . HOH M 4 .   ? 19.226  0.544   -6.460  1.00 31.62 ? 392 HOH A O   1 
HETATM 1136 O  O   . HOH M 4 .   ? 13.421  6.897   -8.391  1.00 27.21 ? 393 HOH A O   1 
HETATM 1137 O  O   . HOH M 4 .   ? 13.179  5.511   8.851   1.00 38.97 ? 394 HOH A O   1 
HETATM 1138 O  O   . HOH M 4 .   ? -18.215 5.792   9.566   1.00 33.21 ? 395 HOH A O   1 
HETATM 1139 O  O   . HOH M 4 .   ? 9.704   6.831   12.338  1.00 40.28 ? 396 HOH A O   1 
HETATM 1140 O  O   . HOH M 4 .   ? 12.297  3.555   7.261   1.00 33.69 ? 397 HOH A O   1 
HETATM 1141 O  O   . HOH M 4 .   ? -10.261 -14.771 -2.754  1.00 39.61 ? 398 HOH A O   1 
HETATM 1142 O  O   . HOH M 4 .   ? -9.307  1.810   -11.968 1.00 36.45 ? 399 HOH A O   1 
HETATM 1143 O  O   . HOH M 4 .   ? 12.600  11.180  -8.857  1.00 41.54 ? 400 HOH A O   1 
HETATM 1144 O  O   . HOH M 4 .   ? 5.237   -20.916 4.525   1.00 37.63 ? 401 HOH A O   1 
HETATM 1145 O  O   . HOH M 4 .   ? 7.458   0.607   -17.953 1.00 49.28 ? 402 HOH A O   1 
HETATM 1146 O  O   . HOH M 4 .   ? 0.536   15.458  7.377   1.00 26.58 ? 403 HOH A O   1 
HETATM 1147 O  O   . HOH M 4 .   ? -10.018 -12.972 -4.337  1.00 28.51 ? 404 HOH A O   1 
HETATM 1148 O  O   . HOH M 4 .   ? 5.158   -16.038 4.158   1.00 21.73 ? 405 HOH A O   1 
HETATM 1149 O  O   . HOH M 4 .   ? 14.275  8.608   0.066   1.00 23.70 ? 406 HOH A O   1 
HETATM 1150 O  O   . HOH M 4 .   ? -3.441  -4.253  14.628  1.00 42.94 ? 407 HOH A O   1 
HETATM 1151 O  O   . HOH M 4 .   ? -3.207  -18.372 -4.950  1.00 32.56 ? 408 HOH A O   1 
HETATM 1152 O  O   . HOH M 4 .   ? -9.371  15.519  -1.196  1.00 40.97 ? 409 HOH A O   1 
HETATM 1153 O  O   . HOH M 4 .   ? 2.732   -17.925 7.948   1.00 44.95 ? 410 HOH A O   1 
HETATM 1154 O  O   . HOH M 4 .   ? -0.112  -26.447 -6.087  1.00 7.99  ? 411 HOH A O   1 
HETATM 1155 O  O   . HOH M 4 .   ? -4.613  -13.343 -10.918 1.00 14.84 ? 412 HOH A O   1 
HETATM 1156 O  O   . HOH M 4 .   ? -1.626  18.626  -1.297  1.00 34.49 ? 413 HOH A O   1 
HETATM 1157 O  O   . HOH M 4 .   ? -5.667  4.472   -9.568  1.00 21.12 ? 414 HOH A O   1 
HETATM 1158 O  O   . HOH M 4 .   ? 7.275   21.743  2.869   1.00 34.37 ? 415 HOH A O   1 
HETATM 1159 O  O   . HOH M 4 .   ? 11.864  1.719   -11.542 1.00 27.80 ? 416 HOH A O   1 
HETATM 1160 O  O   . HOH M 4 .   ? 0.246   -5.747  14.395  1.00 34.46 ? 417 HOH A O   1 
HETATM 1161 O  O   . HOH M 4 .   ? -11.169 7.451   -10.346 1.00 37.75 ? 418 HOH A O   1 
HETATM 1162 O  O   . HOH M 4 .   ? -8.714  -17.734 -0.790  1.00 40.14 ? 419 HOH A O   1 
HETATM 1163 O  O   . HOH M 4 .   ? 2.500   6.189   17.020  1.00 45.93 ? 420 HOH A O   1 
HETATM 1164 O  O   . HOH M 4 .   ? -13.352 10.219  9.720   1.00 40.34 ? 421 HOH A O   1 
HETATM 1165 O  O   . HOH M 4 .   ? -4.774  2.583   -10.372 1.00 35.17 ? 422 HOH A O   1 
HETATM 1166 O  O   . HOH M 4 .   ? -5.906  13.950  10.740  1.00 51.82 ? 423 HOH A O   1 
HETATM 1167 O  O   . HOH M 4 .   ? 0.370   -3.457  15.580  1.00 31.97 ? 424 HOH A O   1 
# 
